data_8KDC
#
_entry.id   8KDC
#
_cell.length_a   1.00
_cell.length_b   1.00
_cell.length_c   1.00
_cell.angle_alpha   90.00
_cell.angle_beta   90.00
_cell.angle_gamma   90.00
#
_symmetry.space_group_name_H-M   'P 1'
#
loop_
_entity.id
_entity.type
_entity.pdbx_description
1 polymer 'RNA-directed RNA polymerase L'
2 polymer Phosphoprotein
3 non-polymer 'MAGNESIUM ION'
4 non-polymer 'ZINC ION'
#
loop_
_entity_poly.entity_id
_entity_poly.type
_entity_poly.pdbx_seq_one_letter_code
_entity_poly.pdbx_strand_id
1 'polypeptide(L)'
;MISNQQSDNGQKENIKNLGAKRARKMDTESNNGTVSDILYPECHLNSPIVKGKIAQLHTIMSLPQPYDMDDDSILVITRQ
KIKLNKLDKRQRSIRRLKLILTEKVNDLGKYTFIRYPEMSKEMFKLYIPGINSKVTELLLKADRTYSQMTDGLRDLWINV
LSKLASKNDGSNYDLNEEINNISKVHTTYKSDKWYNPFKTWFTIKYDMRRLQKARNEITFNVGKDYNLLEDQKNFLLIHP
ELVLILDKQNYNGYLITPELVLMYCDVVEGRWNISACAKLDPKLQSMYQKGNNLWEVIDKLFPIMGEKTFDVISLLEPLA
LSLIQTHDPVKQLRGAFLNHVLSEMELIFESGESIREFLSVDYIDKILDIFNESTIDEIAEIFSFFRTFGHPPLEASIAA
EKVRKYMYIEKQLKFDTVNKCHAIFCTIIINGYRERHGGQWPPVTLPDHAHEFIINAYGSNSAISYENAVDYYQSFIGIK
FNKFIEPQLDEDLTIYMKDKALSPKKSNWDTVYPASNLLYRTNASNESRRLVEVFIADSKFDPHQILDYVESGDWLDDPE
FNISYSLKEKEIKQEGRLFAKMTYKMRATQVLSETLLANNIGKFFQENGMVKGEIELLKRLTTISISGVPRYNEVYNNSK
SHTDDLKTYNKISNLNLSSNQKSKKFEFKSTDIYNDGYETVSCFLTTDLKKYCLNWRYESTALFGETCNQIFGLNKLFNW
LHPRLEGSTIYVGDPYCPPSDKEHISLEDHPDSGFYVHNPRGGIEGFCQKLWTLISISAIHLAAVRIGVRVTAMVQGDNQ
AIAVTTRVPNNYDYRIKKEIVYKDVVRFFDSLREVMDDLGHELKLNETIISSKMFIYSKRIYYDGRILPQALKALSRCVF
WSETVIDETRSASSNLATSFAKAIENGYSPVLGYACSIFKNIQQLYIALGMNINPTITQNIKDQYFKNSNWMQYASLIPA
SVGGFNYMAMSRCFVRNIGDPSVAALADIKRFIKANLLDRSVLYRIMNQEPGESSFLDWASDPYSCNLPQSQNITTMIKN
ITARNVLQDSPNPLLSGLFTNTMIEEDEELAEFLMDRKVILPRVAHDILDNSLTGIRNAIAGMLDTTKSLIRVGINRGGL
TYSLLRKISNYDLVQYETLSRTLRLIVSDKIRYEDMCSVDLAIALRQKMWIHLSGGRMISGLETPDPLELLSGVVITGSE
HCKICYSSDGTNPYTWMYLPGNIKIGSAETGVSSLRVPYFGSVTDERSEAQLGYIKNLSKPAKAAIRIAMIYTWAFGNDE
ISWMEASQIAQTRANFTLDSLKILTPVATSTNLSHRLKDTATQMKFSSTSLIRVSRFITMSNDNMSIKEANETKDTNLIY
QQIMLTGLSVFEYLFRLKETTGHNPIVMHLHIEDECCIKESFNDEHINPESTLELIRYPESNEFIYDKDPLKDVDLSKLM
VIKDHSYTIDMNYWDDTDIIHAISICTAITIADTMSQLDRDNLKEIIVIANDDDINSLITEFLTLDILVFLKTFGGLLVN
QFAYTLYSLKIEGRDLIWDYIMRTLRDTSHSILKVLSNALSHPKVFKRFWDCGVLNPIYGPNTASQDQIKLALSICEYAL
DLFMREWLNGVSLEIYICDSDMEVANDRKQAFISRHLSFVCCLAEIASFGPNLLNLTYLERLDLLKQYLELNIKEDPTLK
YVQISGLLIKSFPSTVTYVRKTAIKYLRIRGISPPEVIDDWDPIEDENMLDNIVKTINDNCNKDNKGNKINNFWGLALKN
YQVLKIRSITSDSDDNDRLDASTSGLTLPQGGNYLSHQLRLFGINSTSCLKALELSQILMKEVNKDKDRLFLGEGAGAML
ACYDATLGPAINYYNSGLNITDVIGQRELKIFPSEVSLVGKKLGNVTQILNRVKVLFNGNPNSTWIGNMECESLIWSELN
DKSIGLVHCDMEGAIGKSEETVLHEHYSVIRITYLIGDDDVVLVSKIIPTITPNWSRILYLYKLYWKDVSIISLKTSNPA
STELYLISKDAYCTIMEPSEVVLSKLKRLSLLEENNLLKWIILSKKRNNEWLHHEIKEGERDYGVMRPYHMALQIFGFQI
NLNHLAKEFLSTPDLTNINNIIQSFQRTIKDVLFEWINITHDDKRHKLGGRYNIFPLKNKGKLRLLSRRLVLSWISLSLS
TRLLTGRFPDEKFEHRAQTGYVSLADTDLESLKLLSKNIIKNYRECIGSISYWFLTKEVKILMKLIGGAKLLGIPRQYKE
PEEQLLENYNQHDEFDIDDYKDDDDK
;
A
2 'polypeptide(L)'
;MESDAKNYQIMDSWEEESRDKSTNISSALNIIEFILSTDPQEDLSENDTINTRTQQLSATIYQPKIKPTETSEKDSGSTD
KNRQSGSSHECTTEAKDRTIDQETVQRGPGRRSSSDSRAETVVSGGISRSITNSKNGTQNTEDIDLNEIRKMDKDSIEGK
VRQSADVPSEISGSDVIFTTEQSRNSDHGRSLESISTPDTRSISVVTAATPDDEEEILMKNSRTKKSSSIHQEDDKRIKK
GGKGKDWFKKSKDTDNQIPTSDYRSTSKGQKKISKTTTINTDTKGQTEIQTESSGTQSSSWNLTIDNNTDRTEQTNTTPP
TTTSGSTYTKESIRTNSGSKPKTQKTNGKERKDTEESNRFTERAITLLQNLGVIQSTSKLDLYQDKRVVCVANVLNNVDT
ASKIDFLAGLVIGVSMDNDTKLTQIQNEMLNLKADLKKMDESHRRLIENQREQLSLITSLISNLKIMTERGGKKDQNESN
ERVSMIKTKLKEEKIKKTRFDPLMETQGIDKNIPDLYRHAGNTLENDVQVKSEILSSYNESNATRLIPKKVSSTMRSLVA
VISNSNLSQSTKQSYINELKHCKNDEEVSELMDMFNEDVNNCQHHHHHH
;
B,C,D,E,F
#
loop_
_chem_comp.id
_chem_comp.type
_chem_comp.name
_chem_comp.formula
MG non-polymer 'MAGNESIUM ION' 'Mg 2'
ZN non-polymer 'ZINC ION' 'Zn 2'
#
# COMPACT_ATOMS: atom_id res chain seq x y z
N VAL A 35 48.83 -21.77 -9.52
CA VAL A 35 49.01 -20.43 -8.99
C VAL A 35 47.66 -19.74 -8.80
N SER A 36 47.51 -19.04 -7.67
CA SER A 36 46.27 -18.32 -7.36
C SER A 36 46.39 -16.91 -7.92
N ASP A 37 46.06 -16.76 -9.19
CA ASP A 37 46.13 -15.49 -9.90
C ASP A 37 44.74 -15.00 -10.29
N ILE A 38 43.76 -15.20 -9.42
CA ILE A 38 42.39 -14.76 -9.66
C ILE A 38 42.04 -13.56 -8.77
N LEU A 39 43.04 -12.88 -8.23
CA LEU A 39 42.84 -11.73 -7.37
C LEU A 39 43.03 -10.45 -8.18
N TYR A 40 41.98 -9.64 -8.26
CA TYR A 40 42.04 -8.36 -8.94
C TYR A 40 41.95 -7.22 -7.93
N PRO A 41 42.65 -6.12 -8.16
CA PRO A 41 42.50 -4.97 -7.26
C PRO A 41 41.09 -4.40 -7.34
N GLU A 42 40.65 -3.80 -6.25
CA GLU A 42 39.31 -3.24 -6.20
C GLU A 42 39.16 -2.13 -7.24
N CYS A 43 38.02 -2.14 -7.95
CA CYS A 43 37.77 -1.19 -9.01
C CYS A 43 36.89 -0.02 -8.58
N HIS A 44 36.23 -0.12 -7.43
CA HIS A 44 35.37 0.93 -6.93
C HIS A 44 35.66 1.16 -5.46
N LEU A 45 35.36 2.39 -5.01
CA LEU A 45 35.62 2.75 -3.62
C LEU A 45 34.72 1.96 -2.69
N ASN A 46 35.32 1.30 -1.69
CA ASN A 46 34.55 0.56 -0.71
C ASN A 46 35.11 0.73 0.70
N SER A 47 35.93 1.76 0.93
CA SER A 47 36.57 1.98 2.21
C SER A 47 36.53 3.45 2.55
N PRO A 48 36.52 3.80 3.84
CA PRO A 48 36.56 5.22 4.21
C PRO A 48 37.86 5.89 3.80
N ILE A 49 37.78 7.18 3.52
CA ILE A 49 38.94 7.99 3.21
C ILE A 49 39.55 8.46 4.53
N VAL A 50 40.73 7.92 4.87
CA VAL A 50 41.38 8.22 6.13
C VAL A 50 42.50 9.21 5.88
N LYS A 51 42.51 10.31 6.65
CA LYS A 51 43.56 11.31 6.52
C LYS A 51 44.91 10.77 6.96
N GLY A 52 44.92 9.80 7.87
CA GLY A 52 46.17 9.27 8.38
C GLY A 52 47.01 8.62 7.29
N LYS A 53 46.37 7.91 6.36
CA LYS A 53 47.13 7.25 5.30
C LYS A 53 47.85 8.25 4.41
N ILE A 54 47.17 9.35 4.04
CA ILE A 54 47.78 10.34 3.18
C ILE A 54 48.87 11.09 3.92
N ALA A 55 48.64 11.41 5.19
CA ALA A 55 49.69 12.06 5.98
C ALA A 55 50.90 11.14 6.11
N GLN A 56 50.68 9.84 6.27
CA GLN A 56 51.78 8.89 6.31
C GLN A 56 52.54 8.84 5.00
N LEU A 57 51.83 8.90 3.87
CA LEU A 57 52.52 8.94 2.58
C LEU A 57 53.36 10.20 2.44
N HIS A 58 52.86 11.34 2.91
CA HIS A 58 53.69 12.54 2.88
C HIS A 58 54.89 12.46 3.83
N THR A 59 54.76 11.78 4.96
CA THR A 59 55.86 11.76 5.93
C THR A 59 56.83 10.61 5.72
N ILE A 60 56.52 9.63 4.87
CA ILE A 60 57.46 8.54 4.61
C ILE A 60 58.62 9.05 3.76
N MET A 61 58.31 9.54 2.56
CA MET A 61 59.29 10.22 1.73
C MET A 61 59.34 11.68 2.13
N SER A 62 60.55 12.23 2.20
CA SER A 62 60.73 13.54 2.80
C SER A 62 60.14 14.64 1.94
N LEU A 63 58.89 15.00 2.21
CA LEU A 63 58.16 16.06 1.56
C LEU A 63 57.51 16.94 2.62
N PRO A 64 57.20 18.19 2.29
CA PRO A 64 56.53 19.06 3.27
C PRO A 64 55.18 18.49 3.68
N GLN A 65 54.78 18.78 4.91
CA GLN A 65 53.54 18.25 5.47
C GLN A 65 52.43 19.28 5.38
N PRO A 66 51.45 19.09 4.49
CA PRO A 66 50.33 20.03 4.43
C PRO A 66 49.35 19.86 5.58
N TYR A 67 49.08 18.62 5.94
CA TYR A 67 47.98 18.30 6.85
C TYR A 67 48.26 18.78 8.27
N ASP A 68 47.17 18.99 8.99
CA ASP A 68 47.17 19.09 10.45
C ASP A 68 46.08 18.18 11.00
N MET A 69 46.35 17.57 12.14
CA MET A 69 45.48 16.52 12.65
C MET A 69 45.29 16.68 14.15
N ASP A 70 44.17 16.13 14.64
CA ASP A 70 43.92 16.13 16.08
C ASP A 70 44.93 15.27 16.82
N ASP A 71 45.27 14.11 16.27
CA ASP A 71 46.23 13.20 16.89
C ASP A 71 47.21 12.73 15.82
N ASP A 72 48.41 13.29 15.83
CA ASP A 72 49.47 12.89 14.91
C ASP A 72 50.28 11.71 15.46
N SER A 73 49.58 10.65 15.88
CA SER A 73 50.27 9.49 16.43
C SER A 73 50.94 8.68 15.33
N ILE A 74 50.26 8.52 14.20
CA ILE A 74 50.84 7.72 13.11
C ILE A 74 52.06 8.41 12.53
N LEU A 75 52.06 9.74 12.47
CA LEU A 75 53.23 10.45 11.98
C LEU A 75 54.43 10.26 12.91
N VAL A 76 54.20 10.34 14.22
CA VAL A 76 55.28 10.12 15.18
C VAL A 76 55.80 8.70 15.09
N ILE A 77 54.90 7.73 14.96
CA ILE A 77 55.31 6.33 14.82
C ILE A 77 56.15 6.15 13.57
N THR A 78 55.72 6.73 12.45
CA THR A 78 56.46 6.59 11.20
C THR A 78 57.83 7.26 11.28
N ARG A 79 57.90 8.44 11.90
CA ARG A 79 59.20 9.11 12.05
C ARG A 79 60.14 8.29 12.92
N GLN A 80 59.62 7.71 14.01
CA GLN A 80 60.44 6.86 14.86
C GLN A 80 60.92 5.63 14.11
N LYS A 81 60.05 5.03 13.29
CA LYS A 81 60.45 3.88 12.50
C LYS A 81 61.52 4.25 11.48
N ILE A 82 61.40 5.44 10.88
CA ILE A 82 62.39 5.89 9.91
C ILE A 82 63.75 6.10 10.59
N LYS A 83 63.74 6.71 11.78
CA LYS A 83 65.00 7.00 12.46
C LYS A 83 65.76 5.72 12.81
N LEU A 84 65.05 4.70 13.29
CA LEU A 84 65.68 3.44 13.66
C LEU A 84 65.76 2.45 12.51
N ASN A 85 65.24 2.81 11.32
CA ASN A 85 65.32 1.98 10.12
C ASN A 85 64.64 0.63 10.33
N LYS A 86 63.33 0.70 10.63
CA LYS A 86 62.50 -0.49 10.78
C LYS A 86 61.32 -0.47 9.82
N LEU A 87 61.46 0.23 8.70
CA LEU A 87 60.37 0.35 7.75
C LEU A 87 60.05 -1.01 7.13
N ASP A 88 58.77 -1.25 6.86
CA ASP A 88 58.33 -2.49 6.24
C ASP A 88 58.76 -2.52 4.77
N LYS A 89 58.44 -3.62 4.09
CA LYS A 89 58.78 -3.75 2.68
C LYS A 89 58.01 -2.73 1.83
N ARG A 90 56.70 -2.63 2.06
CA ARG A 90 55.89 -1.67 1.31
C ARG A 90 56.32 -0.25 1.59
N GLN A 91 56.58 0.08 2.86
CA GLN A 91 57.03 1.42 3.21
C GLN A 91 58.39 1.73 2.60
N ARG A 92 59.29 0.74 2.58
CA ARG A 92 60.59 0.95 1.95
C ARG A 92 60.45 1.19 0.46
N SER A 93 59.57 0.43 -0.21
CA SER A 93 59.35 0.63 -1.64
C SER A 93 58.77 2.01 -1.92
N ILE A 94 57.85 2.47 -1.05
CA ILE A 94 57.32 3.82 -1.21
C ILE A 94 58.41 4.86 -1.00
N ARG A 95 59.27 4.65 0.00
CA ARG A 95 60.30 5.64 0.32
C ARG A 95 61.36 5.73 -0.77
N ARG A 96 61.67 4.62 -1.44
CA ARG A 96 62.75 4.64 -2.42
C ARG A 96 62.44 5.49 -3.64
N LEU A 97 61.18 5.92 -3.82
CA LEU A 97 60.83 6.76 -4.96
C LEU A 97 61.32 8.20 -4.84
N LYS A 98 61.75 8.61 -3.64
CA LYS A 98 62.24 9.97 -3.48
C LYS A 98 63.50 10.22 -4.29
N LEU A 99 64.37 9.22 -4.40
CA LEU A 99 65.56 9.35 -5.23
C LEU A 99 65.20 9.58 -6.68
N ILE A 100 64.24 8.82 -7.19
CA ILE A 100 63.80 8.99 -8.57
C ILE A 100 63.16 10.36 -8.77
N LEU A 101 62.37 10.79 -7.79
CA LEU A 101 61.72 12.10 -7.89
C LEU A 101 62.75 13.22 -7.92
N THR A 102 63.80 13.11 -7.11
CA THR A 102 64.84 14.14 -7.11
C THR A 102 65.71 14.07 -8.35
N GLU A 103 65.87 12.87 -8.92
CA GLU A 103 66.69 12.74 -10.13
C GLU A 103 65.98 13.29 -11.36
N LYS A 104 64.68 13.01 -11.48
CA LYS A 104 63.93 13.48 -12.64
C LYS A 104 63.57 14.95 -12.51
N VAL A 105 62.83 15.31 -11.48
CA VAL A 105 62.45 16.70 -11.24
C VAL A 105 63.62 17.41 -10.56
N ASN A 106 64.05 18.53 -11.13
CA ASN A 106 65.19 19.26 -10.61
C ASN A 106 64.80 20.24 -9.51
N ASP A 107 63.86 21.14 -9.80
CA ASP A 107 63.44 22.16 -8.82
C ASP A 107 62.24 21.67 -8.02
N LEU A 108 62.43 20.54 -7.36
CA LEU A 108 61.36 19.97 -6.54
C LEU A 108 61.13 20.75 -5.25
N GLY A 109 62.11 21.53 -4.81
CA GLY A 109 61.99 22.22 -3.55
C GLY A 109 61.07 23.43 -3.56
N LYS A 110 60.68 23.91 -4.74
CA LYS A 110 59.82 25.07 -4.84
C LYS A 110 58.35 24.72 -5.09
N TYR A 111 58.02 23.44 -5.18
CA TYR A 111 56.63 23.04 -5.35
C TYR A 111 55.92 23.05 -4.01
N THR A 112 54.64 23.40 -4.05
CA THR A 112 53.78 23.42 -2.86
C THR A 112 52.73 22.33 -3.02
N PHE A 113 52.66 21.43 -2.04
CA PHE A 113 51.69 20.34 -2.07
C PHE A 113 50.40 20.78 -1.40
N ILE A 114 49.28 20.29 -1.92
CA ILE A 114 47.96 20.75 -1.50
C ILE A 114 47.22 19.60 -0.83
N ARG A 115 46.42 19.92 0.18
CA ARG A 115 45.66 18.92 0.90
C ARG A 115 44.59 18.30 0.01
N TYR A 116 43.89 17.30 0.54
CA TYR A 116 42.90 16.58 -0.27
C TYR A 116 41.66 17.42 -0.56
N PRO A 117 40.97 18.01 0.42
CA PRO A 117 39.74 18.72 0.07
C PRO A 117 39.95 19.91 -0.84
N GLU A 118 41.04 20.66 -0.67
CA GLU A 118 41.24 21.86 -1.48
C GLU A 118 41.61 21.54 -2.92
N MET A 119 42.27 20.41 -3.18
CA MET A 119 42.70 20.12 -4.54
C MET A 119 41.55 19.62 -5.41
N SER A 120 40.39 19.33 -4.83
CA SER A 120 39.32 18.71 -5.59
C SER A 120 38.87 19.58 -6.75
N LYS A 121 38.84 20.91 -6.56
CA LYS A 121 38.43 21.79 -7.65
C LYS A 121 39.33 21.61 -8.86
N GLU A 122 40.63 21.48 -8.65
CA GLU A 122 41.56 21.31 -9.75
C GLU A 122 41.72 19.85 -10.19
N MET A 123 41.18 18.90 -9.44
CA MET A 123 41.32 17.49 -9.80
C MET A 123 40.06 16.86 -10.38
N PHE A 124 38.89 17.48 -10.24
CA PHE A 124 37.72 16.98 -10.95
C PHE A 124 37.81 17.21 -12.44
N LYS A 125 38.62 18.17 -12.88
CA LYS A 125 38.84 18.44 -14.30
C LYS A 125 40.35 18.35 -14.55
N LEU A 126 40.83 17.13 -14.76
CA LEU A 126 42.25 16.86 -14.99
C LEU A 126 42.40 16.37 -16.42
N TYR A 127 42.96 17.22 -17.28
CA TYR A 127 43.17 16.89 -18.68
C TYR A 127 44.66 16.71 -18.93
N ILE A 128 45.05 15.49 -19.30
CA ILE A 128 46.41 15.21 -19.74
C ILE A 128 46.30 14.58 -21.13
N PRO A 129 46.41 15.38 -22.20
CA PRO A 129 46.10 14.87 -23.54
C PRO A 129 47.08 13.83 -24.05
N GLY A 130 48.28 13.73 -23.48
CA GLY A 130 49.28 12.84 -24.03
C GLY A 130 49.21 11.40 -23.59
N ILE A 131 48.38 11.08 -22.59
CA ILE A 131 48.35 9.74 -22.01
C ILE A 131 47.07 8.99 -22.32
N ASN A 132 46.04 9.65 -22.85
CA ASN A 132 44.76 9.01 -23.13
C ASN A 132 44.58 8.72 -24.61
N SER A 133 45.64 8.31 -25.29
CA SER A 133 45.59 7.98 -26.72
C SER A 133 45.25 6.52 -26.99
N LYS A 134 44.98 5.73 -25.96
CA LYS A 134 44.61 4.34 -26.11
C LYS A 134 43.11 4.10 -25.99
N VAL A 135 42.44 4.81 -25.09
CA VAL A 135 41.00 4.65 -24.93
C VAL A 135 40.22 5.47 -25.95
N THR A 136 40.83 6.51 -26.51
CA THR A 136 40.15 7.34 -27.51
C THR A 136 39.81 6.52 -28.75
N GLU A 137 40.74 5.68 -29.20
CA GLU A 137 40.47 4.87 -30.38
C GLU A 137 39.32 3.90 -30.13
N LEU A 138 39.31 3.27 -28.95
CA LEU A 138 38.23 2.34 -28.63
C LEU A 138 36.89 3.04 -28.58
N LEU A 139 36.85 4.23 -27.95
CA LEU A 139 35.59 4.95 -27.87
C LEU A 139 35.13 5.43 -29.25
N LEU A 140 36.07 5.80 -30.12
CA LEU A 140 35.70 6.18 -31.48
C LEU A 140 35.11 5.00 -32.24
N LYS A 141 35.72 3.82 -32.11
CA LYS A 141 35.17 2.64 -32.77
C LYS A 141 33.78 2.30 -32.22
N ALA A 142 33.58 2.48 -30.92
CA ALA A 142 32.26 2.28 -30.33
C ALA A 142 31.25 3.27 -30.92
N ASP A 143 31.65 4.52 -31.07
CA ASP A 143 30.77 5.52 -31.67
C ASP A 143 30.36 5.12 -33.08
N ARG A 144 31.33 4.65 -33.87
CA ARG A 144 31.03 4.26 -35.25
C ARG A 144 30.09 3.05 -35.28
N THR A 145 30.41 2.01 -34.52
CA THR A 145 29.59 0.80 -34.54
C THR A 145 28.21 1.02 -33.93
N TYR A 146 28.03 2.08 -33.13
CA TYR A 146 26.68 2.41 -32.67
C TYR A 146 25.95 3.25 -33.70
N SER A 147 26.63 4.22 -34.32
CA SER A 147 26.02 5.02 -35.37
C SER A 147 25.55 4.16 -36.53
N GLN A 148 26.13 2.98 -36.70
CA GLN A 148 25.57 2.10 -37.72
C GLN A 148 24.20 1.46 -37.33
N MET A 149 23.48 1.82 -36.27
CA MET A 149 22.24 1.14 -35.89
C MET A 149 21.06 2.05 -35.56
N THR A 150 21.23 3.38 -35.67
CA THR A 150 20.21 4.30 -35.21
C THR A 150 18.92 4.19 -36.02
N ASP A 151 19.03 4.01 -37.34
CA ASP A 151 17.84 3.91 -38.18
C ASP A 151 17.01 2.69 -37.79
N GLY A 152 17.65 1.53 -37.65
CA GLY A 152 16.93 0.34 -37.25
C GLY A 152 16.33 0.47 -35.87
N LEU A 153 17.05 1.11 -34.94
CA LEU A 153 16.53 1.28 -33.59
C LEU A 153 15.29 2.17 -33.59
N ARG A 154 15.34 3.28 -34.35
CA ARG A 154 14.17 4.16 -34.45
C ARG A 154 12.98 3.43 -35.07
N ASP A 155 13.22 2.66 -36.14
CA ASP A 155 12.12 1.93 -36.75
C ASP A 155 11.52 0.91 -35.79
N LEU A 156 12.37 0.23 -35.03
CA LEU A 156 11.89 -0.74 -34.05
C LEU A 156 11.00 -0.06 -33.02
N TRP A 157 11.45 1.05 -32.45
CA TRP A 157 10.65 1.71 -31.43
C TRP A 157 9.36 2.28 -31.99
N ILE A 158 9.40 2.80 -33.23
CA ILE A 158 8.19 3.29 -33.87
C ILE A 158 7.19 2.17 -34.06
N ASN A 159 7.65 1.00 -34.53
CA ASN A 159 6.76 -0.13 -34.71
C ASN A 159 6.14 -0.57 -33.38
N VAL A 160 6.96 -0.65 -32.33
CA VAL A 160 6.44 -1.09 -31.03
C VAL A 160 5.40 -0.11 -30.51
N LEU A 161 5.69 1.20 -30.59
CA LEU A 161 4.74 2.18 -30.09
C LEU A 161 3.46 2.22 -30.93
N SER A 162 3.57 1.96 -32.23
CA SER A 162 2.36 1.89 -33.05
C SER A 162 1.54 0.65 -32.74
N LYS A 163 2.19 -0.43 -32.34
CA LYS A 163 1.44 -1.64 -31.97
C LYS A 163 0.76 -1.48 -30.62
N LEU A 164 1.44 -0.85 -29.64
CA LEU A 164 0.88 -0.79 -28.30
C LEU A 164 -0.28 0.20 -28.20
N ALA A 165 -0.16 1.37 -28.85
CA ALA A 165 -1.20 2.40 -28.79
C ALA A 165 -1.50 2.84 -30.23
N SER A 166 -2.44 2.15 -30.88
CA SER A 166 -2.74 2.38 -32.29
C SER A 166 -3.99 3.24 -32.39
N LYS A 167 -3.81 4.53 -32.64
CA LYS A 167 -4.92 5.42 -32.92
C LYS A 167 -5.34 5.29 -34.37
N ASN A 168 -6.65 5.25 -34.62
CA ASN A 168 -7.16 5.04 -35.96
C ASN A 168 -7.19 6.32 -36.80
N ASP A 169 -6.88 7.48 -36.20
CA ASP A 169 -6.94 8.76 -36.90
C ASP A 169 -5.57 9.42 -36.95
N GLY A 170 -4.75 8.98 -37.90
CA GLY A 170 -3.44 9.59 -38.09
C GLY A 170 -2.57 9.49 -36.86
N SER A 171 -2.02 10.64 -36.44
CA SER A 171 -1.16 10.73 -35.26
C SER A 171 0.05 9.82 -35.41
N ASN A 172 0.86 10.07 -36.44
CA ASN A 172 2.07 9.30 -36.65
C ASN A 172 3.10 9.60 -35.56
N TYR A 173 3.92 8.61 -35.27
CA TYR A 173 4.96 8.72 -34.25
C TYR A 173 6.29 9.18 -34.80
N ASP A 174 6.37 9.49 -36.10
CA ASP A 174 7.64 9.89 -36.70
C ASP A 174 8.19 11.16 -36.07
N LEU A 175 7.33 12.14 -35.82
CA LEU A 175 7.76 13.43 -35.27
C LEU A 175 7.69 13.43 -33.74
N ASN A 176 8.35 12.47 -33.11
CA ASN A 176 8.44 12.41 -31.65
C ASN A 176 9.83 12.81 -31.21
N GLU A 177 9.90 13.61 -30.15
CA GLU A 177 11.19 14.16 -29.72
C GLU A 177 12.11 13.08 -29.18
N GLU A 178 11.59 12.21 -28.31
CA GLU A 178 12.43 11.17 -27.72
C GLU A 178 12.93 10.19 -28.77
N ILE A 179 12.07 9.82 -29.72
CA ILE A 179 12.50 8.92 -30.79
C ILE A 179 13.52 9.62 -31.70
N ASN A 180 13.34 10.93 -31.93
CA ASN A 180 14.27 11.65 -32.77
C ASN A 180 15.61 11.91 -32.08
N ASN A 181 15.67 11.80 -30.76
CA ASN A 181 16.92 11.96 -30.04
C ASN A 181 17.73 10.68 -29.94
N ILE A 182 17.25 9.58 -30.54
CA ILE A 182 18.03 8.34 -30.57
C ILE A 182 19.30 8.54 -31.38
N SER A 183 19.20 9.22 -32.51
CA SER A 183 20.29 9.37 -33.46
C SER A 183 21.40 10.28 -32.97
N LYS A 184 21.44 10.77 -31.73
CA LYS A 184 22.52 11.64 -31.29
C LYS A 184 23.08 11.25 -29.93
N VAL A 185 22.90 10.00 -29.51
CA VAL A 185 23.44 9.56 -28.23
C VAL A 185 24.97 9.64 -28.24
N HIS A 186 25.59 9.06 -29.27
CA HIS A 186 27.04 9.09 -29.36
C HIS A 186 27.56 10.51 -29.52
N THR A 187 26.85 11.33 -30.31
CA THR A 187 27.25 12.73 -30.48
C THR A 187 27.20 13.48 -29.17
N THR A 188 26.20 13.19 -28.33
CA THR A 188 26.08 13.90 -27.05
C THR A 188 27.13 13.44 -26.05
N TYR A 189 27.40 12.13 -25.99
CA TYR A 189 28.46 11.68 -25.08
C TYR A 189 29.82 12.21 -25.52
N LYS A 190 30.12 12.14 -26.82
CA LYS A 190 31.45 12.52 -27.29
C LYS A 190 31.70 14.01 -27.06
N SER A 191 30.73 14.86 -27.36
CA SER A 191 30.88 16.30 -27.22
C SER A 191 30.34 16.78 -25.87
N ASP A 192 30.90 16.23 -24.80
CA ASP A 192 30.46 16.53 -23.45
C ASP A 192 31.57 17.24 -22.68
N LYS A 193 31.17 17.92 -21.60
CA LYS A 193 32.12 18.71 -20.83
C LYS A 193 33.03 17.84 -19.98
N TRP A 194 32.49 16.77 -19.40
CA TRP A 194 33.24 15.88 -18.51
C TRP A 194 33.76 14.65 -19.24
N TYR A 195 34.11 14.77 -20.51
CA TYR A 195 34.60 13.65 -21.30
C TYR A 195 36.10 13.46 -21.16
N ASN A 196 36.88 14.53 -21.38
CA ASN A 196 38.33 14.43 -21.27
C ASN A 196 38.81 14.09 -19.86
N PRO A 197 38.30 14.73 -18.79
CA PRO A 197 38.69 14.25 -17.45
C PRO A 197 38.35 12.79 -17.23
N PHE A 198 37.22 12.32 -17.76
CA PHE A 198 36.88 10.91 -17.64
C PHE A 198 37.91 10.03 -18.32
N LYS A 199 38.32 10.40 -19.54
CA LYS A 199 39.32 9.61 -20.24
C LYS A 199 40.64 9.57 -19.48
N THR A 200 41.08 10.73 -18.99
CA THR A 200 42.34 10.79 -18.25
C THR A 200 42.28 9.94 -16.98
N TRP A 201 41.19 10.05 -16.23
CA TRP A 201 41.08 9.31 -14.98
C TRP A 201 40.96 7.82 -15.22
N PHE A 202 40.23 7.43 -16.27
CA PHE A 202 40.15 6.00 -16.61
C PHE A 202 41.52 5.45 -16.99
N THR A 203 42.30 6.21 -17.75
CA THR A 203 43.65 5.74 -18.09
C THR A 203 44.52 5.61 -16.84
N ILE A 204 44.45 6.59 -15.94
CA ILE A 204 45.25 6.54 -14.71
C ILE A 204 44.86 5.32 -13.88
N LYS A 205 43.55 5.11 -13.71
CA LYS A 205 43.08 3.97 -12.95
C LYS A 205 43.51 2.65 -13.59
N TYR A 206 43.44 2.56 -14.92
CA TYR A 206 43.86 1.35 -15.60
C TYR A 206 45.33 1.06 -15.35
N ASP A 207 46.17 2.08 -15.47
CA ASP A 207 47.60 1.88 -15.24
C ASP A 207 47.88 1.44 -13.80
N MET A 208 47.25 2.11 -12.83
CA MET A 208 47.47 1.77 -11.43
C MET A 208 47.00 0.37 -11.12
N ARG A 209 45.83 -0.02 -11.63
CA ARG A 209 45.31 -1.37 -11.38
C ARG A 209 46.18 -2.42 -12.05
N ARG A 210 46.69 -2.14 -13.24
CA ARG A 210 47.59 -3.08 -13.90
C ARG A 210 48.85 -3.29 -13.06
N LEU A 211 49.42 -2.20 -12.54
CA LEU A 211 50.60 -2.34 -11.70
C LEU A 211 50.30 -3.13 -10.43
N GLN A 212 49.16 -2.84 -9.79
CA GLN A 212 48.81 -3.54 -8.56
C GLN A 212 48.60 -5.03 -8.80
N LYS A 213 47.94 -5.40 -9.90
CA LYS A 213 47.76 -6.81 -10.21
C LYS A 213 49.08 -7.47 -10.55
N ALA A 214 49.95 -6.78 -11.29
CA ALA A 214 51.25 -7.35 -11.63
C ALA A 214 52.09 -7.58 -10.38
N ARG A 215 51.92 -6.75 -9.36
CA ARG A 215 52.63 -6.96 -8.11
C ARG A 215 52.25 -8.28 -7.45
N ASN A 216 50.96 -8.62 -7.48
CA ASN A 216 50.50 -9.84 -6.82
C ASN A 216 51.07 -11.09 -7.49
N GLU A 217 50.95 -11.18 -8.81
CA GLU A 217 51.37 -12.38 -9.52
C GLU A 217 52.88 -12.58 -9.40
N ILE A 218 53.66 -11.57 -9.73
CA ILE A 218 55.12 -11.66 -9.78
C ILE A 218 55.70 -10.45 -9.06
N THR A 219 56.27 -10.67 -7.89
CA THR A 219 56.99 -9.63 -7.15
C THR A 219 58.47 -9.62 -7.50
N PHE A 220 58.90 -10.47 -8.43
CA PHE A 220 60.32 -10.64 -8.71
C PHE A 220 60.94 -9.35 -9.23
N ASN A 221 60.24 -8.64 -10.10
CA ASN A 221 60.75 -7.40 -10.71
C ASN A 221 60.62 -6.26 -9.70
N VAL A 222 61.48 -6.32 -8.67
CA VAL A 222 61.48 -5.28 -7.64
C VAL A 222 62.04 -3.97 -8.19
N GLY A 223 62.95 -4.05 -9.17
CA GLY A 223 63.69 -2.86 -9.58
C GLY A 223 62.80 -1.75 -10.11
N LYS A 224 61.86 -2.09 -11.00
CA LYS A 224 60.99 -1.11 -11.63
C LYS A 224 59.55 -1.59 -11.58
N ASP A 225 58.75 -0.94 -10.73
CA ASP A 225 57.31 -1.18 -10.68
C ASP A 225 56.50 0.09 -10.95
N TYR A 226 57.12 1.26 -10.90
CA TYR A 226 56.43 2.52 -11.14
C TYR A 226 56.31 2.81 -12.63
N ASN A 227 55.44 3.76 -12.95
CA ASN A 227 55.24 4.22 -14.32
C ASN A 227 55.41 5.73 -14.35
N LEU A 228 56.28 6.21 -15.23
CA LEU A 228 56.66 7.62 -15.27
C LEU A 228 56.29 8.21 -16.61
N LEU A 229 55.59 9.34 -16.60
CA LEU A 229 55.21 10.06 -17.81
C LEU A 229 55.50 11.53 -17.64
N GLU A 230 56.42 12.06 -18.42
CA GLU A 230 56.84 13.46 -18.31
C GLU A 230 56.40 14.24 -19.55
N ASP A 231 56.06 15.51 -19.32
CA ASP A 231 55.56 16.37 -20.39
C ASP A 231 55.82 17.82 -19.97
N GLN A 232 55.69 18.72 -20.94
CA GLN A 232 55.86 20.15 -20.67
C GLN A 232 54.76 20.72 -19.79
N LYS A 233 53.66 19.99 -19.59
CA LYS A 233 52.55 20.42 -18.75
C LYS A 233 52.49 19.68 -17.42
N ASN A 234 52.47 18.34 -17.44
CA ASN A 234 52.26 17.56 -16.24
C ASN A 234 53.32 16.48 -16.12
N PHE A 235 53.67 16.17 -14.88
CA PHE A 235 54.62 15.10 -14.54
C PHE A 235 53.87 14.09 -13.70
N LEU A 236 53.72 12.87 -14.21
CA LEU A 236 52.85 11.86 -13.62
C LEU A 236 53.67 10.65 -13.21
N LEU A 237 53.54 10.25 -11.96
CA LEU A 237 54.18 9.04 -11.43
C LEU A 237 53.10 8.16 -10.83
N ILE A 238 53.00 6.92 -11.32
CA ILE A 238 51.99 5.97 -10.88
C ILE A 238 52.71 4.81 -10.20
N HIS A 239 52.34 4.53 -8.95
CA HIS A 239 52.89 3.45 -8.16
C HIS A 239 51.73 2.68 -7.55
N PRO A 240 51.86 1.36 -7.37
CA PRO A 240 50.75 0.57 -6.83
C PRO A 240 50.23 1.08 -5.48
N GLU A 241 50.94 2.03 -4.87
CA GLU A 241 50.52 2.60 -3.59
C GLU A 241 50.27 4.11 -3.63
N LEU A 242 50.56 4.79 -4.73
CA LEU A 242 50.37 6.23 -4.77
C LEU A 242 50.30 6.73 -6.20
N VAL A 243 49.82 7.96 -6.35
CA VAL A 243 49.85 8.68 -7.62
C VAL A 243 50.32 10.10 -7.33
N LEU A 244 51.36 10.54 -8.05
CA LEU A 244 51.96 11.84 -7.83
C LEU A 244 51.87 12.64 -9.12
N ILE A 245 51.28 13.83 -9.03
CA ILE A 245 51.05 14.70 -10.18
C ILE A 245 51.69 16.05 -9.90
N LEU A 246 52.53 16.50 -10.83
CA LEU A 246 53.19 17.80 -10.72
C LEU A 246 52.74 18.68 -11.87
N ASP A 247 52.19 19.84 -11.56
CA ASP A 247 51.84 20.85 -12.54
C ASP A 247 52.93 21.92 -12.52
N LYS A 248 53.65 22.04 -13.62
CA LYS A 248 54.86 22.86 -13.66
C LYS A 248 54.60 24.31 -14.01
N GLN A 249 53.51 24.63 -14.71
CA GLN A 249 53.24 26.01 -15.06
C GLN A 249 52.93 26.85 -13.83
N ASN A 250 52.15 26.30 -12.90
CA ASN A 250 51.81 26.99 -11.67
C ASN A 250 52.48 26.41 -10.43
N TYR A 251 53.35 25.41 -10.60
CA TYR A 251 54.14 24.83 -9.50
C TYR A 251 53.25 24.29 -8.38
N ASN A 252 52.47 23.27 -8.72
CA ASN A 252 51.59 22.62 -7.75
C ASN A 252 51.86 21.12 -7.76
N GLY A 253 51.61 20.49 -6.62
CA GLY A 253 51.82 19.05 -6.49
C GLY A 253 50.66 18.39 -5.78
N TYR A 254 50.32 17.18 -6.24
CA TYR A 254 49.26 16.39 -5.65
C TYR A 254 49.75 14.97 -5.43
N LEU A 255 49.58 14.45 -4.22
CA LEU A 255 49.94 13.07 -3.88
C LEU A 255 48.71 12.39 -3.34
N ILE A 256 48.23 11.35 -4.03
CA ILE A 256 46.96 10.74 -3.70
C ILE A 256 47.14 9.23 -3.57
N THR A 257 46.26 8.62 -2.77
CA THR A 257 46.18 7.18 -2.55
C THR A 257 45.33 6.52 -3.63
N PRO A 258 45.40 5.20 -3.77
CA PRO A 258 44.50 4.52 -4.72
C PRO A 258 43.03 4.71 -4.40
N GLU A 259 42.67 4.87 -3.12
CA GLU A 259 41.29 5.13 -2.78
C GLU A 259 40.80 6.43 -3.39
N LEU A 260 41.63 7.48 -3.32
CA LEU A 260 41.29 8.75 -3.96
C LEU A 260 41.21 8.59 -5.47
N VAL A 261 42.06 7.75 -6.06
CA VAL A 261 42.01 7.51 -7.49
C VAL A 261 40.66 6.93 -7.88
N LEU A 262 40.23 5.88 -7.17
CA LEU A 262 38.94 5.27 -7.49
C LEU A 262 37.79 6.23 -7.24
N MET A 263 37.85 6.99 -6.15
CA MET A 263 36.80 7.96 -5.85
C MET A 263 36.67 8.99 -6.96
N TYR A 264 37.80 9.60 -7.37
CA TYR A 264 37.75 10.62 -8.41
C TYR A 264 37.27 10.03 -9.73
N CYS A 265 37.76 8.82 -10.08
CA CYS A 265 37.35 8.20 -11.33
C CYS A 265 35.84 7.98 -11.36
N ASP A 266 35.29 7.36 -10.32
CA ASP A 266 33.86 7.04 -10.37
C ASP A 266 33.00 8.29 -10.23
N VAL A 267 33.47 9.30 -9.48
CA VAL A 267 32.70 10.54 -9.38
C VAL A 267 32.67 11.26 -10.73
N VAL A 268 33.79 11.31 -11.44
CA VAL A 268 33.81 11.96 -12.75
C VAL A 268 32.95 11.19 -13.73
N GLU A 269 33.00 9.86 -13.67
CA GLU A 269 32.13 9.06 -14.53
C GLU A 269 30.66 9.33 -14.24
N GLY A 270 30.30 9.43 -12.96
CA GLY A 270 28.93 9.75 -12.62
C GLY A 270 28.50 11.12 -13.10
N ARG A 271 29.37 12.11 -12.96
CA ARG A 271 29.07 13.45 -13.47
C ARG A 271 28.85 13.43 -14.98
N TRP A 272 29.73 12.73 -15.70
CA TRP A 272 29.60 12.62 -17.15
C TRP A 272 28.26 12.00 -17.53
N ASN A 273 27.92 10.88 -16.90
CA ASN A 273 26.67 10.20 -17.23
C ASN A 273 25.46 11.06 -16.89
N ILE A 274 25.47 11.69 -15.71
CA ILE A 274 24.34 12.53 -15.32
C ILE A 274 24.14 13.67 -16.31
N SER A 275 25.22 14.39 -16.62
CA SER A 275 25.12 15.54 -17.51
C SER A 275 24.62 15.12 -18.89
N ALA A 276 25.22 14.09 -19.46
CA ALA A 276 24.82 13.69 -20.82
C ALA A 276 23.39 13.17 -20.84
N CYS A 277 23.05 12.23 -19.96
CA CYS A 277 21.72 11.64 -19.96
C CYS A 277 20.64 12.66 -19.60
N ALA A 278 20.99 13.73 -18.88
CA ALA A 278 20.04 14.81 -18.69
C ALA A 278 19.91 15.65 -19.96
N LYS A 279 21.00 15.82 -20.71
CA LYS A 279 20.94 16.56 -21.95
C LYS A 279 20.02 15.88 -22.97
N LEU A 280 20.11 14.55 -23.07
CA LEU A 280 19.28 13.85 -24.06
C LEU A 280 17.79 14.00 -23.78
N ASP A 281 17.36 13.69 -22.56
CA ASP A 281 15.93 13.58 -22.28
C ASP A 281 15.26 14.94 -22.36
N PRO A 282 14.13 15.06 -23.06
CA PRO A 282 13.45 16.36 -23.14
C PRO A 282 12.96 16.88 -21.80
N LYS A 283 12.60 15.98 -20.88
CA LYS A 283 12.08 16.41 -19.59
C LYS A 283 13.15 16.95 -18.66
N LEU A 284 14.43 16.65 -18.92
CA LEU A 284 15.53 17.02 -18.04
C LEU A 284 16.50 18.00 -18.69
N GLN A 285 16.09 18.66 -19.78
CA GLN A 285 17.00 19.58 -20.47
C GLN A 285 17.36 20.76 -19.58
N SER A 286 16.40 21.28 -18.83
CA SER A 286 16.71 22.37 -17.89
C SER A 286 17.52 21.85 -16.71
N MET A 287 17.25 20.62 -16.28
CA MET A 287 18.00 20.03 -15.17
C MET A 287 19.46 19.84 -15.54
N TYR A 288 19.75 19.61 -16.82
CA TYR A 288 21.13 19.59 -17.31
C TYR A 288 21.90 20.84 -16.90
N GLN A 289 21.42 22.00 -17.35
CA GLN A 289 22.13 23.25 -17.04
C GLN A 289 22.06 23.58 -15.56
N LYS A 290 20.97 23.24 -14.89
CA LYS A 290 20.90 23.50 -13.45
C LYS A 290 21.96 22.71 -12.69
N GLY A 291 22.12 21.43 -13.03
CA GLY A 291 23.14 20.64 -12.38
C GLY A 291 24.55 21.08 -12.70
N ASN A 292 24.80 21.44 -13.97
CA ASN A 292 26.14 21.92 -14.32
C ASN A 292 26.46 23.22 -13.58
N ASN A 293 25.49 24.12 -13.49
CA ASN A 293 25.70 25.35 -12.74
C ASN A 293 25.93 25.07 -11.26
N LEU A 294 25.20 24.11 -10.69
CA LEU A 294 25.38 23.77 -9.28
C LEU A 294 26.79 23.24 -9.03
N TRP A 295 27.26 22.34 -9.90
CA TRP A 295 28.61 21.82 -9.74
C TRP A 295 29.65 22.94 -9.87
N GLU A 296 29.48 23.82 -10.86
CA GLU A 296 30.42 24.92 -11.03
C GLU A 296 30.43 25.84 -9.82
N VAL A 297 29.26 26.09 -9.24
CA VAL A 297 29.17 26.99 -8.08
C VAL A 297 29.81 26.36 -6.86
N ILE A 298 29.52 25.09 -6.60
CA ILE A 298 30.02 24.47 -5.36
C ILE A 298 31.51 24.19 -5.45
N ASP A 299 32.00 23.73 -6.61
CA ASP A 299 33.41 23.39 -6.73
C ASP A 299 34.34 24.56 -6.46
N LYS A 300 33.84 25.79 -6.59
CA LYS A 300 34.64 26.96 -6.27
C LYS A 300 34.93 27.08 -4.78
N LEU A 301 34.13 26.41 -3.94
CA LEU A 301 34.29 26.52 -2.49
C LEU A 301 35.45 25.70 -1.95
N PHE A 302 35.88 24.67 -2.66
CA PHE A 302 36.87 23.74 -2.11
C PHE A 302 38.20 24.42 -1.75
N PRO A 303 38.82 25.24 -2.61
CA PRO A 303 40.05 25.92 -2.17
C PRO A 303 39.85 26.84 -0.98
N ILE A 304 38.89 27.76 -1.06
CA ILE A 304 38.68 28.73 0.02
C ILE A 304 38.18 28.03 1.28
N MET A 305 37.17 27.19 1.13
CA MET A 305 36.56 26.47 2.25
C MET A 305 36.98 25.01 2.11
N GLY A 306 37.98 24.61 2.88
CA GLY A 306 38.58 23.30 2.69
C GLY A 306 37.67 22.13 3.04
N GLU A 307 37.40 21.93 4.33
CA GLU A 307 36.64 20.77 4.76
C GLU A 307 35.20 21.12 5.14
N LYS A 308 34.90 22.40 5.35
CA LYS A 308 33.54 22.81 5.68
C LYS A 308 32.60 22.75 4.48
N THR A 309 33.12 22.52 3.27
CA THR A 309 32.26 22.44 2.09
C THR A 309 31.27 21.29 2.21
N PHE A 310 31.65 20.22 2.90
CA PHE A 310 30.72 19.10 3.05
C PHE A 310 29.55 19.45 3.95
N ASP A 311 29.68 20.46 4.81
CA ASP A 311 28.52 20.96 5.55
C ASP A 311 27.46 21.49 4.59
N VAL A 312 27.88 22.30 3.62
CA VAL A 312 26.95 22.83 2.62
C VAL A 312 26.42 21.71 1.75
N ILE A 313 27.28 20.76 1.38
CA ILE A 313 26.84 19.65 0.53
C ILE A 313 25.79 18.81 1.25
N SER A 314 25.90 18.68 2.57
CA SER A 314 24.87 17.98 3.33
C SER A 314 23.62 18.82 3.49
N LEU A 315 23.77 20.14 3.69
CA LEU A 315 22.63 21.03 3.81
C LEU A 315 21.86 21.20 2.50
N LEU A 316 22.41 20.73 1.38
CA LEU A 316 21.72 20.87 0.11
C LEU A 316 20.32 20.24 0.14
N GLU A 317 20.21 19.04 0.68
CA GLU A 317 18.92 18.35 0.68
C GLU A 317 17.85 19.07 1.51
N PRO A 318 18.11 19.54 2.74
CA PRO A 318 17.11 20.37 3.41
C PRO A 318 16.70 21.59 2.61
N LEU A 319 17.61 22.16 1.81
CA LEU A 319 17.23 23.26 0.94
C LEU A 319 16.18 22.82 -0.09
N ALA A 320 16.36 21.62 -0.66
CA ALA A 320 15.35 21.10 -1.58
C ALA A 320 14.02 20.90 -0.88
N LEU A 321 14.05 20.34 0.33
CA LEU A 321 12.81 20.14 1.07
C LEU A 321 12.11 21.48 1.35
N SER A 322 12.89 22.50 1.71
CA SER A 322 12.31 23.81 1.96
C SER A 322 11.71 24.42 0.70
N LEU A 323 12.41 24.29 -0.44
CA LEU A 323 11.90 24.85 -1.68
C LEU A 323 10.62 24.15 -2.10
N ILE A 324 10.51 22.85 -1.84
CA ILE A 324 9.24 22.18 -2.10
C ILE A 324 8.17 22.64 -1.13
N GLN A 325 8.55 22.86 0.14
CA GLN A 325 7.58 23.25 1.15
C GLN A 325 7.03 24.65 0.91
N THR A 326 7.76 25.50 0.19
CA THR A 326 7.21 26.84 -0.01
C THR A 326 6.01 26.89 -0.96
N HIS A 327 5.40 25.77 -1.35
CA HIS A 327 4.25 25.77 -2.25
C HIS A 327 2.97 25.27 -1.59
N ASP A 328 2.95 25.14 -0.24
CA ASP A 328 1.73 24.56 0.30
C ASP A 328 0.67 25.63 0.58
N PRO A 329 -0.61 25.24 0.60
CA PRO A 329 -1.68 26.24 0.75
C PRO A 329 -1.62 27.02 2.06
N VAL A 330 -1.20 26.41 3.15
CA VAL A 330 -1.24 27.07 4.45
C VAL A 330 -0.22 28.20 4.48
N LYS A 331 -0.66 29.38 4.89
CA LYS A 331 0.21 30.55 4.88
C LYS A 331 1.26 30.52 5.98
N GLN A 332 1.03 29.78 7.06
CA GLN A 332 1.98 29.74 8.15
C GLN A 332 3.19 28.86 7.84
N LEU A 333 3.00 27.83 7.02
CA LEU A 333 4.04 26.86 6.73
C LEU A 333 4.94 27.24 5.56
N ARG A 334 4.66 28.36 4.88
CA ARG A 334 5.46 28.78 3.76
C ARG A 334 6.78 29.35 4.25
N GLY A 335 7.90 28.74 3.84
CA GLY A 335 9.21 29.21 4.24
C GLY A 335 9.48 29.12 5.73
N ALA A 336 9.04 28.03 6.36
CA ALA A 336 9.29 27.82 7.79
C ALA A 336 10.55 27.02 8.05
N PHE A 337 10.92 26.12 7.14
CA PHE A 337 12.15 25.35 7.24
C PHE A 337 13.30 26.03 6.50
N LEU A 338 12.98 26.77 5.44
CA LEU A 338 14.01 27.52 4.71
C LEU A 338 14.68 28.55 5.60
N ASN A 339 13.96 29.11 6.57
CA ASN A 339 14.57 30.06 7.49
C ASN A 339 15.70 29.41 8.28
N HIS A 340 15.44 28.22 8.83
CA HIS A 340 16.47 27.51 9.58
C HIS A 340 17.62 27.10 8.68
N VAL A 341 17.30 26.62 7.47
CA VAL A 341 18.36 26.20 6.54
C VAL A 341 19.27 27.37 6.19
N LEU A 342 18.69 28.52 5.89
CA LEU A 342 19.49 29.70 5.56
C LEU A 342 20.27 30.20 6.77
N SER A 343 19.69 30.11 7.97
CA SER A 343 20.45 30.45 9.16
C SER A 343 21.68 29.56 9.33
N GLU A 344 21.50 28.26 9.08
CA GLU A 344 22.64 27.35 9.16
C GLU A 344 23.69 27.69 8.12
N MET A 345 23.28 28.00 6.89
CA MET A 345 24.25 28.35 5.86
C MET A 345 24.99 29.63 6.20
N GLU A 346 24.28 30.63 6.74
CA GLU A 346 24.96 31.86 7.15
C GLU A 346 25.96 31.59 8.26
N LEU A 347 25.58 30.75 9.23
CA LEU A 347 26.51 30.39 10.30
C LEU A 347 27.75 29.69 9.75
N ILE A 348 27.56 28.81 8.76
CA ILE A 348 28.71 28.15 8.14
C ILE A 348 29.59 29.16 7.41
N PHE A 349 28.98 30.07 6.66
CA PHE A 349 29.72 31.02 5.84
C PHE A 349 30.37 32.13 6.66
N GLU A 350 30.01 32.29 7.92
CA GLU A 350 30.66 33.25 8.81
C GLU A 350 31.39 32.55 9.95
N SER A 351 32.10 31.48 9.64
CA SER A 351 32.77 30.66 10.66
C SER A 351 34.29 30.64 10.52
N GLY A 352 34.88 31.58 9.78
CA GLY A 352 36.32 31.60 9.63
C GLY A 352 36.80 32.91 9.07
N GLU A 353 38.08 33.21 9.34
CA GLU A 353 38.66 34.45 8.84
C GLU A 353 38.96 34.36 7.35
N SER A 354 39.43 33.20 6.88
CA SER A 354 39.65 33.02 5.45
C SER A 354 38.34 33.13 4.68
N ILE A 355 37.27 32.54 5.21
CA ILE A 355 35.97 32.63 4.57
C ILE A 355 35.45 34.05 4.61
N ARG A 356 35.68 34.77 5.71
CA ARG A 356 35.19 36.14 5.82
C ARG A 356 35.91 37.07 4.85
N GLU A 357 37.23 36.94 4.74
CA GLU A 357 38.03 37.81 3.88
C GLU A 357 38.19 37.28 2.46
N PHE A 358 37.58 36.15 2.14
CA PHE A 358 37.55 35.66 0.76
C PHE A 358 36.15 35.40 0.23
N LEU A 359 35.16 35.22 1.11
CA LEU A 359 33.78 35.00 0.69
C LEU A 359 32.88 35.90 1.53
N SER A 360 31.58 35.71 1.40
CA SER A 360 30.60 36.48 2.16
C SER A 360 29.27 35.75 2.12
N VAL A 361 28.30 36.27 2.89
CA VAL A 361 26.97 35.67 2.91
C VAL A 361 26.22 35.84 1.61
N ASP A 362 26.79 36.56 0.64
CA ASP A 362 26.16 36.70 -0.66
C ASP A 362 26.27 35.44 -1.50
N TYR A 363 27.07 34.46 -1.09
CA TYR A 363 27.17 33.22 -1.85
C TYR A 363 25.92 32.37 -1.70
N ILE A 364 25.20 32.51 -0.58
CA ILE A 364 23.94 31.82 -0.42
C ILE A 364 22.95 32.28 -1.48
N ASP A 365 22.99 33.56 -1.83
CA ASP A 365 22.16 34.06 -2.93
C ASP A 365 22.52 33.39 -4.24
N LYS A 366 23.81 33.20 -4.50
CA LYS A 366 24.23 32.53 -5.73
C LYS A 366 23.77 31.08 -5.75
N ILE A 367 23.80 30.41 -4.59
CA ILE A 367 23.32 29.03 -4.53
C ILE A 367 21.81 28.98 -4.74
N LEU A 368 21.08 29.95 -4.20
CA LEU A 368 19.63 29.93 -4.28
C LEU A 368 19.13 30.27 -5.69
N ASP A 369 19.77 31.24 -6.35
CA ASP A 369 19.24 31.76 -7.60
C ASP A 369 19.23 30.74 -8.72
N ILE A 370 19.95 29.63 -8.59
CA ILE A 370 19.94 28.61 -9.64
C ILE A 370 18.73 27.69 -9.57
N PHE A 371 17.86 27.88 -8.58
CA PHE A 371 16.68 27.04 -8.44
C PHE A 371 15.38 27.82 -8.28
N ASN A 372 15.43 29.14 -8.18
CA ASN A 372 14.21 29.93 -8.05
C ASN A 372 13.38 29.85 -9.33
N GLU A 373 12.06 29.84 -9.15
CA GLU A 373 11.11 29.75 -10.26
C GLU A 373 11.35 28.49 -11.10
N SER A 374 11.19 27.35 -10.45
CA SER A 374 11.35 26.06 -11.09
C SER A 374 10.29 25.10 -10.59
N THR A 375 10.01 24.08 -11.40
CA THR A 375 8.94 23.14 -11.09
C THR A 375 9.29 22.29 -9.87
N ILE A 376 8.31 21.47 -9.46
CA ILE A 376 8.51 20.60 -8.31
C ILE A 376 9.50 19.48 -8.63
N ASP A 377 9.38 18.88 -9.82
CA ASP A 377 10.26 17.78 -10.18
C ASP A 377 11.71 18.21 -10.24
N GLU A 378 11.97 19.39 -10.83
CA GLU A 378 13.34 19.86 -10.93
C GLU A 378 13.97 20.09 -9.56
N ILE A 379 13.19 20.63 -8.62
CA ILE A 379 13.70 20.84 -7.28
C ILE A 379 13.94 19.51 -6.58
N ALA A 380 12.99 18.57 -6.70
CA ALA A 380 13.12 17.29 -6.03
C ALA A 380 14.16 16.39 -6.66
N GLU A 381 14.65 16.73 -7.86
CA GLU A 381 15.62 15.89 -8.54
C GLU A 381 17.03 16.00 -7.97
N ILE A 382 17.29 16.96 -7.08
CA ILE A 382 18.66 17.21 -6.64
C ILE A 382 19.02 16.33 -5.45
N PHE A 383 18.17 15.35 -5.13
CA PHE A 383 18.61 14.30 -4.23
C PHE A 383 19.51 13.29 -4.92
N SER A 384 19.62 13.35 -6.24
CA SER A 384 20.55 12.53 -7.00
C SER A 384 21.93 13.13 -7.07
N PHE A 385 22.13 14.33 -6.50
CA PHE A 385 23.40 15.02 -6.48
C PHE A 385 24.11 14.85 -5.14
N PHE A 386 23.94 13.69 -4.52
CA PHE A 386 24.40 13.46 -3.16
C PHE A 386 25.82 12.90 -3.14
N ARG A 387 26.10 11.92 -4.00
CA ARG A 387 27.40 11.24 -4.04
C ARG A 387 28.25 11.70 -5.22
N THR A 388 28.02 12.90 -5.73
CA THR A 388 28.78 13.40 -6.88
C THR A 388 29.73 14.54 -6.50
N PHE A 389 30.12 14.63 -5.23
CA PHE A 389 31.06 15.65 -4.77
C PHE A 389 32.23 15.05 -4.00
N GLY A 390 32.33 13.73 -3.93
CA GLY A 390 33.39 13.09 -3.16
C GLY A 390 32.99 12.86 -1.73
N HIS A 391 33.95 12.37 -0.95
CA HIS A 391 33.75 12.03 0.45
C HIS A 391 34.83 12.66 1.30
N PRO A 392 34.51 13.00 2.55
CA PRO A 392 35.46 13.75 3.39
C PRO A 392 36.49 12.81 4.00
N PRO A 393 37.65 13.34 4.42
CA PRO A 393 38.63 12.51 5.12
C PRO A 393 38.25 12.34 6.58
N LEU A 394 38.08 11.09 7.01
CA LEU A 394 37.60 10.79 8.35
C LEU A 394 38.77 10.65 9.32
N GLU A 395 38.45 10.61 10.61
CA GLU A 395 39.43 10.44 11.66
C GLU A 395 38.76 9.81 12.87
N ALA A 396 39.54 9.04 13.64
CA ALA A 396 38.97 8.28 14.75
C ALA A 396 38.62 9.19 15.94
N SER A 397 39.52 10.11 16.28
CA SER A 397 39.28 10.96 17.45
C SER A 397 38.04 11.84 17.26
N ILE A 398 37.89 12.42 16.07
CA ILE A 398 36.74 13.27 15.79
C ILE A 398 35.46 12.44 15.85
N ALA A 399 35.50 11.22 15.33
CA ALA A 399 34.32 10.36 15.37
C ALA A 399 33.94 10.00 16.80
N ALA A 400 34.92 9.70 17.65
CA ALA A 400 34.63 9.29 19.01
C ALA A 400 34.27 10.46 19.93
N GLU A 401 34.68 11.69 19.57
CA GLU A 401 34.38 12.84 20.42
C GLU A 401 32.87 13.04 20.56
N LYS A 402 32.13 12.96 19.45
CA LYS A 402 30.69 13.15 19.49
C LYS A 402 30.00 12.04 20.28
N VAL A 403 30.47 10.80 20.12
CA VAL A 403 29.90 9.68 20.87
C VAL A 403 30.11 9.89 22.36
N ARG A 404 31.32 10.31 22.76
CA ARG A 404 31.55 10.62 24.17
C ARG A 404 30.65 11.75 24.65
N LYS A 405 30.46 12.77 23.82
CA LYS A 405 29.66 13.92 24.22
C LYS A 405 28.20 13.53 24.47
N TYR A 406 27.62 12.74 23.56
CA TYR A 406 26.20 12.44 23.62
C TYR A 406 25.89 11.04 24.13
N MET A 407 26.85 10.35 24.74
CA MET A 407 26.61 9.04 25.31
C MET A 407 26.99 8.99 26.79
N TYR A 408 27.36 10.13 27.37
CA TYR A 408 27.72 10.22 28.78
C TYR A 408 26.72 11.01 29.62
N ILE A 409 25.76 11.68 28.99
CA ILE A 409 24.88 12.60 29.70
C ILE A 409 23.85 11.81 30.50
N GLU A 410 23.39 12.40 31.60
CA GLU A 410 22.38 11.81 32.47
C GLU A 410 21.01 12.38 32.10
N LYS A 411 20.02 11.52 32.01
CA LYS A 411 18.70 11.88 31.55
C LYS A 411 17.67 11.71 32.66
N GLN A 412 16.58 12.46 32.55
CA GLN A 412 15.47 12.42 33.49
C GLN A 412 14.24 11.87 32.79
N LEU A 413 13.65 10.82 33.38
CA LEU A 413 12.56 10.10 32.77
C LEU A 413 11.31 10.18 33.64
N LYS A 414 10.15 10.16 32.98
CA LYS A 414 8.86 10.19 33.65
C LYS A 414 8.35 8.76 33.80
N PHE A 415 7.89 8.43 35.01
CA PHE A 415 7.41 7.08 35.27
C PHE A 415 6.02 6.85 34.66
N ASP A 416 5.15 7.85 34.78
CA ASP A 416 3.79 7.71 34.23
C ASP A 416 3.80 7.55 32.72
N THR A 417 4.66 8.30 32.03
CA THR A 417 4.71 8.22 30.57
C THR A 417 5.16 6.82 30.13
N VAL A 418 6.15 6.25 30.82
CA VAL A 418 6.58 4.90 30.50
C VAL A 418 5.47 3.90 30.77
N ASN A 419 4.73 4.08 31.88
CA ASN A 419 3.62 3.18 32.15
C ASN A 419 2.56 3.23 31.05
N LYS A 420 2.21 4.45 30.60
CA LYS A 420 1.19 4.57 29.56
C LYS A 420 1.69 4.00 28.23
N CYS A 421 2.97 4.21 27.91
CA CYS A 421 3.53 3.61 26.69
C CYS A 421 3.49 2.10 26.76
N HIS A 422 3.78 1.52 27.93
CA HIS A 422 3.68 0.07 28.08
C HIS A 422 2.24 -0.41 27.94
N ALA A 423 1.29 0.38 28.45
CA ALA A 423 -0.12 0.03 28.28
C ALA A 423 -0.51 0.00 26.81
N ILE A 424 -0.05 0.99 26.04
CA ILE A 424 -0.33 1.01 24.60
C ILE A 424 0.36 -0.16 23.91
N PHE A 425 1.56 -0.49 24.34
CA PHE A 425 2.27 -1.67 23.81
C PHE A 425 1.45 -2.93 23.98
N CYS A 426 0.98 -3.17 25.20
CA CYS A 426 0.17 -4.36 25.47
C CYS A 426 -1.13 -4.33 24.67
N THR A 427 -1.77 -3.15 24.57
CA THR A 427 -3.01 -3.04 23.82
C THR A 427 -2.80 -3.38 22.35
N ILE A 428 -1.72 -2.88 21.75
CA ILE A 428 -1.45 -3.17 20.35
C ILE A 428 -1.19 -4.66 20.15
N ILE A 429 -0.45 -5.28 21.07
CA ILE A 429 -0.21 -6.72 20.95
C ILE A 429 -1.51 -7.49 21.03
N ILE A 430 -2.39 -7.11 21.97
CA ILE A 430 -3.66 -7.80 22.14
C ILE A 430 -4.52 -7.66 20.89
N ASN A 431 -4.59 -6.44 20.34
CA ASN A 431 -5.38 -6.21 19.13
C ASN A 431 -4.82 -6.99 17.95
N GLY A 432 -3.50 -7.04 17.82
CA GLY A 432 -2.90 -7.81 16.75
C GLY A 432 -3.22 -9.29 16.84
N TYR A 433 -3.12 -9.86 18.04
CA TYR A 433 -3.47 -11.27 18.20
C TYR A 433 -4.95 -11.50 17.94
N ARG A 434 -5.80 -10.58 18.38
CA ARG A 434 -7.23 -10.68 18.10
C ARG A 434 -7.49 -10.74 16.60
N GLU A 435 -6.91 -9.80 15.85
CA GLU A 435 -7.11 -9.78 14.40
C GLU A 435 -6.55 -11.04 13.74
N ARG A 436 -5.41 -11.53 14.24
CA ARG A 436 -4.80 -12.72 13.66
C ARG A 436 -5.66 -13.97 13.89
N HIS A 437 -6.27 -14.09 15.07
CA HIS A 437 -6.98 -15.31 15.43
C HIS A 437 -8.49 -15.08 15.58
N GLY A 438 -9.03 -14.11 14.85
CA GLY A 438 -10.47 -13.91 14.82
C GLY A 438 -11.10 -13.50 16.14
N GLY A 439 -10.49 -12.55 16.83
CA GLY A 439 -11.08 -11.96 18.02
C GLY A 439 -10.74 -12.64 19.33
N GLN A 440 -10.01 -13.75 19.31
CA GLN A 440 -9.66 -14.44 20.55
C GLN A 440 -8.46 -13.78 21.20
N TRP A 441 -8.57 -13.45 22.48
CA TRP A 441 -7.49 -12.81 23.19
C TRP A 441 -6.33 -13.79 23.42
N PRO A 442 -5.11 -13.29 23.49
CA PRO A 442 -3.98 -14.13 23.86
C PRO A 442 -4.03 -14.47 25.35
N PRO A 443 -3.36 -15.54 25.78
CA PRO A 443 -3.36 -15.87 27.20
C PRO A 443 -2.78 -14.75 28.06
N VAL A 444 -3.64 -14.14 28.88
CA VAL A 444 -3.28 -12.99 29.69
C VAL A 444 -3.82 -13.20 31.10
N THR A 445 -3.03 -12.80 32.11
CA THR A 445 -3.44 -12.88 33.51
C THR A 445 -3.47 -11.45 34.06
N LEU A 446 -4.67 -10.87 34.09
CA LEU A 446 -4.81 -9.49 34.56
C LEU A 446 -4.54 -9.40 36.06
N PRO A 447 -4.08 -8.25 36.54
CA PRO A 447 -3.83 -8.10 37.98
C PRO A 447 -5.12 -8.05 38.77
N ASP A 448 -4.98 -8.02 40.10
CA ASP A 448 -6.14 -7.98 40.97
C ASP A 448 -6.85 -6.64 40.91
N HIS A 449 -6.11 -5.55 40.72
CA HIS A 449 -6.68 -4.21 40.71
C HIS A 449 -7.20 -3.80 39.34
N ALA A 450 -7.46 -4.75 38.45
CA ALA A 450 -7.94 -4.44 37.12
C ALA A 450 -9.33 -3.82 37.19
N HIS A 451 -9.58 -2.85 36.31
CA HIS A 451 -10.88 -2.19 36.26
C HIS A 451 -11.92 -3.15 35.69
N GLU A 452 -13.18 -2.87 36.03
CA GLU A 452 -14.27 -3.72 35.56
C GLU A 452 -14.39 -3.71 34.05
N PHE A 453 -14.07 -2.59 33.41
CA PHE A 453 -14.15 -2.51 31.95
C PHE A 453 -13.18 -3.50 31.30
N ILE A 454 -11.94 -3.58 31.81
CA ILE A 454 -10.96 -4.46 31.21
C ILE A 454 -11.34 -5.92 31.41
N ILE A 455 -11.85 -6.26 32.61
CA ILE A 455 -12.28 -7.63 32.86
C ILE A 455 -13.45 -7.99 31.96
N ASN A 456 -14.39 -7.06 31.78
CA ASN A 456 -15.52 -7.28 30.88
C ASN A 456 -15.04 -7.49 29.44
N ALA A 457 -14.07 -6.69 29.00
CA ALA A 457 -13.53 -6.85 27.65
C ALA A 457 -12.85 -8.19 27.48
N TYR A 458 -12.09 -8.63 28.50
CA TYR A 458 -11.44 -9.93 28.44
C TYR A 458 -12.48 -11.05 28.38
N GLY A 459 -13.53 -10.95 29.19
CA GLY A 459 -14.55 -12.00 29.19
C GLY A 459 -15.33 -12.05 27.89
N SER A 460 -15.65 -10.89 27.33
CA SER A 460 -16.43 -10.83 26.10
C SER A 460 -15.59 -11.00 24.84
N ASN A 461 -14.25 -10.97 24.96
CA ASN A 461 -13.34 -11.10 23.83
C ASN A 461 -13.59 -9.98 22.80
N SER A 462 -13.43 -8.75 23.27
CA SER A 462 -13.64 -7.57 22.45
C SER A 462 -12.36 -6.74 22.37
N ALA A 463 -12.29 -5.89 21.36
CA ALA A 463 -11.12 -5.06 21.15
C ALA A 463 -11.05 -3.93 22.16
N ILE A 464 -9.87 -3.33 22.26
CA ILE A 464 -9.63 -2.18 23.12
C ILE A 464 -9.07 -1.05 22.28
N SER A 465 -9.64 0.14 22.41
CA SER A 465 -9.12 1.32 21.74
C SER A 465 -8.06 1.98 22.59
N TYR A 466 -7.16 2.71 21.94
CA TYR A 466 -6.04 3.32 22.65
C TYR A 466 -6.51 4.38 23.65
N GLU A 467 -7.67 4.99 23.41
CA GLU A 467 -8.23 5.89 24.39
C GLU A 467 -8.55 5.17 25.69
N ASN A 468 -9.13 3.97 25.61
CA ASN A 468 -9.38 3.16 26.79
C ASN A 468 -8.07 2.75 27.44
N ALA A 469 -7.06 2.40 26.64
CA ALA A 469 -5.78 1.98 27.19
C ALA A 469 -5.13 3.10 27.98
N VAL A 470 -5.16 4.33 27.47
CA VAL A 470 -4.63 5.46 28.23
C VAL A 470 -5.49 5.75 29.45
N ASP A 471 -6.82 5.58 29.31
CA ASP A 471 -7.72 5.84 30.43
C ASP A 471 -7.50 4.83 31.54
N TYR A 472 -7.69 3.54 31.25
CA TYR A 472 -7.49 2.48 32.24
C TYR A 472 -6.08 1.89 32.10
N TYR A 473 -5.09 2.76 32.24
CA TYR A 473 -3.70 2.34 32.13
C TYR A 473 -3.18 1.70 33.40
N GLN A 474 -3.87 1.84 34.52
CA GLN A 474 -3.45 1.19 35.76
C GLN A 474 -3.84 -0.27 35.81
N SER A 475 -4.73 -0.73 34.93
CA SER A 475 -5.06 -2.14 34.84
C SER A 475 -4.03 -2.94 34.06
N PHE A 476 -3.15 -2.28 33.32
CA PHE A 476 -2.07 -2.91 32.59
C PHE A 476 -0.75 -2.87 33.32
N ILE A 477 -0.72 -2.30 34.52
CA ILE A 477 0.55 -2.13 35.24
C ILE A 477 1.10 -3.49 35.66
N GLY A 478 0.26 -4.33 36.26
CA GLY A 478 0.71 -5.61 36.75
C GLY A 478 0.39 -6.76 35.83
N ILE A 479 0.11 -6.46 34.56
CA ILE A 479 -0.28 -7.50 33.61
C ILE A 479 0.86 -8.51 33.46
N LYS A 480 0.49 -9.73 33.08
CA LYS A 480 1.47 -10.80 32.95
C LYS A 480 1.02 -11.73 31.83
N PHE A 481 1.71 -11.68 30.70
CA PHE A 481 1.40 -12.55 29.58
C PHE A 481 1.80 -13.98 29.90
N ASN A 482 1.31 -14.91 29.09
CA ASN A 482 1.70 -16.30 29.14
C ASN A 482 2.40 -16.66 27.83
N LYS A 483 3.14 -17.77 27.86
CA LYS A 483 3.88 -18.20 26.68
C LYS A 483 2.92 -18.71 25.63
N PHE A 484 2.89 -18.04 24.47
CA PHE A 484 2.15 -18.53 23.33
C PHE A 484 2.96 -18.53 22.04
N ILE A 485 4.22 -18.11 22.09
CA ILE A 485 5.14 -18.20 20.96
C ILE A 485 6.35 -19.01 21.39
N GLU A 486 6.66 -20.06 20.65
CA GLU A 486 7.79 -20.92 20.96
C GLU A 486 9.04 -20.42 20.26
N PRO A 487 10.14 -20.19 20.97
CA PRO A 487 11.35 -19.68 20.33
C PRO A 487 11.95 -20.72 19.40
N GLN A 488 12.04 -20.37 18.11
CA GLN A 488 12.62 -21.24 17.10
C GLN A 488 14.05 -20.80 16.84
N LEU A 489 15.00 -21.71 17.01
CA LEU A 489 16.41 -21.41 16.84
C LEU A 489 16.93 -21.74 15.45
N ASP A 490 16.08 -22.22 14.56
CA ASP A 490 16.48 -22.59 13.21
C ASP A 490 15.63 -21.86 12.18
N GLU A 491 15.27 -20.62 12.46
CA GLU A 491 14.53 -19.81 11.48
C GLU A 491 15.37 -19.58 10.23
N ASP A 492 16.64 -19.24 10.41
CA ASP A 492 17.56 -19.03 9.30
C ASP A 492 18.93 -19.53 9.73
N LEU A 493 19.42 -20.57 9.04
CA LEU A 493 20.71 -21.17 9.40
C LEU A 493 21.89 -20.36 8.91
N THR A 494 21.68 -19.38 8.03
CA THR A 494 22.77 -18.60 7.45
C THR A 494 23.08 -17.33 8.23
N ILE A 495 22.40 -17.10 9.35
CA ILE A 495 22.69 -15.90 10.13
C ILE A 495 23.90 -16.09 11.05
N TYR A 496 24.32 -17.32 11.28
CA TYR A 496 25.48 -17.60 12.12
C TYR A 496 26.78 -17.65 11.33
N MET A 497 26.72 -17.59 10.00
N MET A 497 26.72 -17.58 10.00
CA MET A 497 27.90 -17.71 9.15
CA MET A 497 27.91 -17.72 9.16
C MET A 497 27.98 -16.57 8.15
C MET A 497 28.03 -16.56 8.17
N LYS A 498 27.55 -15.38 8.55
CA LYS A 498 27.66 -14.22 7.67
C LYS A 498 29.12 -13.84 7.48
N ASP A 499 29.49 -13.53 6.25
CA ASP A 499 30.87 -13.19 5.92
C ASP A 499 31.17 -11.79 6.43
N LYS A 500 31.39 -11.70 7.75
CA LYS A 500 31.67 -10.43 8.41
C LYS A 500 32.95 -10.57 9.23
N ALA A 501 33.32 -9.48 9.88
CA ALA A 501 34.52 -9.42 10.70
C ALA A 501 34.15 -9.27 12.18
N LEU A 502 34.88 -9.96 13.04
CA LEU A 502 34.63 -9.94 14.47
C LEU A 502 35.79 -9.28 15.20
N SER A 503 35.47 -8.59 16.28
CA SER A 503 36.50 -7.97 17.09
C SER A 503 37.27 -9.05 17.87
N PRO A 504 38.58 -8.90 18.03
CA PRO A 504 39.35 -9.87 18.81
C PRO A 504 39.03 -9.77 20.30
N LYS A 505 39.35 -10.83 21.02
CA LYS A 505 39.07 -10.87 22.45
C LYS A 505 39.89 -9.82 23.18
N LYS A 506 39.39 -9.38 24.34
CA LYS A 506 39.94 -8.23 25.03
C LYS A 506 41.39 -8.44 25.46
N SER A 507 41.83 -9.69 25.62
CA SER A 507 43.21 -9.93 26.04
C SER A 507 44.19 -9.39 25.01
N ASN A 508 43.94 -9.61 23.73
CA ASN A 508 44.74 -9.04 22.64
C ASN A 508 43.80 -8.22 21.76
N TRP A 509 43.58 -6.97 22.15
CA TRP A 509 42.69 -6.09 21.42
C TRP A 509 43.37 -5.34 20.29
N ASP A 510 44.67 -5.03 20.44
CA ASP A 510 45.39 -4.22 19.47
C ASP A 510 45.89 -5.02 18.27
N THR A 511 45.38 -6.23 18.07
CA THR A 511 45.74 -6.99 16.87
C THR A 511 45.07 -6.46 15.62
N VAL A 512 44.12 -5.54 15.75
CA VAL A 512 43.49 -4.94 14.58
C VAL A 512 44.50 -4.13 13.78
N TYR A 513 45.30 -3.33 14.48
CA TYR A 513 46.32 -2.53 13.81
C TYR A 513 47.40 -3.42 13.24
N PRO A 514 47.82 -3.21 12.00
CA PRO A 514 48.91 -4.02 11.44
C PRO A 514 50.24 -3.69 12.12
N ALA A 515 51.16 -4.66 12.06
CA ALA A 515 52.45 -4.50 12.71
C ALA A 515 53.26 -3.36 12.11
N SER A 516 52.95 -2.93 10.90
CA SER A 516 53.70 -1.86 10.25
C SER A 516 53.44 -0.49 10.84
N ASN A 517 52.42 -0.35 11.70
CA ASN A 517 52.04 0.94 12.25
C ASN A 517 52.16 1.01 13.77
N LEU A 518 52.64 -0.04 14.42
CA LEU A 518 52.73 -0.09 15.88
C LEU A 518 54.19 -0.09 16.30
N LEU A 519 54.50 0.70 17.33
CA LEU A 519 55.87 0.78 17.84
C LEU A 519 56.33 -0.59 18.36
N TYR A 520 55.49 -1.25 19.14
CA TYR A 520 55.82 -2.55 19.68
C TYR A 520 55.33 -3.66 18.75
N ARG A 521 55.36 -4.89 19.24
CA ARG A 521 54.89 -6.05 18.49
C ARG A 521 53.67 -6.66 19.18
N THR A 522 52.68 -7.03 18.38
CA THR A 522 51.46 -7.60 18.91
C THR A 522 51.70 -9.03 19.40
N ASN A 523 50.73 -9.56 20.13
CA ASN A 523 50.84 -10.91 20.66
C ASN A 523 50.88 -11.93 19.53
N ALA A 524 51.71 -12.96 19.72
CA ALA A 524 51.91 -13.98 18.70
C ALA A 524 50.73 -14.95 18.58
N SER A 525 49.75 -14.88 19.47
CA SER A 525 48.60 -15.77 19.41
C SER A 525 47.85 -15.57 18.10
N ASN A 526 47.78 -16.63 17.29
CA ASN A 526 47.17 -16.57 15.97
C ASN A 526 45.73 -17.07 16.08
N GLU A 527 44.81 -16.14 16.32
CA GLU A 527 43.38 -16.42 16.35
C GLU A 527 42.70 -15.61 15.26
N SER A 528 41.83 -16.25 14.50
CA SER A 528 41.19 -15.59 13.37
C SER A 528 40.15 -14.59 13.85
N ARG A 529 40.06 -13.46 13.13
CA ARG A 529 39.08 -12.43 13.44
C ARG A 529 37.88 -12.44 12.49
N ARG A 530 37.99 -13.10 11.34
CA ARG A 530 36.86 -13.23 10.44
C ARG A 530 35.91 -14.31 10.93
N LEU A 531 34.61 -14.09 10.70
CA LEU A 531 33.60 -14.98 11.25
C LEU A 531 33.58 -16.34 10.57
N VAL A 532 33.92 -16.40 9.27
CA VAL A 532 33.78 -17.65 8.53
C VAL A 532 34.72 -18.71 9.09
N GLU A 533 36.00 -18.37 9.23
CA GLU A 533 36.97 -19.35 9.73
C GLU A 533 36.68 -19.76 11.17
N VAL A 534 36.25 -18.80 11.99
CA VAL A 534 35.91 -19.11 13.38
C VAL A 534 34.75 -20.09 13.41
N PHE A 535 33.74 -19.89 12.56
CA PHE A 535 32.62 -20.83 12.52
C PHE A 535 33.07 -22.20 12.02
N ILE A 536 33.94 -22.24 11.01
CA ILE A 536 34.40 -23.54 10.50
C ILE A 536 35.15 -24.30 11.57
N ALA A 537 36.00 -23.61 12.34
CA ALA A 537 36.86 -24.24 13.32
C ALA A 537 36.20 -24.34 14.70
N ASP A 538 34.88 -24.38 14.76
CA ASP A 538 34.15 -24.50 16.03
C ASP A 538 33.95 -25.97 16.33
N SER A 539 34.70 -26.50 17.30
CA SER A 539 34.61 -27.92 17.62
C SER A 539 33.23 -28.28 18.14
N LYS A 540 32.67 -27.44 19.01
CA LYS A 540 31.34 -27.65 19.57
C LYS A 540 30.45 -26.48 19.20
N PHE A 541 29.26 -26.78 18.68
CA PHE A 541 28.33 -25.74 18.27
C PHE A 541 26.93 -26.32 18.13
N ASP A 542 25.98 -25.71 18.82
CA ASP A 542 24.56 -25.98 18.64
C ASP A 542 23.80 -24.74 19.10
N PRO A 543 22.72 -24.37 18.41
CA PRO A 543 22.04 -23.11 18.74
C PRO A 543 21.54 -23.03 20.17
N HIS A 544 21.30 -24.16 20.84
CA HIS A 544 20.82 -24.12 22.21
C HIS A 544 21.81 -23.44 23.14
N GLN A 545 23.10 -23.58 22.87
CA GLN A 545 24.11 -23.02 23.77
C GLN A 545 24.12 -21.50 23.73
N ILE A 546 23.79 -20.90 22.57
CA ILE A 546 23.70 -19.44 22.51
C ILE A 546 22.59 -18.94 23.43
N LEU A 547 21.41 -19.55 23.34
CA LEU A 547 20.30 -19.16 24.20
C LEU A 547 20.62 -19.43 25.66
N ASP A 548 21.27 -20.57 25.95
CA ASP A 548 21.64 -20.86 27.32
C ASP A 548 22.66 -19.85 27.84
N TYR A 549 23.55 -19.39 26.96
CA TYR A 549 24.54 -18.39 27.33
C TYR A 549 23.87 -17.07 27.68
N VAL A 550 22.85 -16.69 26.92
CA VAL A 550 22.21 -15.40 27.15
C VAL A 550 21.20 -15.48 28.29
N GLU A 551 20.78 -16.70 28.66
CA GLU A 551 19.83 -16.83 29.76
C GLU A 551 20.52 -17.06 31.10
N SER A 552 21.57 -17.88 31.13
CA SER A 552 22.18 -18.33 32.38
C SER A 552 23.06 -17.29 33.05
N GLY A 553 23.08 -16.02 32.64
CA GLY A 553 23.91 -15.04 33.30
C GLY A 553 25.37 -15.04 32.89
N ASP A 554 25.72 -15.77 31.84
CA ASP A 554 27.12 -15.89 31.46
C ASP A 554 27.65 -14.62 30.80
N TRP A 555 26.77 -13.85 30.14
CA TRP A 555 27.24 -12.75 29.30
C TRP A 555 27.94 -11.70 30.15
N LEU A 556 27.48 -11.50 31.38
CA LEU A 556 28.07 -10.53 32.29
C LEU A 556 29.32 -11.04 32.98
N ASP A 557 29.56 -12.35 32.95
CA ASP A 557 30.74 -12.94 33.57
C ASP A 557 31.83 -13.31 32.56
N ASP A 558 31.63 -12.99 31.29
CA ASP A 558 32.64 -13.26 30.28
C ASP A 558 33.77 -12.24 30.41
N PRO A 559 35.01 -12.68 30.63
CA PRO A 559 36.13 -11.74 30.73
C PRO A 559 36.80 -11.40 29.41
N GLU A 560 36.36 -11.97 28.30
CA GLU A 560 36.96 -11.78 27.00
C GLU A 560 35.96 -11.20 26.01
N PHE A 561 35.19 -10.20 26.44
CA PHE A 561 34.20 -9.53 25.60
C PHE A 561 34.76 -8.20 25.16
N ASN A 562 34.79 -7.98 23.84
CA ASN A 562 35.30 -6.75 23.26
C ASN A 562 34.37 -6.27 22.17
N ILE A 563 34.08 -4.96 22.18
CA ILE A 563 33.27 -4.32 21.16
C ILE A 563 34.06 -3.14 20.60
N SER A 564 34.10 -3.02 19.28
CA SER A 564 34.89 -1.99 18.63
C SER A 564 34.10 -1.34 17.50
N TYR A 565 34.22 -0.03 17.40
CA TYR A 565 33.60 0.72 16.32
C TYR A 565 34.43 0.60 15.04
N SER A 566 33.81 1.00 13.93
CA SER A 566 34.49 1.09 12.65
C SER A 566 33.84 2.21 11.85
N LEU A 567 34.66 3.00 11.16
CA LEU A 567 34.16 4.12 10.40
C LEU A 567 33.34 3.64 9.21
N LYS A 568 32.26 4.38 8.90
CA LYS A 568 31.38 4.03 7.79
C LYS A 568 31.84 4.75 6.53
N GLU A 569 31.73 4.04 5.40
CA GLU A 569 32.20 4.56 4.13
C GLU A 569 31.08 5.23 3.35
N LYS A 570 31.47 6.14 2.46
CA LYS A 570 30.55 6.81 1.53
C LYS A 570 29.45 7.57 2.27
N GLU A 571 29.81 8.19 3.39
CA GLU A 571 28.94 9.12 4.10
C GLU A 571 29.61 10.49 4.08
N ILE A 572 28.93 11.48 3.52
CA ILE A 572 29.55 12.76 3.24
C ILE A 572 29.28 13.79 4.34
N LYS A 573 28.85 13.33 5.52
CA LYS A 573 28.84 14.22 6.67
C LYS A 573 30.27 14.59 7.03
N GLN A 574 30.43 15.78 7.62
CA GLN A 574 31.77 16.28 7.91
C GLN A 574 32.54 15.28 8.79
N GLU A 575 31.83 14.52 9.62
CA GLU A 575 32.39 13.36 10.30
C GLU A 575 31.54 12.15 9.97
N GLY A 576 32.20 11.05 9.61
CA GLY A 576 31.48 9.87 9.18
C GLY A 576 30.82 9.13 10.32
N ARG A 577 29.89 8.25 9.94
CA ARG A 577 29.16 7.45 10.91
C ARG A 577 30.01 6.28 11.38
N LEU A 578 29.49 5.56 12.38
CA LEU A 578 30.20 4.45 12.99
C LEU A 578 29.28 3.24 13.07
N PHE A 579 29.85 2.05 12.86
CA PHE A 579 29.14 0.80 13.08
C PHE A 579 30.03 -0.15 13.87
N ALA A 580 29.43 -0.86 14.82
CA ALA A 580 30.18 -1.63 15.80
C ALA A 580 30.22 -3.10 15.46
N LYS A 581 31.25 -3.78 15.97
CA LYS A 581 31.37 -5.22 15.87
C LYS A 581 31.82 -5.79 17.20
N MET A 582 31.29 -6.95 17.55
CA MET A 582 31.55 -7.61 18.82
C MET A 582 32.26 -8.94 18.60
N THR A 583 32.39 -9.72 19.66
CA THR A 583 33.02 -11.03 19.59
C THR A 583 32.06 -12.03 18.97
N TYR A 584 32.42 -13.31 19.01
CA TYR A 584 31.65 -14.34 18.32
C TYR A 584 30.33 -14.65 19.03
N LYS A 585 30.43 -15.04 20.31
CA LYS A 585 29.23 -15.47 21.05
C LYS A 585 28.21 -14.34 21.15
N MET A 586 28.66 -13.13 21.46
CA MET A 586 27.73 -12.02 21.61
C MET A 586 27.09 -11.66 20.28
N ARG A 587 27.85 -11.74 19.19
CA ARG A 587 27.26 -11.49 17.87
C ARG A 587 26.18 -12.53 17.55
N ALA A 588 26.45 -13.79 17.86
CA ALA A 588 25.44 -14.83 17.62
C ALA A 588 24.19 -14.57 18.46
N THR A 589 24.37 -14.20 19.72
CA THR A 589 23.22 -13.89 20.58
C THR A 589 22.43 -12.70 20.03
N GLN A 590 23.13 -11.67 19.58
CA GLN A 590 22.46 -10.49 19.05
C GLN A 590 21.65 -10.82 17.82
N VAL A 591 22.24 -11.57 16.88
CA VAL A 591 21.50 -11.87 15.65
C VAL A 591 20.32 -12.78 15.94
N LEU A 592 20.46 -13.72 16.89
CA LEU A 592 19.32 -14.55 17.27
C LEU A 592 18.20 -13.72 17.87
N SER A 593 18.55 -12.76 18.75
CA SER A 593 17.54 -11.91 19.34
C SER A 593 16.82 -11.06 18.29
N GLU A 594 17.58 -10.51 17.33
CA GLU A 594 16.97 -9.71 16.29
C GLU A 594 15.99 -10.55 15.46
N THR A 595 16.42 -11.77 15.08
CA THR A 595 15.53 -12.63 14.29
C THR A 595 14.27 -12.96 15.07
N LEU A 596 14.41 -13.32 16.34
CA LEU A 596 13.24 -13.69 17.15
C LEU A 596 12.27 -12.53 17.27
N LEU A 597 12.79 -11.32 17.54
CA LEU A 597 11.90 -10.18 17.73
C LEU A 597 11.25 -9.75 16.42
N ALA A 598 11.99 -9.81 15.31
CA ALA A 598 11.46 -9.31 14.05
C ALA A 598 10.44 -10.28 13.45
N ASN A 599 10.68 -11.58 13.55
CA ASN A 599 9.82 -12.54 12.85
C ASN A 599 8.42 -12.58 13.44
N ASN A 600 8.32 -12.71 14.77
CA ASN A 600 7.04 -12.98 15.42
C ASN A 600 6.34 -11.73 15.92
N ILE A 601 6.96 -10.99 16.84
CA ILE A 601 6.28 -9.87 17.47
C ILE A 601 6.12 -8.70 16.50
N GLY A 602 7.06 -8.53 15.57
CA GLY A 602 7.01 -7.38 14.68
C GLY A 602 5.77 -7.31 13.82
N LYS A 603 5.21 -8.48 13.45
CA LYS A 603 4.05 -8.50 12.58
C LYS A 603 2.78 -8.03 13.26
N PHE A 604 2.77 -7.91 14.60
CA PHE A 604 1.59 -7.45 15.30
C PHE A 604 1.36 -5.95 15.14
N PHE A 605 2.39 -5.20 14.74
CA PHE A 605 2.29 -3.76 14.57
C PHE A 605 2.11 -3.43 13.10
N GLN A 606 1.20 -2.51 12.82
CA GLN A 606 0.90 -2.10 11.45
C GLN A 606 1.71 -0.90 11.00
N GLU A 607 2.61 -0.39 11.84
CA GLU A 607 3.42 0.77 11.50
C GLU A 607 4.88 0.41 11.24
N ASN A 608 5.23 -0.86 11.20
CA ASN A 608 6.60 -1.28 10.92
C ASN A 608 6.83 -1.33 9.42
N GLY A 609 7.82 -0.60 8.94
CA GLY A 609 8.19 -0.65 7.54
C GLY A 609 9.15 -1.75 7.17
N MET A 610 9.71 -2.45 8.16
CA MET A 610 10.71 -3.48 7.92
C MET A 610 10.13 -4.88 7.79
N VAL A 611 8.82 -5.04 7.97
CA VAL A 611 8.19 -6.36 7.93
C VAL A 611 7.12 -6.44 6.85
N LYS A 612 7.12 -5.49 5.91
CA LYS A 612 6.15 -5.47 4.83
C LYS A 612 6.86 -5.66 3.50
N GLY A 613 6.20 -6.38 2.59
CA GLY A 613 6.74 -6.59 1.27
C GLY A 613 6.71 -5.33 0.42
N GLU A 614 7.17 -5.46 -0.83
CA GLU A 614 7.19 -4.32 -1.73
C GLU A 614 5.80 -3.80 -2.00
N ILE A 615 4.89 -4.69 -2.42
CA ILE A 615 3.56 -4.25 -2.85
C ILE A 615 2.77 -3.71 -1.67
N GLU A 616 2.81 -4.39 -0.53
CA GLU A 616 2.03 -3.95 0.63
C GLU A 616 2.51 -2.59 1.14
N LEU A 617 3.82 -2.43 1.27
CA LEU A 617 4.37 -1.16 1.72
C LEU A 617 4.06 -0.04 0.74
N LEU A 618 4.20 -0.32 -0.55
CA LEU A 618 3.90 0.70 -1.56
C LEU A 618 2.44 1.11 -1.51
N LYS A 619 1.54 0.13 -1.39
CA LYS A 619 0.11 0.43 -1.35
C LYS A 619 -0.25 1.25 -0.11
N ARG A 620 0.30 0.87 1.05
CA ARG A 620 0.00 1.61 2.27
C ARG A 620 0.53 3.04 2.19
N LEU A 621 1.75 3.21 1.66
CA LEU A 621 2.32 4.55 1.54
C LEU A 621 1.52 5.39 0.57
N THR A 622 1.09 4.80 -0.56
CA THR A 622 0.28 5.54 -1.52
C THR A 622 -1.06 5.95 -0.92
N THR A 623 -1.68 5.05 -0.15
CA THR A 623 -2.94 5.40 0.51
C THR A 623 -2.76 6.55 1.49
N ILE A 624 -1.70 6.49 2.30
CA ILE A 624 -1.44 7.55 3.25
C ILE A 624 -1.20 8.87 2.53
N SER A 625 -0.47 8.84 1.42
CA SER A 625 -0.19 10.07 0.68
C SER A 625 -1.46 10.64 0.04
N ILE A 626 -2.29 9.77 -0.54
CA ILE A 626 -3.54 10.22 -1.14
C ILE A 626 -4.46 10.82 -0.08
N SER A 627 -4.37 10.32 1.15
CA SER A 627 -5.20 10.84 2.24
C SER A 627 -5.06 12.34 2.44
N GLY A 628 -4.05 12.97 1.86
CA GLY A 628 -3.78 14.38 2.07
C GLY A 628 -4.48 15.33 1.14
N VAL A 629 -5.40 14.86 0.30
CA VAL A 629 -6.13 15.73 -0.61
C VAL A 629 -7.63 15.42 -0.53
N PRO A 630 -8.48 16.42 -0.39
CA PRO A 630 -9.93 16.15 -0.34
C PRO A 630 -10.42 15.52 -1.63
N ARG A 631 -11.41 14.63 -1.49
CA ARG A 631 -11.97 13.91 -2.63
C ARG A 631 -13.37 14.38 -2.99
N TYR A 632 -13.75 15.57 -2.57
CA TYR A 632 -15.06 16.14 -2.92
C TYR A 632 -14.93 17.66 -2.82
N ASN A 633 -14.81 18.31 -3.98
CA ASN A 633 -14.64 19.76 -4.00
C ASN A 633 -15.92 20.48 -3.59
N GLU A 634 -17.05 20.10 -4.19
CA GLU A 634 -18.34 20.71 -3.90
C GLU A 634 -19.48 19.92 -4.52
N SER A 663 -38.57 29.91 21.61
CA SER A 663 -38.33 28.59 21.05
C SER A 663 -39.61 27.99 20.48
N LYS A 664 -40.33 28.78 19.69
CA LYS A 664 -41.58 28.35 19.08
C LYS A 664 -41.43 28.32 17.57
N LYS A 665 -42.03 27.30 16.95
CA LYS A 665 -42.04 27.15 15.49
C LYS A 665 -40.62 27.09 14.93
N PHE A 666 -39.89 26.05 15.33
CA PHE A 666 -38.54 25.83 14.81
C PHE A 666 -38.59 25.57 13.31
N GLU A 667 -38.06 26.50 12.53
CA GLU A 667 -38.04 26.37 11.08
C GLU A 667 -36.78 25.64 10.65
N PHE A 668 -36.94 24.53 9.93
CA PHE A 668 -35.81 23.75 9.43
C PHE A 668 -35.95 23.60 7.92
N LYS A 669 -34.82 23.66 7.22
CA LYS A 669 -34.78 23.47 5.77
C LYS A 669 -33.97 22.23 5.45
N SER A 670 -34.52 21.38 4.57
CA SER A 670 -33.86 20.13 4.21
C SER A 670 -32.72 20.40 3.26
N THR A 671 -31.49 20.23 3.74
CA THR A 671 -30.31 20.38 2.90
C THR A 671 -29.87 19.01 2.39
N ASP A 672 -29.50 18.96 1.11
CA ASP A 672 -29.10 17.71 0.47
C ASP A 672 -27.71 17.30 0.95
N ILE A 673 -27.68 16.62 2.09
CA ILE A 673 -26.42 16.13 2.64
C ILE A 673 -25.83 15.10 1.70
N TYR A 674 -24.50 15.00 1.70
N TYR A 674 -24.50 14.98 1.72
CA TYR A 674 -23.77 14.08 0.82
CA TYR A 674 -23.76 14.10 0.82
C TYR A 674 -22.98 13.12 1.68
C TYR A 674 -22.96 13.10 1.66
N ASN A 675 -23.59 11.96 1.98
CA ASN A 675 -22.94 10.87 2.70
C ASN A 675 -22.37 11.34 4.04
N ASP A 676 -23.29 11.77 4.92
CA ASP A 676 -23.07 12.23 6.28
C ASP A 676 -22.45 13.63 6.26
N GLY A 677 -22.04 14.13 5.10
CA GLY A 677 -21.52 15.49 5.01
C GLY A 677 -20.21 15.71 5.72
N TYR A 678 -19.42 14.67 5.92
CA TYR A 678 -18.13 14.78 6.59
C TYR A 678 -17.12 13.88 5.89
N GLU A 679 -15.91 14.39 5.66
CA GLU A 679 -14.86 13.62 5.02
C GLU A 679 -13.56 13.80 5.79
N THR A 680 -12.69 12.79 5.70
CA THR A 680 -11.42 12.80 6.42
C THR A 680 -10.30 13.31 5.52
N VAL A 681 -9.52 14.25 6.03
CA VAL A 681 -8.33 14.74 5.33
C VAL A 681 -7.19 14.81 6.34
N SER A 682 -5.97 14.69 5.84
CA SER A 682 -4.81 14.54 6.70
C SER A 682 -3.73 15.55 6.34
N CYS A 683 -2.91 15.87 7.32
CA CYS A 683 -1.74 16.72 7.16
C CYS A 683 -0.53 15.97 7.72
N PHE A 684 0.59 16.07 7.01
CA PHE A 684 1.72 15.16 7.25
C PHE A 684 2.82 15.81 8.06
N LEU A 685 3.52 14.98 8.81
CA LEU A 685 4.59 15.40 9.72
C LEU A 685 5.67 14.33 9.68
N THR A 686 6.79 14.62 9.03
CA THR A 686 7.88 13.66 8.92
C THR A 686 9.11 14.19 9.64
N THR A 687 9.81 13.28 10.33
CA THR A 687 10.91 13.69 11.19
C THR A 687 11.85 12.53 11.44
N ASP A 688 12.99 12.86 12.02
CA ASP A 688 13.96 11.92 12.57
C ASP A 688 14.58 12.52 13.81
N LEU A 689 14.85 11.69 14.81
CA LEU A 689 15.32 12.19 16.10
C LEU A 689 16.80 12.52 16.05
N LYS A 690 17.25 13.26 17.06
CA LYS A 690 18.65 13.64 17.19
C LYS A 690 19.41 12.53 17.91
N LYS A 691 20.26 11.83 17.17
CA LYS A 691 21.05 10.72 17.72
C LYS A 691 20.15 9.70 18.41
N TYR A 692 19.33 9.07 17.58
CA TYR A 692 18.29 8.16 18.06
C TYR A 692 18.88 7.02 18.87
N CYS A 693 19.99 6.43 18.41
CA CYS A 693 20.54 5.27 19.08
C CYS A 693 21.24 5.63 20.38
N LEU A 694 21.76 6.85 20.49
CA LEU A 694 22.53 7.25 21.65
C LEU A 694 21.68 7.75 22.82
N ASN A 695 20.40 8.04 22.59
CA ASN A 695 19.56 8.62 23.63
C ASN A 695 18.77 7.57 24.42
N TRP A 696 18.82 6.31 24.03
CA TRP A 696 18.12 5.28 24.78
C TRP A 696 18.83 4.98 26.09
N ARG A 697 18.06 4.45 27.04
CA ARG A 697 18.59 4.03 28.34
C ARG A 697 17.94 2.72 28.73
N TYR A 698 18.44 2.12 29.81
CA TYR A 698 17.89 0.86 30.28
C TYR A 698 16.48 1.03 30.85
N GLU A 699 16.21 2.17 31.49
CA GLU A 699 14.90 2.40 32.09
C GLU A 699 13.82 2.44 31.03
N SER A 700 14.10 3.03 29.87
CA SER A 700 13.08 3.18 28.84
C SER A 700 12.63 1.82 28.30
N THR A 701 13.57 0.90 28.09
CA THR A 701 13.27 -0.34 27.38
C THR A 701 13.19 -1.57 28.27
N ALA A 702 13.43 -1.42 29.58
CA ALA A 702 13.40 -2.58 30.47
C ALA A 702 12.02 -3.23 30.51
N LEU A 703 10.97 -2.41 30.63
CA LEU A 703 9.62 -2.95 30.72
C LEU A 703 9.22 -3.69 29.46
N PHE A 704 9.56 -3.13 28.29
CA PHE A 704 9.19 -3.77 27.03
C PHE A 704 10.00 -5.04 26.79
N GLY A 705 11.27 -5.03 27.19
CA GLY A 705 12.04 -6.27 27.13
C GLY A 705 11.47 -7.35 28.02
N GLU A 706 11.03 -6.97 29.23
CA GLU A 706 10.40 -7.94 30.13
C GLU A 706 9.09 -8.47 29.55
N THR A 707 8.31 -7.60 28.91
CA THR A 707 7.07 -8.05 28.28
C THR A 707 7.35 -9.05 27.16
N CYS A 708 8.35 -8.77 26.32
CA CYS A 708 8.71 -9.72 25.26
C CYS A 708 9.21 -11.03 25.85
N ASN A 709 9.98 -10.96 26.93
CA ASN A 709 10.45 -12.18 27.60
C ASN A 709 9.27 -13.01 28.10
N GLN A 710 8.29 -12.35 28.73
CA GLN A 710 7.11 -13.07 29.19
C GLN A 710 6.36 -13.71 28.03
N ILE A 711 6.26 -13.00 26.90
CA ILE A 711 5.58 -13.55 25.74
C ILE A 711 6.29 -14.79 25.23
N PHE A 712 7.62 -14.77 25.20
CA PHE A 712 8.38 -15.88 24.63
C PHE A 712 8.64 -17.00 25.63
N GLY A 713 8.26 -16.85 26.89
CA GLY A 713 8.43 -17.91 27.86
C GLY A 713 9.82 -18.02 28.46
N LEU A 714 10.66 -17.01 28.26
CA LEU A 714 12.03 -16.98 28.77
C LEU A 714 12.24 -15.68 29.55
N ASN A 715 13.47 -15.47 30.02
CA ASN A 715 13.76 -14.30 30.83
C ASN A 715 15.11 -13.70 30.49
N LYS A 716 15.16 -12.36 30.54
CA LYS A 716 16.37 -11.55 30.39
C LYS A 716 17.21 -11.93 29.16
N LEU A 717 16.55 -12.19 28.03
CA LEU A 717 17.26 -12.29 26.76
C LEU A 717 17.24 -10.97 26.02
N PHE A 718 16.08 -10.30 25.98
CA PHE A 718 15.92 -9.08 25.20
C PHE A 718 16.45 -7.85 25.93
N ASN A 719 17.00 -8.01 27.12
CA ASN A 719 17.63 -6.92 27.86
C ASN A 719 19.13 -7.12 28.01
N TRP A 720 19.77 -7.77 27.03
CA TRP A 720 21.18 -8.13 27.12
C TRP A 720 22.12 -6.98 26.85
N LEU A 721 21.65 -5.85 26.30
CA LEU A 721 22.56 -4.84 25.78
C LEU A 721 23.15 -3.95 26.88
N HIS A 722 22.30 -3.19 27.56
CA HIS A 722 22.74 -2.18 28.51
C HIS A 722 23.48 -2.76 29.73
N PRO A 723 23.00 -3.84 30.35
CA PRO A 723 23.77 -4.42 31.47
C PRO A 723 25.17 -4.85 31.07
N ARG A 724 25.34 -5.36 29.84
CA ARG A 724 26.67 -5.74 29.39
C ARG A 724 27.52 -4.52 29.06
N LEU A 725 26.92 -3.51 28.40
CA LEU A 725 27.69 -2.37 27.92
C LEU A 725 28.07 -1.42 29.04
N GLU A 726 27.30 -1.36 30.13
CA GLU A 726 27.52 -0.34 31.16
C GLU A 726 28.86 -0.51 31.87
N GLY A 727 29.53 -1.65 31.71
CA GLY A 727 30.83 -1.85 32.33
C GLY A 727 31.90 -2.30 31.34
N SER A 728 31.82 -1.79 30.11
CA SER A 728 32.77 -2.14 29.06
C SER A 728 33.38 -0.88 28.48
N THR A 729 34.44 -1.09 27.70
CA THR A 729 35.18 0.00 27.06
C THR A 729 35.12 -0.19 25.54
N ILE A 730 34.87 0.89 24.82
CA ILE A 730 34.75 0.88 23.37
C ILE A 730 35.89 1.69 22.78
N TYR A 731 36.48 1.19 21.70
CA TYR A 731 37.54 1.89 21.01
C TYR A 731 37.26 1.88 19.51
N VAL A 732 37.58 2.99 18.85
CA VAL A 732 37.36 3.13 17.41
C VAL A 732 38.54 2.47 16.71
N GLY A 733 38.33 1.28 16.17
CA GLY A 733 39.40 0.52 15.57
C GLY A 733 39.64 0.83 14.11
N ASP A 734 40.63 1.67 13.83
CA ASP A 734 41.03 1.98 12.47
C ASP A 734 42.49 1.61 12.27
N PRO A 735 42.84 0.81 11.26
CA PRO A 735 44.22 0.33 11.13
C PRO A 735 45.23 1.44 10.93
N TYR A 736 44.83 2.61 10.44
CA TYR A 736 45.75 3.70 10.17
C TYR A 736 45.63 4.83 11.19
N CYS A 737 45.09 4.55 12.37
CA CYS A 737 45.08 5.48 13.49
C CYS A 737 45.51 4.72 14.74
N PRO A 738 46.78 4.32 14.80
CA PRO A 738 47.23 3.45 15.89
C PRO A 738 47.42 4.24 17.18
N PRO A 739 47.47 3.57 18.33
CA PRO A 739 47.80 4.25 19.57
C PRO A 739 49.30 4.48 19.70
N SER A 740 49.64 5.46 20.53
CA SER A 740 51.03 5.85 20.74
C SER A 740 51.69 5.07 21.87
N ASP A 741 51.17 3.88 22.19
CA ASP A 741 51.76 3.07 23.26
C ASP A 741 53.08 2.47 22.82
N LYS A 742 54.05 2.48 23.73
CA LYS A 742 55.33 1.83 23.48
C LYS A 742 55.33 0.36 23.84
N GLU A 743 54.46 -0.05 24.77
CA GLU A 743 54.34 -1.44 25.17
C GLU A 743 52.87 -1.77 25.34
N HIS A 744 52.55 -3.06 25.29
CA HIS A 744 51.16 -3.49 25.39
C HIS A 744 50.55 -3.04 26.71
N ILE A 745 49.36 -2.47 26.63
CA ILE A 745 48.66 -1.92 27.78
C ILE A 745 47.22 -2.42 27.76
N SER A 746 46.72 -2.83 28.93
CA SER A 746 45.36 -3.30 29.03
C SER A 746 44.38 -2.20 28.62
N LEU A 747 43.25 -2.61 28.04
CA LEU A 747 42.35 -1.66 27.38
C LEU A 747 41.80 -0.64 28.37
N GLU A 748 41.44 -1.07 29.57
CA GLU A 748 40.82 -0.19 30.54
C GLU A 748 41.80 0.75 31.24
N ASP A 749 43.06 0.77 30.83
CA ASP A 749 44.04 1.64 31.48
C ASP A 749 44.22 2.98 30.76
N HIS A 750 43.81 3.07 29.50
CA HIS A 750 43.94 4.33 28.77
C HIS A 750 42.98 5.37 29.33
N PRO A 751 43.33 6.65 29.26
CA PRO A 751 42.46 7.69 29.82
C PRO A 751 41.24 7.93 28.95
N ASP A 752 40.29 8.68 29.52
CA ASP A 752 39.02 8.98 28.84
C ASP A 752 39.23 10.13 27.86
N SER A 753 40.00 9.84 26.82
CA SER A 753 40.26 10.79 25.75
C SER A 753 40.64 9.99 24.51
N GLY A 754 41.15 10.68 23.48
CA GLY A 754 41.49 10.01 22.25
C GLY A 754 40.26 9.41 21.62
N PHE A 755 40.34 8.13 21.26
CA PHE A 755 39.24 7.41 20.64
C PHE A 755 38.70 6.29 21.52
N TYR A 756 38.66 6.51 22.83
CA TYR A 756 38.12 5.56 23.78
C TYR A 756 36.86 6.12 24.43
N VAL A 757 35.87 5.25 24.60
CA VAL A 757 34.64 5.57 25.32
C VAL A 757 34.53 4.60 26.50
N HIS A 758 34.49 5.15 27.70
CA HIS A 758 34.53 4.36 28.92
C HIS A 758 33.16 4.35 29.58
N ASN A 759 32.66 3.15 29.87
CA ASN A 759 31.37 2.94 30.53
C ASN A 759 30.25 3.67 29.79
N PRO A 760 29.89 3.24 28.58
CA PRO A 760 28.79 3.89 27.87
C PRO A 760 27.45 3.55 28.50
N ARG A 761 26.48 4.44 28.30
CA ARG A 761 25.13 4.24 28.78
C ARG A 761 24.14 3.94 27.66
N GLY A 762 24.16 4.73 26.58
CA GLY A 762 23.22 4.56 25.51
C GLY A 762 23.46 3.31 24.69
N GLY A 763 22.62 3.14 23.68
CA GLY A 763 22.67 1.97 22.82
C GLY A 763 23.75 2.06 21.76
N ILE A 764 23.70 1.11 20.84
CA ILE A 764 24.65 1.01 19.74
C ILE A 764 23.87 0.99 18.43
N GLU A 765 24.38 1.70 17.43
CA GLU A 765 23.73 1.81 16.13
C GLU A 765 23.54 0.45 15.49
N GLY A 766 22.28 0.03 15.33
CA GLY A 766 21.96 -1.21 14.68
C GLY A 766 21.72 -2.40 15.58
N PHE A 767 21.66 -2.19 16.89
CA PHE A 767 21.45 -3.28 17.85
C PHE A 767 20.12 -3.08 18.54
N CYS A 768 19.34 -4.17 18.65
CA CYS A 768 17.99 -4.16 19.22
C CYS A 768 17.18 -2.97 18.75
N GLN A 769 17.21 -2.75 17.43
CA GLN A 769 16.48 -1.63 16.84
C GLN A 769 14.98 -1.89 16.76
N LYS A 770 14.58 -3.17 16.67
CA LYS A 770 13.14 -3.48 16.57
C LYS A 770 12.40 -3.03 17.82
N LEU A 771 12.97 -3.29 19.00
CA LEU A 771 12.33 -2.87 20.23
C LEU A 771 12.21 -1.36 20.30
N TRP A 772 13.24 -0.64 19.85
CA TRP A 772 13.17 0.81 19.82
C TRP A 772 12.08 1.29 18.87
N THR A 773 11.93 0.63 17.71
CA THR A 773 10.87 0.99 16.79
C THR A 773 9.49 0.80 17.42
N LEU A 774 9.30 -0.33 18.11
CA LEU A 774 8.00 -0.57 18.76
C LEU A 774 7.73 0.46 19.84
N ILE A 775 8.75 0.80 20.64
CA ILE A 775 8.57 1.82 21.68
C ILE A 775 8.22 3.16 21.06
N SER A 776 8.87 3.51 19.94
CA SER A 776 8.57 4.77 19.27
C SER A 776 7.14 4.79 18.74
N ILE A 777 6.67 3.68 18.18
CA ILE A 777 5.28 3.61 17.70
C ILE A 777 4.32 3.80 18.86
N SER A 778 4.58 3.14 19.98
CA SER A 778 3.73 3.29 21.16
C SER A 778 3.72 4.73 21.65
N ALA A 779 4.88 5.38 21.66
CA ALA A 779 4.95 6.77 22.09
C ALA A 779 4.17 7.69 21.16
N ILE A 780 4.24 7.43 19.85
CA ILE A 780 3.50 8.22 18.88
C ILE A 780 1.99 8.09 19.13
N HIS A 781 1.53 6.84 19.34
CA HIS A 781 0.11 6.63 19.58
C HIS A 781 -0.33 7.28 20.88
N LEU A 782 0.49 7.20 21.93
CA LEU A 782 0.16 7.88 23.18
C LEU A 782 0.07 9.38 22.99
N ALA A 783 1.01 9.97 22.24
CA ALA A 783 0.98 11.40 22.01
C ALA A 783 -0.26 11.81 21.21
N ALA A 784 -0.70 10.95 20.28
CA ALA A 784 -1.92 11.25 19.54
C ALA A 784 -3.15 11.17 20.43
N VAL A 785 -3.24 10.12 21.26
CA VAL A 785 -4.41 9.94 22.11
C VAL A 785 -4.48 11.00 23.20
N ARG A 786 -3.31 11.52 23.63
CA ARG A 786 -3.26 12.43 24.76
C ARG A 786 -4.11 13.67 24.55
N ILE A 787 -4.29 14.10 23.30
CA ILE A 787 -5.10 15.29 23.02
C ILE A 787 -6.40 14.96 22.29
N GLY A 788 -6.54 13.75 21.73
CA GLY A 788 -7.76 13.33 21.10
C GLY A 788 -7.70 13.17 19.60
N VAL A 789 -6.64 13.66 18.95
CA VAL A 789 -6.52 13.57 17.50
C VAL A 789 -6.26 12.12 17.10
N ARG A 790 -6.41 11.81 15.82
CA ARG A 790 -6.13 10.49 15.29
C ARG A 790 -5.03 10.59 14.25
N VAL A 791 -4.08 9.66 14.30
CA VAL A 791 -2.92 9.65 13.41
C VAL A 791 -2.73 8.26 12.85
N THR A 792 -2.08 8.19 11.69
CA THR A 792 -1.60 6.94 11.13
C THR A 792 -0.14 7.14 10.73
N ALA A 793 0.71 6.20 11.10
CA ALA A 793 2.15 6.43 11.03
C ALA A 793 2.83 5.40 10.15
N MET A 794 4.11 5.68 9.86
CA MET A 794 5.01 4.73 9.22
C MET A 794 6.40 5.04 9.75
N VAL A 795 6.97 4.11 10.50
CA VAL A 795 8.21 4.34 11.23
C VAL A 795 9.22 3.26 10.85
N GLN A 796 10.43 3.67 10.47
CA GLN A 796 11.55 2.76 10.32
C GLN A 796 12.76 3.40 11.01
N GLY A 797 13.27 2.73 12.04
CA GLY A 797 14.39 3.26 12.78
C GLY A 797 14.16 4.67 13.28
N ASP A 798 14.89 5.62 12.70
CA ASP A 798 14.75 7.03 13.06
C ASP A 798 13.70 7.75 12.23
N ASN A 799 13.53 7.37 10.97
CA ASN A 799 12.66 8.08 10.05
C ASN A 799 11.21 7.71 10.33
N GLN A 800 10.41 8.67 10.77
CA GLN A 800 9.00 8.44 11.04
C GLN A 800 8.16 9.49 10.34
N ALA A 801 7.14 9.04 9.60
CA ALA A 801 6.20 9.92 8.92
C ALA A 801 4.81 9.65 9.46
N ILE A 802 4.17 10.69 10.01
CA ILE A 802 2.88 10.57 10.68
C ILE A 802 1.89 11.47 9.96
N ALA A 803 0.78 10.89 9.52
CA ALA A 803 -0.31 11.65 8.92
C ALA A 803 -1.41 11.83 9.96
N VAL A 804 -1.66 13.08 10.34
CA VAL A 804 -2.71 13.41 11.29
C VAL A 804 -4.00 13.62 10.51
N THR A 805 -5.01 12.81 10.80
CA THR A 805 -6.27 12.85 10.07
C THR A 805 -7.34 13.54 10.91
N THR A 806 -8.22 14.25 10.22
CA THR A 806 -9.30 14.99 10.87
C THR A 806 -10.51 14.98 9.95
N ARG A 807 -11.70 14.89 10.55
CA ARG A 807 -12.95 14.92 9.81
C ARG A 807 -13.45 16.35 9.71
N VAL A 808 -13.69 16.80 8.48
CA VAL A 808 -14.11 18.17 8.21
C VAL A 808 -15.37 18.14 7.36
N PRO A 809 -16.21 19.17 7.39
CA PRO A 809 -17.36 19.22 6.48
C PRO A 809 -16.90 19.23 5.03
N ASN A 810 -17.63 18.52 4.19
CA ASN A 810 -17.29 18.40 2.78
C ASN A 810 -17.87 19.51 1.92
N ASN A 811 -18.63 20.44 2.51
CA ASN A 811 -19.11 21.60 1.77
C ASN A 811 -18.10 22.74 1.72
N TYR A 812 -17.01 22.65 2.48
CA TYR A 812 -15.98 23.68 2.49
C TYR A 812 -15.13 23.58 1.23
N ASP A 813 -14.13 24.45 1.14
CA ASP A 813 -13.19 24.43 0.04
C ASP A 813 -11.82 23.94 0.51
N TYR A 814 -10.88 23.85 -0.43
CA TYR A 814 -9.59 23.23 -0.16
C TYR A 814 -8.80 23.98 0.91
N ARG A 815 -8.66 25.29 0.74
CA ARG A 815 -7.79 26.06 1.63
C ARG A 815 -8.29 26.05 3.06
N ILE A 816 -9.61 26.16 3.27
CA ILE A 816 -10.14 26.18 4.63
C ILE A 816 -9.95 24.82 5.29
N LYS A 817 -10.15 23.73 4.54
CA LYS A 817 -9.91 22.40 5.10
C LYS A 817 -8.46 22.24 5.52
N LYS A 818 -7.52 22.67 4.67
CA LYS A 818 -6.12 22.56 5.02
C LYS A 818 -5.77 23.40 6.24
N GLU A 819 -6.32 24.62 6.32
CA GLU A 819 -6.07 25.46 7.49
C GLU A 819 -6.68 24.88 8.75
N ILE A 820 -7.79 24.13 8.62
CA ILE A 820 -8.36 23.46 9.77
C ILE A 820 -7.46 22.35 10.27
N VAL A 821 -6.97 21.50 9.35
CA VAL A 821 -6.13 20.39 9.77
C VAL A 821 -4.78 20.87 10.28
N TYR A 822 -4.30 22.01 9.79
CA TYR A 822 -3.03 22.55 10.28
C TYR A 822 -3.07 22.85 11.77
N LYS A 823 -4.23 23.26 12.29
CA LYS A 823 -4.35 23.50 13.72
C LYS A 823 -4.15 22.22 14.51
N ASP A 824 -4.76 21.12 14.05
CA ASP A 824 -4.57 19.83 14.72
C ASP A 824 -3.11 19.41 14.67
N VAL A 825 -2.44 19.63 13.53
CA VAL A 825 -1.05 19.23 13.41
C VAL A 825 -0.17 20.05 14.36
N VAL A 826 -0.37 21.37 14.40
CA VAL A 826 0.45 22.20 15.27
C VAL A 826 0.14 21.94 16.73
N ARG A 827 -1.07 21.45 17.05
CA ARG A 827 -1.40 21.09 18.42
C ARG A 827 -0.89 19.71 18.81
N PHE A 828 -0.70 18.81 17.85
CA PHE A 828 -0.15 17.48 18.12
C PHE A 828 1.38 17.49 18.14
N PHE A 829 2.00 18.45 17.46
CA PHE A 829 3.46 18.53 17.45
C PHE A 829 4.01 18.76 18.86
N ASP A 830 3.39 19.67 19.62
CA ASP A 830 3.84 19.94 20.98
C ASP A 830 3.63 18.73 21.88
N SER A 831 2.52 18.01 21.70
CA SER A 831 2.30 16.79 22.48
C SER A 831 3.36 15.75 22.18
N LEU A 832 3.72 15.57 20.91
CA LEU A 832 4.77 14.62 20.57
C LEU A 832 6.10 15.06 21.16
N ARG A 833 6.39 16.36 21.14
CA ARG A 833 7.63 16.85 21.74
C ARG A 833 7.66 16.54 23.23
N GLU A 834 6.55 16.79 23.93
CA GLU A 834 6.52 16.53 25.36
C GLU A 834 6.66 15.05 25.68
N VAL A 835 6.02 14.18 24.89
CA VAL A 835 6.13 12.75 25.12
C VAL A 835 7.57 12.27 24.90
N MET A 836 8.19 12.72 23.80
CA MET A 836 9.56 12.30 23.52
C MET A 836 10.53 12.86 24.55
N ASP A 837 10.28 14.05 25.08
CA ASP A 837 11.11 14.56 26.16
C ASP A 837 10.90 13.76 27.45
N ASP A 838 9.68 13.28 27.68
CA ASP A 838 9.44 12.44 28.84
C ASP A 838 10.19 11.12 28.72
N LEU A 839 10.23 10.54 27.53
CA LEU A 839 10.97 9.30 27.31
C LEU A 839 12.48 9.51 27.19
N GLY A 840 12.98 10.72 27.47
CA GLY A 840 14.40 10.98 27.46
C GLY A 840 14.96 11.49 26.15
N HIS A 841 14.24 11.31 25.05
CA HIS A 841 14.71 11.74 23.75
C HIS A 841 14.50 13.25 23.60
N GLU A 842 14.68 13.76 22.38
CA GLU A 842 14.46 15.17 22.10
C GLU A 842 14.06 15.32 20.64
N LEU A 843 12.85 15.79 20.40
CA LEU A 843 12.39 16.14 19.07
C LEU A 843 12.89 17.54 18.76
N LYS A 844 13.93 17.63 17.93
CA LYS A 844 14.53 18.92 17.63
C LYS A 844 13.51 19.84 16.96
N LEU A 845 13.47 21.08 17.43
CA LEU A 845 12.33 21.96 17.12
C LEU A 845 12.33 22.45 15.68
N ASN A 846 13.50 22.77 15.12
CA ASN A 846 13.58 23.46 13.85
C ASN A 846 13.88 22.56 12.66
N GLU A 847 14.06 21.25 12.87
CA GLU A 847 14.38 20.34 11.79
C GLU A 847 13.31 19.27 11.64
N THR A 848 12.06 19.67 11.73
CA THR A 848 10.92 18.78 11.57
C THR A 848 10.10 19.27 10.38
N ILE A 849 9.73 18.35 9.49
CA ILE A 849 9.12 18.70 8.22
C ILE A 849 7.61 18.56 8.36
N ILE A 850 6.92 19.69 8.49
CA ILE A 850 5.47 19.75 8.51
C ILE A 850 5.01 20.14 7.11
N SER A 851 4.14 19.32 6.51
CA SER A 851 3.70 19.59 5.16
C SER A 851 2.22 19.24 5.01
N SER A 852 1.61 19.79 3.97
CA SER A 852 0.23 19.50 3.64
C SER A 852 0.09 18.51 2.49
N LYS A 853 1.16 18.27 1.72
CA LYS A 853 1.07 17.39 0.57
C LYS A 853 2.13 16.31 0.57
N MET A 854 3.31 16.60 1.11
CA MET A 854 4.46 15.71 0.95
C MET A 854 4.93 15.16 2.29
N PHE A 855 5.46 13.94 2.22
CA PHE A 855 6.22 13.37 3.33
C PHE A 855 7.33 12.51 2.77
N ILE A 856 8.44 12.42 3.52
CA ILE A 856 9.64 11.73 3.07
C ILE A 856 9.76 10.40 3.78
N TYR A 857 9.90 9.32 3.01
CA TYR A 857 10.12 7.99 3.53
C TYR A 857 11.10 7.26 2.61
N SER A 858 12.09 6.58 3.21
CA SER A 858 13.12 5.87 2.46
C SER A 858 13.82 6.78 1.47
N LYS A 859 14.06 8.03 1.89
CA LYS A 859 14.70 9.06 1.07
C LYS A 859 13.93 9.35 -0.21
N ARG A 860 12.64 9.06 -0.24
CA ARG A 860 11.77 9.38 -1.37
C ARG A 860 10.63 10.25 -0.89
N ILE A 861 10.24 11.22 -1.72
CA ILE A 861 9.20 12.17 -1.37
C ILE A 861 7.88 11.73 -1.99
N TYR A 862 6.85 11.60 -1.17
CA TYR A 862 5.50 11.35 -1.64
C TYR A 862 4.72 12.66 -1.59
N TYR A 863 4.15 13.05 -2.73
CA TYR A 863 3.58 14.38 -2.92
C TYR A 863 2.23 14.23 -3.59
N ASP A 864 1.15 14.46 -2.84
CA ASP A 864 -0.22 14.40 -3.37
C ASP A 864 -0.51 13.05 -4.00
N GLY A 865 0.02 11.99 -3.41
CA GLY A 865 -0.19 10.65 -3.92
C GLY A 865 0.75 10.22 -5.02
N ARG A 866 1.67 11.09 -5.45
CA ARG A 866 2.62 10.75 -6.49
C ARG A 866 4.04 10.84 -5.94
N ILE A 867 4.93 10.02 -6.50
CA ILE A 867 6.32 9.95 -6.06
C ILE A 867 7.15 10.85 -6.98
N LEU A 868 7.78 11.84 -6.40
CA LEU A 868 8.66 12.72 -7.18
C LEU A 868 9.86 11.92 -7.69
N PRO A 869 10.30 12.15 -8.91
CA PRO A 869 11.27 11.24 -9.53
C PRO A 869 12.71 11.54 -9.11
N GLN A 870 13.50 10.47 -9.04
CA GLN A 870 14.94 10.54 -8.86
C GLN A 870 15.55 9.69 -9.97
N ALA A 871 15.73 10.30 -11.14
CA ALA A 871 16.18 9.57 -12.31
C ALA A 871 17.69 9.55 -12.46
N LEU A 872 18.35 10.66 -12.11
CA LEU A 872 19.79 10.77 -12.31
C LEU A 872 20.61 9.95 -11.32
N LYS A 873 20.03 9.60 -10.17
CA LYS A 873 20.76 8.80 -9.19
C LYS A 873 21.07 7.41 -9.73
N ALA A 874 20.11 6.77 -10.38
CA ALA A 874 20.34 5.47 -10.97
C ALA A 874 21.16 5.53 -12.25
N LEU A 875 21.33 6.73 -12.82
CA LEU A 875 22.20 6.90 -13.98
C LEU A 875 23.65 7.15 -13.59
N SER A 876 23.88 7.82 -12.46
CA SER A 876 25.23 8.10 -12.00
C SER A 876 26.00 6.83 -11.62
N ARG A 877 25.31 5.70 -11.45
CA ARG A 877 25.95 4.44 -11.10
C ARG A 877 26.00 3.49 -12.29
N CYS A 878 26.01 4.02 -13.51
CA CYS A 878 26.19 3.21 -14.72
C CYS A 878 27.66 3.12 -15.11
N VAL A 879 28.49 2.71 -14.15
CA VAL A 879 29.93 2.63 -14.39
C VAL A 879 30.26 1.33 -15.11
N PHE A 880 31.42 1.33 -15.80
CA PHE A 880 31.79 0.21 -16.63
C PHE A 880 31.96 -1.07 -15.81
N TRP A 881 32.95 -1.08 -14.91
CA TRP A 881 33.19 -2.24 -14.06
C TRP A 881 32.44 -2.04 -12.75
N SER A 882 31.14 -2.32 -12.80
CA SER A 882 30.23 -2.04 -11.69
C SER A 882 29.94 -3.33 -10.92
N GLU A 883 30.37 -3.37 -9.67
CA GLU A 883 30.03 -4.44 -8.73
C GLU A 883 30.37 -5.82 -9.30
N THR A 884 31.64 -5.97 -9.67
CA THR A 884 32.16 -7.23 -10.18
C THR A 884 33.26 -7.74 -9.25
N VAL A 885 33.16 -9.01 -8.85
CA VAL A 885 34.21 -9.59 -8.03
C VAL A 885 35.51 -9.70 -8.82
N ILE A 886 35.41 -10.09 -10.09
CA ILE A 886 36.54 -10.10 -11.02
C ILE A 886 36.10 -9.41 -12.29
N ASP A 887 37.09 -8.95 -13.06
CA ASP A 887 36.81 -8.19 -14.28
C ASP A 887 36.26 -9.12 -15.34
N GLU A 888 34.93 -9.15 -15.46
CA GLU A 888 34.25 -9.95 -16.46
C GLU A 888 33.16 -9.13 -17.13
N THR A 889 32.84 -9.50 -18.37
CA THR A 889 31.87 -8.73 -19.15
C THR A 889 30.44 -9.00 -18.69
N ARG A 890 30.13 -10.25 -18.35
CA ARG A 890 28.75 -10.63 -18.06
C ARG A 890 28.20 -9.86 -16.87
N SER A 891 28.92 -9.85 -15.75
CA SER A 891 28.42 -9.18 -14.56
C SER A 891 28.36 -7.67 -14.76
N ALA A 892 29.34 -7.10 -15.45
CA ALA A 892 29.34 -5.67 -15.71
C ALA A 892 28.12 -5.27 -16.55
N SER A 893 27.83 -6.05 -17.59
CA SER A 893 26.68 -5.75 -18.42
C SER A 893 25.38 -5.96 -17.66
N SER A 894 25.33 -6.97 -16.78
CA SER A 894 24.14 -7.18 -15.97
C SER A 894 23.87 -5.99 -15.06
N ASN A 895 24.91 -5.49 -14.41
CA ASN A 895 24.73 -4.34 -13.53
C ASN A 895 24.41 -3.08 -14.31
N LEU A 896 24.96 -2.92 -15.52
CA LEU A 896 24.58 -1.80 -16.36
C LEU A 896 23.10 -1.85 -16.73
N ALA A 897 22.63 -3.03 -17.14
CA ALA A 897 21.23 -3.18 -17.50
C ALA A 897 20.32 -2.94 -16.30
N THR A 898 20.71 -3.44 -15.13
CA THR A 898 19.91 -3.21 -13.93
C THR A 898 19.85 -1.73 -13.58
N SER A 899 20.99 -1.03 -13.66
CA SER A 899 21.00 0.39 -13.36
C SER A 899 20.13 1.18 -14.33
N PHE A 900 20.19 0.83 -15.62
CA PHE A 900 19.37 1.54 -16.59
C PHE A 900 17.88 1.24 -16.42
N ALA A 901 17.53 0.00 -16.06
CA ALA A 901 16.14 -0.32 -15.80
C ALA A 901 15.63 0.45 -14.57
N LYS A 902 16.46 0.55 -13.54
CA LYS A 902 16.08 1.32 -12.37
C LYS A 902 15.90 2.79 -12.71
N ALA A 903 16.78 3.34 -13.55
CA ALA A 903 16.62 4.72 -14.00
C ALA A 903 15.34 4.89 -14.81
N ILE A 904 15.01 3.91 -15.65
CA ILE A 904 13.77 3.97 -16.43
C ILE A 904 12.56 4.00 -15.51
N GLU A 905 12.54 3.13 -14.51
CA GLU A 905 11.39 3.09 -13.61
C GLU A 905 11.41 4.18 -12.55
N ASN A 906 12.48 4.97 -12.46
CA ASN A 906 12.48 6.14 -11.59
C ASN A 906 12.08 7.43 -12.29
N GLY A 907 11.74 7.37 -13.59
CA GLY A 907 11.29 8.56 -14.28
C GLY A 907 12.07 8.94 -15.51
N TYR A 908 12.73 7.97 -16.14
CA TYR A 908 13.44 8.21 -17.39
C TYR A 908 12.63 7.65 -18.55
N SER A 909 12.82 8.23 -19.73
CA SER A 909 12.06 7.82 -20.90
C SER A 909 12.51 6.43 -21.34
N PRO A 910 11.58 5.49 -21.52
CA PRO A 910 11.99 4.12 -21.89
C PRO A 910 12.79 4.03 -23.17
N VAL A 911 12.43 4.83 -24.18
CA VAL A 911 13.12 4.73 -25.47
C VAL A 911 14.58 5.16 -25.34
N LEU A 912 14.81 6.34 -24.75
CA LEU A 912 16.17 6.81 -24.59
C LEU A 912 16.93 5.96 -23.57
N GLY A 913 16.26 5.44 -22.55
CA GLY A 913 16.91 4.54 -21.62
C GLY A 913 17.42 3.29 -22.30
N TYR A 914 16.58 2.68 -23.15
CA TYR A 914 16.99 1.48 -23.87
C TYR A 914 18.12 1.77 -24.84
N ALA A 915 18.04 2.90 -25.57
CA ALA A 915 19.11 3.25 -26.50
C ALA A 915 20.43 3.48 -25.76
N CYS A 916 20.38 4.22 -24.64
CA CYS A 916 21.59 4.47 -23.87
C CYS A 916 22.13 3.18 -23.27
N SER A 917 21.25 2.26 -22.88
CA SER A 917 21.72 0.97 -22.37
C SER A 917 22.47 0.21 -23.45
N ILE A 918 21.95 0.19 -24.68
CA ILE A 918 22.67 -0.48 -25.75
C ILE A 918 24.01 0.19 -26.00
N PHE A 919 24.04 1.52 -26.02
CA PHE A 919 25.30 2.21 -26.30
C PHE A 919 26.33 1.94 -25.21
N LYS A 920 25.92 1.99 -23.95
CA LYS A 920 26.84 1.73 -22.86
C LYS A 920 27.30 0.28 -22.86
N ASN A 921 26.42 -0.65 -23.27
CA ASN A 921 26.85 -2.04 -23.40
C ASN A 921 27.90 -2.18 -24.49
N ILE A 922 27.74 -1.46 -25.60
CA ILE A 922 28.76 -1.50 -26.67
C ILE A 922 30.08 -0.94 -26.17
N GLN A 923 30.03 0.18 -25.45
CA GLN A 923 31.25 0.76 -24.91
C GLN A 923 31.92 -0.19 -23.92
N GLN A 924 31.12 -0.84 -23.07
CA GLN A 924 31.66 -1.81 -22.13
C GLN A 924 32.31 -2.97 -22.86
N LEU A 925 31.68 -3.47 -23.92
CA LEU A 925 32.27 -4.56 -24.70
C LEU A 925 33.61 -4.17 -25.28
N TYR A 926 33.69 -2.96 -25.87
CA TYR A 926 34.95 -2.52 -26.44
C TYR A 926 36.02 -2.36 -25.38
N ILE A 927 35.67 -1.77 -24.23
CA ILE A 927 36.66 -1.56 -23.17
C ILE A 927 37.15 -2.90 -22.64
N ALA A 928 36.22 -3.84 -22.39
CA ALA A 928 36.61 -5.13 -21.85
C ALA A 928 37.43 -5.94 -22.84
N LEU A 929 37.19 -5.78 -24.14
CA LEU A 929 37.91 -6.55 -25.14
C LEU A 929 39.22 -5.90 -25.57
N GLY A 930 39.43 -4.61 -25.24
CA GLY A 930 40.64 -3.96 -25.68
C GLY A 930 41.52 -3.34 -24.60
N MET A 931 40.94 -2.95 -23.47
CA MET A 931 41.66 -2.19 -22.46
C MET A 931 41.36 -2.76 -21.07
N ASN A 932 41.52 -4.07 -20.93
CA ASN A 932 41.35 -4.74 -19.65
C ASN A 932 42.66 -5.37 -19.18
N ILE A 933 42.79 -5.51 -17.86
CA ILE A 933 44.02 -6.04 -17.28
C ILE A 933 44.02 -7.56 -17.19
N ASN A 934 42.99 -8.21 -17.69
CA ASN A 934 42.94 -9.67 -17.69
C ASN A 934 43.97 -10.21 -18.68
N PRO A 935 44.95 -10.98 -18.23
CA PRO A 935 46.01 -11.44 -19.15
C PRO A 935 45.64 -12.67 -19.98
N THR A 936 44.46 -13.24 -19.79
CA THR A 936 44.06 -14.42 -20.54
C THR A 936 43.40 -14.07 -21.87
N ILE A 937 43.18 -12.80 -22.16
CA ILE A 937 42.58 -12.39 -23.42
C ILE A 937 43.65 -12.41 -24.50
N THR A 938 43.40 -13.17 -25.56
CA THR A 938 44.37 -13.32 -26.64
C THR A 938 44.14 -12.25 -27.71
N GLN A 939 45.18 -12.02 -28.51
CA GLN A 939 45.05 -11.11 -29.65
C GLN A 939 44.11 -11.67 -30.70
N ASN A 940 44.01 -13.00 -30.78
CA ASN A 940 43.14 -13.62 -31.79
C ASN A 940 41.69 -13.23 -31.58
N ILE A 941 41.20 -13.26 -30.34
CA ILE A 941 39.82 -12.88 -30.08
C ILE A 941 39.61 -11.40 -30.39
N LYS A 942 40.56 -10.55 -30.00
CA LYS A 942 40.40 -9.12 -30.21
C LYS A 942 40.33 -8.79 -31.69
N ASP A 943 41.27 -9.30 -32.48
CA ASP A 943 41.26 -8.97 -33.91
C ASP A 943 40.33 -9.86 -34.72
N GLN A 944 39.66 -10.83 -34.09
CA GLN A 944 38.56 -11.51 -34.73
C GLN A 944 37.25 -10.75 -34.55
N TYR A 945 37.01 -10.19 -33.36
CA TYR A 945 35.81 -9.42 -33.13
C TYR A 945 35.89 -8.02 -33.75
N PHE A 946 37.09 -7.42 -33.76
CA PHE A 946 37.22 -6.06 -34.31
C PHE A 946 37.19 -6.03 -35.83
N LYS A 947 37.73 -7.06 -36.47
CA LYS A 947 37.90 -7.06 -37.92
C LYS A 947 36.69 -7.64 -38.66
N ASN A 948 36.05 -8.66 -38.11
CA ASN A 948 34.92 -9.28 -38.79
C ASN A 948 33.74 -8.32 -38.84
N SER A 949 32.98 -8.40 -39.93
CA SER A 949 31.91 -7.45 -40.18
C SER A 949 30.69 -7.75 -39.33
N ASN A 950 30.18 -6.72 -38.64
CA ASN A 950 28.93 -6.79 -37.89
C ASN A 950 28.99 -7.89 -36.82
N TRP A 951 30.09 -7.96 -36.08
CA TRP A 951 30.21 -8.93 -34.99
C TRP A 951 29.98 -8.30 -33.62
N MET A 952 30.49 -7.09 -33.39
CA MET A 952 30.23 -6.43 -32.12
C MET A 952 28.77 -6.00 -32.01
N GLN A 953 28.17 -5.57 -33.11
CA GLN A 953 26.75 -5.25 -33.11
C GLN A 953 25.92 -6.48 -32.80
N TYR A 954 26.26 -7.62 -33.40
CA TYR A 954 25.55 -8.86 -33.09
C TYR A 954 25.74 -9.25 -31.63
N ALA A 955 26.97 -9.10 -31.11
CA ALA A 955 27.23 -9.46 -29.72
C ALA A 955 26.45 -8.58 -28.75
N SER A 956 26.30 -7.29 -29.06
CA SER A 956 25.61 -6.39 -28.18
C SER A 956 24.09 -6.43 -28.34
N LEU A 957 23.59 -6.88 -29.48
CA LEU A 957 22.14 -6.90 -29.71
C LEU A 957 21.49 -8.24 -29.39
N ILE A 958 22.19 -9.34 -29.62
CA ILE A 958 21.59 -10.66 -29.38
C ILE A 958 21.29 -10.81 -27.90
N PRO A 959 20.05 -11.14 -27.50
CA PRO A 959 19.77 -11.39 -26.09
C PRO A 959 20.60 -12.54 -25.57
N ALA A 960 21.02 -12.43 -24.31
CA ALA A 960 22.03 -13.34 -23.78
C ALA A 960 21.44 -14.70 -23.41
N SER A 961 20.13 -14.76 -23.18
CA SER A 961 19.52 -16.03 -22.83
C SER A 961 19.76 -17.08 -23.90
N VAL A 962 19.95 -16.64 -25.15
CA VAL A 962 20.29 -17.57 -26.23
C VAL A 962 21.77 -17.50 -26.62
N GLY A 963 22.55 -16.62 -25.99
CA GLY A 963 23.98 -16.63 -26.22
C GLY A 963 24.69 -15.29 -26.30
N GLY A 964 23.93 -14.19 -26.42
CA GLY A 964 24.53 -12.88 -26.61
C GLY A 964 25.03 -12.26 -25.33
N PHE A 965 25.22 -10.94 -25.38
CA PHE A 965 25.61 -10.13 -24.23
C PHE A 965 24.59 -9.04 -23.93
N ASN A 966 23.31 -9.30 -24.20
CA ASN A 966 22.25 -8.32 -23.95
C ASN A 966 21.40 -8.78 -22.77
N TYR A 967 21.33 -7.94 -21.74
CA TYR A 967 20.62 -8.23 -20.50
C TYR A 967 19.44 -7.31 -20.27
N MET A 968 18.91 -6.68 -21.32
CA MET A 968 17.72 -5.82 -21.20
C MET A 968 16.75 -6.16 -22.32
N ALA A 969 15.83 -7.08 -22.04
CA ALA A 969 14.68 -7.26 -22.92
C ALA A 969 13.81 -6.02 -22.85
N MET A 970 13.35 -5.53 -24.00
CA MET A 970 12.59 -4.29 -24.01
C MET A 970 11.25 -4.41 -23.31
N SER A 971 10.77 -5.64 -23.08
CA SER A 971 9.56 -5.81 -22.29
C SER A 971 9.76 -5.43 -20.83
N ARG A 972 11.01 -5.46 -20.35
CA ARG A 972 11.29 -5.04 -18.98
C ARG A 972 11.03 -3.56 -18.76
N CYS A 973 11.07 -2.76 -19.82
CA CYS A 973 10.86 -1.32 -19.68
C CYS A 973 9.46 -0.98 -19.21
N PHE A 974 8.52 -1.91 -19.31
CA PHE A 974 7.14 -1.69 -18.90
C PHE A 974 6.76 -2.49 -17.66
N VAL A 975 6.96 -3.81 -17.68
CA VAL A 975 6.61 -4.67 -16.55
C VAL A 975 7.89 -5.18 -15.91
N ARG A 976 7.80 -5.52 -14.63
CA ARG A 976 8.95 -6.04 -13.90
C ARG A 976 9.14 -7.54 -14.14
N ASN A 977 8.14 -8.35 -13.77
CA ASN A 977 8.23 -9.79 -13.89
C ASN A 977 7.86 -10.17 -15.33
N ILE A 978 8.88 -10.36 -16.17
CA ILE A 978 8.64 -10.70 -17.56
C ILE A 978 8.11 -12.13 -17.69
N GLY A 979 8.70 -13.05 -16.94
CA GLY A 979 8.44 -14.47 -17.13
C GLY A 979 9.75 -15.22 -17.33
N ASP A 980 9.68 -16.28 -18.15
CA ASP A 980 10.91 -16.98 -18.48
C ASP A 980 11.69 -16.18 -19.53
N PRO A 981 12.97 -15.89 -19.28
CA PRO A 981 13.70 -14.96 -20.17
C PRO A 981 13.88 -15.47 -21.59
N SER A 982 13.78 -16.78 -21.84
CA SER A 982 14.03 -17.29 -23.18
C SER A 982 12.95 -16.84 -24.15
N VAL A 983 11.68 -16.85 -23.72
CA VAL A 983 10.59 -16.42 -24.58
C VAL A 983 10.74 -14.95 -24.94
N ALA A 984 11.06 -14.11 -23.95
CA ALA A 984 11.27 -12.69 -24.21
C ALA A 984 12.47 -12.48 -25.13
N ALA A 985 13.53 -13.27 -24.94
CA ALA A 985 14.72 -13.15 -25.79
C ALA A 985 14.38 -13.47 -27.24
N LEU A 986 13.63 -14.55 -27.48
CA LEU A 986 13.31 -14.91 -28.85
C LEU A 986 12.31 -13.94 -29.46
N ALA A 987 11.38 -13.41 -28.67
CA ALA A 987 10.50 -12.37 -29.18
C ALA A 987 11.28 -11.12 -29.58
N ASP A 988 12.28 -10.74 -28.77
CA ASP A 988 13.11 -9.61 -29.11
C ASP A 988 13.96 -9.88 -30.35
N ILE A 989 14.40 -11.13 -30.54
CA ILE A 989 15.13 -11.46 -31.77
C ILE A 989 14.23 -11.30 -32.98
N LYS A 990 12.98 -11.76 -32.88
CA LYS A 990 12.03 -11.56 -33.98
C LYS A 990 11.80 -10.08 -34.25
N ARG A 991 11.67 -9.29 -33.18
CA ARG A 991 11.48 -7.85 -33.33
C ARG A 991 12.70 -7.20 -33.99
N PHE A 992 13.90 -7.64 -33.62
CA PHE A 992 15.12 -7.12 -34.22
C PHE A 992 15.16 -7.42 -35.71
N ILE A 993 14.97 -8.68 -36.09
CA ILE A 993 15.05 -9.04 -37.49
C ILE A 993 13.91 -8.44 -38.30
N LYS A 994 12.80 -8.07 -37.65
CA LYS A 994 11.72 -7.38 -38.34
C LYS A 994 12.05 -5.91 -38.57
N ALA A 995 12.90 -5.32 -37.73
CA ALA A 995 13.27 -3.91 -37.85
C ALA A 995 14.62 -3.71 -38.52
N ASN A 996 15.15 -4.75 -39.16
CA ASN A 996 16.39 -4.72 -39.95
C ASN A 996 17.64 -4.51 -39.11
N LEU A 997 17.56 -4.64 -37.79
CA LEU A 997 18.77 -4.57 -36.98
C LEU A 997 19.59 -5.85 -37.11
N LEU A 998 18.93 -7.00 -37.13
CA LEU A 998 19.55 -8.29 -37.29
C LEU A 998 19.17 -8.89 -38.64
N ASP A 999 19.57 -10.13 -38.88
CA ASP A 999 19.25 -10.83 -40.11
C ASP A 999 18.59 -12.17 -39.76
N ARG A 1000 17.94 -12.77 -40.76
CA ARG A 1000 17.32 -14.07 -40.57
C ARG A 1000 18.36 -15.14 -40.27
N SER A 1001 19.53 -15.04 -40.91
CA SER A 1001 20.59 -16.01 -40.67
C SER A 1001 21.03 -16.00 -39.21
N VAL A 1002 20.94 -14.86 -38.53
CA VAL A 1002 21.28 -14.80 -37.11
C VAL A 1002 20.35 -15.68 -36.29
N LEU A 1003 19.05 -15.59 -36.57
CA LEU A 1003 18.09 -16.44 -35.87
C LEU A 1003 18.31 -17.91 -36.22
N TYR A 1004 18.62 -18.20 -37.48
CA TYR A 1004 18.87 -19.58 -37.87
C TYR A 1004 20.08 -20.15 -37.13
N ARG A 1005 21.16 -19.36 -37.02
CA ARG A 1005 22.35 -19.79 -36.30
C ARG A 1005 22.05 -20.00 -34.82
N ILE A 1006 21.29 -19.08 -34.22
CA ILE A 1006 20.95 -19.22 -32.81
C ILE A 1006 20.14 -20.47 -32.58
N MET A 1007 19.22 -20.79 -33.49
CA MET A 1007 18.47 -22.04 -33.39
C MET A 1007 19.39 -23.25 -33.54
N ASN A 1008 20.36 -23.18 -34.44
CA ASN A 1008 21.21 -24.32 -34.76
C ASN A 1008 22.60 -24.22 -34.15
N GLN A 1009 22.72 -23.71 -32.93
CA GLN A 1009 24.01 -23.68 -32.26
C GLN A 1009 24.26 -25.05 -31.62
N GLU A 1010 25.31 -25.15 -30.78
CA GLU A 1010 25.63 -26.45 -30.22
C GLU A 1010 25.24 -26.52 -28.74
N PRO A 1011 24.79 -27.68 -28.27
CA PRO A 1011 24.40 -27.82 -26.87
C PRO A 1011 25.60 -27.94 -25.95
N GLY A 1012 25.34 -27.72 -24.66
CA GLY A 1012 26.34 -27.83 -23.63
C GLY A 1012 26.47 -29.24 -23.09
N GLU A 1013 26.88 -29.35 -21.83
CA GLU A 1013 27.08 -30.65 -21.21
C GLU A 1013 26.57 -30.67 -19.76
N SER A 1014 25.53 -29.91 -19.46
CA SER A 1014 24.98 -29.89 -18.12
C SER A 1014 24.28 -31.21 -17.80
N SER A 1015 23.94 -31.39 -16.53
CA SER A 1015 23.31 -32.61 -16.03
C SER A 1015 21.97 -32.27 -15.38
N PHE A 1016 21.32 -33.31 -14.84
CA PHE A 1016 20.00 -33.13 -14.25
C PHE A 1016 20.05 -32.23 -13.02
N LEU A 1017 21.07 -32.40 -12.17
CA LEU A 1017 21.19 -31.55 -10.98
C LEU A 1017 21.40 -30.10 -11.38
N ASP A 1018 22.24 -29.85 -12.40
CA ASP A 1018 22.46 -28.49 -12.86
C ASP A 1018 21.17 -27.91 -13.46
N TRP A 1019 20.38 -28.75 -14.13
CA TRP A 1019 19.09 -28.31 -14.63
C TRP A 1019 18.16 -27.91 -13.49
N ALA A 1020 18.13 -28.71 -12.43
CA ALA A 1020 17.27 -28.41 -11.29
C ALA A 1020 17.73 -27.15 -10.55
N SER A 1021 19.03 -26.91 -10.48
CA SER A 1021 19.53 -25.73 -9.80
C SER A 1021 19.08 -24.44 -10.48
N ASP A 1022 18.79 -24.48 -11.78
CA ASP A 1022 18.28 -23.31 -12.51
C ASP A 1022 17.47 -23.83 -13.68
N PRO A 1023 16.14 -23.84 -13.56
CA PRO A 1023 15.32 -24.52 -14.57
C PRO A 1023 15.14 -23.75 -15.86
N TYR A 1024 15.08 -22.42 -15.77
CA TYR A 1024 14.84 -21.59 -16.95
C TYR A 1024 16.00 -21.60 -17.93
N SER A 1025 17.17 -22.10 -17.54
CA SER A 1025 18.35 -22.00 -18.38
C SER A 1025 18.30 -23.00 -19.52
N CYS A 1026 18.75 -22.55 -20.69
CA CYS A 1026 19.05 -23.45 -21.79
C CYS A 1026 20.44 -24.05 -21.60
N ASN A 1027 20.74 -25.09 -22.38
CA ASN A 1027 21.99 -25.83 -22.23
C ASN A 1027 23.15 -25.10 -22.93
N LEU A 1028 23.38 -23.87 -22.49
CA LEU A 1028 24.48 -23.10 -23.05
C LEU A 1028 25.80 -23.65 -22.53
N PRO A 1029 26.77 -23.93 -23.41
CA PRO A 1029 28.05 -24.48 -22.93
C PRO A 1029 28.80 -23.48 -22.06
N GLN A 1030 29.30 -23.97 -20.93
CA GLN A 1030 30.10 -23.17 -19.99
C GLN A 1030 29.34 -21.91 -19.56
N SER A 1031 28.08 -22.08 -19.19
CA SER A 1031 27.24 -20.95 -18.80
C SER A 1031 27.20 -20.74 -17.29
N GLN A 1032 27.98 -21.48 -16.52
CA GLN A 1032 27.92 -21.37 -15.06
C GLN A 1032 28.44 -20.02 -14.60
N ASN A 1033 27.72 -19.43 -13.64
CA ASN A 1033 28.09 -18.13 -13.11
C ASN A 1033 29.36 -18.24 -12.26
N ILE A 1034 29.99 -17.08 -12.03
CA ILE A 1034 31.16 -17.05 -11.16
C ILE A 1034 30.78 -17.42 -9.74
N THR A 1035 29.66 -16.88 -9.24
CA THR A 1035 29.23 -17.21 -7.89
C THR A 1035 28.88 -18.68 -7.76
N THR A 1036 28.29 -19.27 -8.81
CA THR A 1036 28.01 -20.70 -8.79
C THR A 1036 29.30 -21.52 -8.70
N MET A 1037 30.32 -21.13 -9.46
CA MET A 1037 31.60 -21.83 -9.39
C MET A 1037 32.23 -21.70 -8.01
N ILE A 1038 32.19 -20.50 -7.43
CA ILE A 1038 32.75 -20.30 -6.10
C ILE A 1038 32.01 -21.14 -5.07
N LYS A 1039 30.67 -21.18 -5.16
CA LYS A 1039 29.88 -21.98 -4.24
C LYS A 1039 30.21 -23.47 -4.38
N ASN A 1040 30.33 -23.95 -5.62
CA ASN A 1040 30.67 -25.35 -5.82
C ASN A 1040 32.05 -25.67 -5.26
N ILE A 1041 33.02 -24.80 -5.48
CA ILE A 1041 34.37 -25.02 -4.96
C ILE A 1041 34.35 -25.05 -3.44
N THR A 1042 33.65 -24.11 -2.81
CA THR A 1042 33.56 -24.08 -1.35
C THR A 1042 32.90 -25.34 -0.81
N ALA A 1043 31.81 -25.78 -1.45
CA ALA A 1043 31.10 -26.96 -0.98
C ALA A 1043 31.95 -28.21 -1.11
N ARG A 1044 32.66 -28.36 -2.23
CA ARG A 1044 33.36 -29.62 -2.49
C ARG A 1044 34.78 -29.67 -1.95
N ASN A 1045 35.37 -28.53 -1.58
CA ASN A 1045 36.76 -28.53 -1.13
C ASN A 1045 36.95 -27.98 0.26
N VAL A 1046 36.40 -26.80 0.56
CA VAL A 1046 36.72 -26.12 1.81
C VAL A 1046 36.03 -26.80 2.99
N LEU A 1047 34.73 -27.07 2.85
CA LEU A 1047 33.92 -27.56 3.97
C LEU A 1047 33.85 -29.08 4.04
N GLN A 1048 34.86 -29.78 3.51
CA GLN A 1048 34.81 -31.23 3.52
C GLN A 1048 35.05 -31.79 4.92
N ASP A 1049 36.22 -31.51 5.49
CA ASP A 1049 36.58 -32.01 6.81
C ASP A 1049 36.64 -30.82 7.78
N SER A 1050 35.59 -30.67 8.58
CA SER A 1050 35.51 -29.60 9.56
C SER A 1050 35.02 -30.17 10.88
N PRO A 1051 35.43 -29.58 12.01
CA PRO A 1051 34.99 -30.09 13.32
C PRO A 1051 33.57 -29.70 13.68
N ASN A 1052 32.97 -28.77 12.97
CA ASN A 1052 31.61 -28.32 13.31
C ASN A 1052 30.62 -29.47 13.09
N PRO A 1053 29.75 -29.75 14.06
CA PRO A 1053 28.78 -30.85 13.86
C PRO A 1053 27.87 -30.63 12.66
N LEU A 1054 27.44 -29.39 12.42
CA LEU A 1054 26.54 -29.12 11.30
C LEU A 1054 27.21 -29.45 9.97
N LEU A 1055 28.41 -28.91 9.75
CA LEU A 1055 29.08 -29.11 8.47
C LEU A 1055 29.60 -30.54 8.32
N SER A 1056 30.02 -31.16 9.42
CA SER A 1056 30.43 -32.56 9.35
C SER A 1056 29.25 -33.45 8.98
N GLY A 1057 28.07 -33.18 9.54
CA GLY A 1057 26.89 -33.94 9.16
C GLY A 1057 26.45 -33.69 7.73
N LEU A 1058 26.50 -32.43 7.29
CA LEU A 1058 25.98 -32.08 5.98
C LEU A 1058 26.96 -32.44 4.87
N PHE A 1059 28.15 -31.83 4.88
CA PHE A 1059 29.09 -31.95 3.78
C PHE A 1059 29.91 -33.22 3.96
N THR A 1060 29.42 -34.31 3.38
CA THR A 1060 30.15 -35.56 3.36
C THR A 1060 31.04 -35.62 2.13
N ASN A 1061 31.59 -36.79 1.84
CA ASN A 1061 32.39 -37.01 0.64
C ASN A 1061 31.61 -37.68 -0.47
N THR A 1062 30.30 -37.86 -0.31
CA THR A 1062 29.49 -38.54 -1.30
C THR A 1062 28.15 -37.84 -1.51
N MET A 1063 28.08 -36.53 -1.24
CA MET A 1063 26.84 -35.81 -1.42
C MET A 1063 26.51 -35.60 -2.89
N ILE A 1064 27.52 -35.46 -3.75
CA ILE A 1064 27.28 -35.17 -5.16
C ILE A 1064 26.55 -36.32 -5.82
N GLU A 1065 26.99 -37.56 -5.57
CA GLU A 1065 26.35 -38.71 -6.18
C GLU A 1065 24.89 -38.81 -5.76
N GLU A 1066 24.62 -38.61 -4.47
CA GLU A 1066 23.24 -38.67 -3.98
C GLU A 1066 22.38 -37.58 -4.61
N ASP A 1067 22.93 -36.36 -4.74
CA ASP A 1067 22.16 -35.27 -5.32
C ASP A 1067 21.83 -35.55 -6.80
N GLU A 1068 22.83 -36.00 -7.57
CA GLU A 1068 22.56 -36.30 -8.97
C GLU A 1068 21.57 -37.45 -9.11
N GLU A 1069 21.69 -38.48 -8.26
CA GLU A 1069 20.76 -39.60 -8.35
C GLU A 1069 19.34 -39.17 -8.00
N LEU A 1070 19.19 -38.32 -6.98
CA LEU A 1070 17.86 -37.82 -6.63
C LEU A 1070 17.26 -37.00 -7.76
N ALA A 1071 18.07 -36.10 -8.33
CA ALA A 1071 17.56 -35.27 -9.43
C ALA A 1071 17.17 -36.11 -10.64
N GLU A 1072 17.99 -37.12 -10.96
CA GLU A 1072 17.67 -38.00 -12.07
C GLU A 1072 16.38 -38.77 -11.80
N PHE A 1073 16.20 -39.28 -10.58
CA PHE A 1073 14.96 -39.95 -10.23
C PHE A 1073 13.77 -39.01 -10.36
N LEU A 1074 13.97 -37.74 -10.02
CA LEU A 1074 12.87 -36.78 -10.12
C LEU A 1074 12.49 -36.47 -11.56
N MET A 1075 13.48 -36.26 -12.43
CA MET A 1075 13.18 -35.80 -13.79
C MET A 1075 13.14 -36.90 -14.83
N ASP A 1076 13.85 -38.02 -14.67
CA ASP A 1076 13.87 -39.02 -15.73
C ASP A 1076 12.54 -39.76 -15.80
N ARG A 1077 11.51 -39.08 -16.28
CA ARG A 1077 10.17 -39.63 -16.43
C ARG A 1077 9.68 -39.36 -17.85
N LYS A 1078 8.46 -39.79 -18.14
CA LYS A 1078 7.90 -39.55 -19.47
C LYS A 1078 7.59 -38.08 -19.72
N VAL A 1079 7.44 -37.29 -18.67
CA VAL A 1079 7.27 -35.85 -18.76
C VAL A 1079 8.23 -35.19 -17.77
N ILE A 1080 8.96 -34.18 -18.24
CA ILE A 1080 9.99 -33.53 -17.44
C ILE A 1080 9.43 -32.22 -16.91
N LEU A 1081 9.52 -32.03 -15.59
CA LEU A 1081 9.02 -30.84 -14.92
C LEU A 1081 10.18 -30.22 -14.14
N PRO A 1082 10.99 -29.38 -14.80
CA PRO A 1082 12.20 -28.85 -14.14
C PRO A 1082 11.93 -27.83 -13.05
N ARG A 1083 10.68 -27.44 -12.81
CA ARG A 1083 10.35 -26.49 -11.75
C ARG A 1083 9.91 -27.18 -10.47
N VAL A 1084 9.07 -28.21 -10.58
CA VAL A 1084 8.68 -29.00 -9.42
C VAL A 1084 9.91 -29.67 -8.80
N ALA A 1085 10.78 -30.23 -9.65
CA ALA A 1085 12.00 -30.85 -9.15
C ALA A 1085 12.89 -29.83 -8.47
N HIS A 1086 12.95 -28.62 -9.02
CA HIS A 1086 13.73 -27.56 -8.38
C HIS A 1086 13.19 -27.23 -7.00
N ASP A 1087 11.87 -27.12 -6.87
CA ASP A 1087 11.28 -26.84 -5.56
C ASP A 1087 11.56 -27.97 -4.57
N ILE A 1088 11.43 -29.21 -5.03
CA ILE A 1088 11.67 -30.36 -4.15
C ILE A 1088 13.12 -30.38 -3.68
N LEU A 1089 14.06 -30.12 -4.60
CA LEU A 1089 15.47 -30.07 -4.22
C LEU A 1089 15.74 -28.91 -3.27
N ASP A 1090 15.06 -27.78 -3.47
CA ASP A 1090 15.21 -26.65 -2.55
C ASP A 1090 14.76 -27.03 -1.15
N ASN A 1091 13.64 -27.75 -1.04
CA ASN A 1091 13.17 -28.17 0.27
C ASN A 1091 13.97 -29.31 0.86
N SER A 1092 14.73 -30.03 0.04
CA SER A 1092 15.51 -31.18 0.50
C SER A 1092 16.82 -30.70 1.14
N LEU A 1093 17.75 -31.64 1.36
CA LEU A 1093 19.03 -31.28 1.95
C LEU A 1093 19.86 -30.39 1.05
N THR A 1094 19.68 -30.51 -0.27
CA THR A 1094 20.46 -29.70 -1.20
C THR A 1094 20.21 -28.22 -1.00
N GLY A 1095 18.99 -27.85 -0.61
CA GLY A 1095 18.69 -26.44 -0.40
C GLY A 1095 19.50 -25.83 0.73
N ILE A 1096 19.54 -26.51 1.87
CA ILE A 1096 20.33 -25.98 2.99
C ILE A 1096 21.81 -26.10 2.71
N ARG A 1097 22.24 -27.13 1.97
CA ARG A 1097 23.65 -27.23 1.59
C ARG A 1097 24.06 -26.03 0.74
N ASN A 1098 23.24 -25.68 -0.26
CA ASN A 1098 23.54 -24.54 -1.11
C ASN A 1098 23.48 -23.24 -0.32
N ALA A 1099 22.51 -23.11 0.59
CA ALA A 1099 22.40 -21.90 1.38
C ALA A 1099 23.63 -21.69 2.26
N ILE A 1100 24.13 -22.77 2.86
CA ILE A 1100 25.33 -22.65 3.69
C ILE A 1100 26.56 -22.39 2.84
N ALA A 1101 26.72 -23.12 1.74
CA ALA A 1101 27.91 -22.99 0.91
C ALA A 1101 27.95 -21.65 0.17
N GLY A 1102 26.83 -20.97 0.00
CA GLY A 1102 26.79 -19.73 -0.70
C GLY A 1102 27.20 -18.51 0.10
N MET A 1103 27.71 -18.70 1.31
CA MET A 1103 28.11 -17.55 2.12
C MET A 1103 29.39 -16.90 1.60
N LEU A 1104 30.25 -17.67 0.93
CA LEU A 1104 31.46 -17.14 0.31
C LEU A 1104 31.13 -16.74 -1.13
N ASP A 1105 31.22 -15.45 -1.43
CA ASP A 1105 30.83 -14.93 -2.72
C ASP A 1105 31.94 -14.13 -3.42
N THR A 1106 33.10 -13.97 -2.80
CA THR A 1106 34.19 -13.20 -3.37
C THR A 1106 35.43 -14.08 -3.48
N THR A 1107 36.22 -13.82 -4.53
CA THR A 1107 37.43 -14.60 -4.76
C THR A 1107 38.47 -14.34 -3.66
N LYS A 1108 38.54 -13.11 -3.16
CA LYS A 1108 39.48 -12.80 -2.09
C LYS A 1108 39.18 -13.63 -0.84
N SER A 1109 37.92 -13.66 -0.41
CA SER A 1109 37.55 -14.45 0.75
C SER A 1109 37.74 -15.94 0.50
N LEU A 1110 37.43 -16.40 -0.72
CA LEU A 1110 37.62 -17.81 -1.04
C LEU A 1110 39.09 -18.20 -0.92
N ILE A 1111 39.98 -17.37 -1.46
CA ILE A 1111 41.41 -17.66 -1.37
C ILE A 1111 41.89 -17.61 0.08
N ARG A 1112 41.41 -16.63 0.85
CA ARG A 1112 41.81 -16.55 2.26
C ARG A 1112 41.39 -17.79 3.03
N VAL A 1113 40.14 -18.23 2.86
CA VAL A 1113 39.66 -19.42 3.55
C VAL A 1113 40.42 -20.65 3.07
N GLY A 1114 40.71 -20.73 1.77
CA GLY A 1114 41.41 -21.88 1.25
C GLY A 1114 42.83 -21.99 1.79
N ILE A 1115 43.55 -20.87 1.84
CA ILE A 1115 44.91 -20.93 2.39
C ILE A 1115 44.87 -21.16 3.90
N ASN A 1116 43.80 -20.71 4.58
CA ASN A 1116 43.68 -20.99 6.01
C ASN A 1116 43.45 -22.47 6.26
N ARG A 1117 42.62 -23.12 5.43
CA ARG A 1117 42.26 -24.52 5.63
C ARG A 1117 43.08 -25.48 4.79
N GLY A 1118 43.38 -25.14 3.55
CA GLY A 1118 44.11 -26.01 2.66
C GLY A 1118 43.19 -26.76 1.71
N GLY A 1119 43.77 -27.17 0.58
CA GLY A 1119 43.05 -27.94 -0.42
C GLY A 1119 42.76 -27.24 -1.73
N LEU A 1120 43.28 -26.02 -1.93
CA LEU A 1120 43.05 -25.26 -3.15
C LEU A 1120 44.21 -25.49 -4.13
N THR A 1121 43.88 -25.85 -5.36
CA THR A 1121 44.85 -26.12 -6.40
C THR A 1121 44.44 -25.42 -7.68
N TYR A 1122 45.44 -25.17 -8.54
CA TYR A 1122 45.18 -24.41 -9.77
C TYR A 1122 44.24 -25.16 -10.72
N SER A 1123 44.24 -26.49 -10.68
CA SER A 1123 43.36 -27.25 -11.55
C SER A 1123 41.89 -26.93 -11.27
N LEU A 1124 41.56 -26.62 -10.02
CA LEU A 1124 40.20 -26.25 -9.67
C LEU A 1124 39.86 -24.83 -10.07
N LEU A 1125 40.84 -23.92 -10.01
CA LEU A 1125 40.62 -22.50 -10.23
C LEU A 1125 40.93 -22.05 -11.65
N ARG A 1126 41.27 -22.97 -12.55
CA ARG A 1126 41.53 -22.59 -13.93
C ARG A 1126 40.28 -22.05 -14.61
N LYS A 1127 39.12 -22.63 -14.28
CA LYS A 1127 37.88 -22.21 -14.92
C LYS A 1127 37.54 -20.77 -14.57
N ILE A 1128 37.78 -20.36 -13.32
CA ILE A 1128 37.46 -19.00 -12.91
C ILE A 1128 38.29 -18.00 -13.70
N SER A 1129 39.54 -18.34 -14.01
CA SER A 1129 40.38 -17.45 -14.78
C SER A 1129 40.01 -17.46 -16.26
N ASN A 1130 39.62 -18.61 -16.80
CA ASN A 1130 39.34 -18.73 -18.22
C ASN A 1130 37.88 -18.46 -18.58
N TYR A 1131 37.05 -18.10 -17.60
CA TYR A 1131 35.62 -17.93 -17.84
C TYR A 1131 35.34 -16.94 -18.98
N ASP A 1132 35.92 -15.74 -18.91
CA ASP A 1132 35.58 -14.70 -19.88
C ASP A 1132 36.04 -15.06 -21.28
N LEU A 1133 37.27 -15.58 -21.39
CA LEU A 1133 37.77 -16.02 -22.70
C LEU A 1133 36.91 -17.14 -23.26
N VAL A 1134 36.43 -18.04 -22.40
CA VAL A 1134 35.57 -19.12 -22.87
C VAL A 1134 34.25 -18.57 -23.37
N GLN A 1135 33.70 -17.57 -22.69
CA GLN A 1135 32.47 -16.93 -23.18
C GLN A 1135 32.66 -16.34 -24.57
N TYR A 1136 33.74 -15.58 -24.74
CA TYR A 1136 34.01 -14.97 -26.04
C TYR A 1136 34.24 -16.02 -27.11
N GLU A 1137 34.97 -17.08 -26.78
CA GLU A 1137 35.21 -18.15 -27.75
C GLU A 1137 33.92 -18.85 -28.15
N THR A 1138 33.03 -19.10 -27.19
CA THR A 1138 31.77 -19.75 -27.50
C THR A 1138 30.92 -18.88 -28.42
N LEU A 1139 30.83 -17.58 -28.12
CA LEU A 1139 30.06 -16.70 -29.00
C LEU A 1139 30.67 -16.64 -30.39
N SER A 1140 32.01 -16.58 -30.47
CA SER A 1140 32.66 -16.55 -31.78
C SER A 1140 32.38 -17.83 -32.56
N ARG A 1141 32.41 -18.98 -31.87
CA ARG A 1141 32.13 -20.25 -32.54
C ARG A 1141 30.69 -20.29 -33.06
N THR A 1142 29.75 -19.74 -32.28
CA THR A 1142 28.36 -19.74 -32.73
C THR A 1142 28.15 -18.79 -33.91
N LEU A 1143 28.82 -17.63 -33.90
CA LEU A 1143 28.54 -16.58 -34.87
C LEU A 1143 29.00 -16.91 -36.28
N ARG A 1144 29.93 -17.85 -36.45
CA ARG A 1144 30.46 -18.19 -37.77
C ARG A 1144 30.01 -19.59 -38.20
N LEU A 1145 28.75 -19.93 -37.91
CA LEU A 1145 28.18 -21.21 -38.28
C LEU A 1145 27.38 -21.06 -39.59
N ILE A 1146 27.35 -22.13 -40.37
CA ILE A 1146 26.71 -22.14 -41.68
C ILE A 1146 25.31 -22.71 -41.52
N VAL A 1147 24.30 -21.95 -41.93
CA VAL A 1147 22.90 -22.35 -41.81
C VAL A 1147 22.22 -22.22 -43.16
N SER A 1148 21.13 -22.96 -43.32
CA SER A 1148 20.31 -22.93 -44.52
C SER A 1148 18.93 -22.37 -44.19
N ASP A 1149 18.23 -21.93 -45.23
CA ASP A 1149 16.91 -21.33 -45.10
C ASP A 1149 15.78 -22.32 -45.39
N LYS A 1150 16.01 -23.60 -45.08
CA LYS A 1150 14.97 -24.62 -45.32
C LYS A 1150 13.75 -24.37 -44.46
N ILE A 1151 13.95 -24.03 -43.19
CA ILE A 1151 12.86 -23.80 -42.24
C ILE A 1151 12.89 -22.34 -41.83
N ARG A 1152 11.78 -21.65 -42.00
CA ARG A 1152 11.67 -20.23 -41.67
C ARG A 1152 11.27 -20.10 -40.21
N TYR A 1153 12.23 -19.76 -39.36
CA TYR A 1153 12.00 -19.64 -37.92
C TYR A 1153 11.46 -18.27 -37.52
N GLU A 1154 11.31 -17.33 -38.46
CA GLU A 1154 10.81 -16.01 -38.14
C GLU A 1154 9.30 -15.89 -38.29
N ASP A 1155 8.62 -16.94 -38.75
CA ASP A 1155 7.18 -16.94 -38.91
C ASP A 1155 6.46 -17.68 -37.80
N MET A 1156 7.16 -18.08 -36.76
CA MET A 1156 6.58 -18.78 -35.62
C MET A 1156 6.48 -17.84 -34.43
N CYS A 1157 5.52 -18.15 -33.55
CA CYS A 1157 5.38 -17.39 -32.32
C CYS A 1157 6.58 -17.67 -31.41
N SER A 1158 6.91 -16.69 -30.56
CA SER A 1158 8.08 -16.82 -29.71
C SER A 1158 7.98 -18.01 -28.77
N VAL A 1159 6.76 -18.38 -28.36
CA VAL A 1159 6.58 -19.54 -27.50
C VAL A 1159 6.98 -20.82 -28.23
N ASP A 1160 6.55 -20.97 -29.49
CA ASP A 1160 6.94 -22.14 -30.26
C ASP A 1160 8.44 -22.17 -30.49
N LEU A 1161 9.05 -21.01 -30.73
CA LEU A 1161 10.49 -20.94 -30.91
C LEU A 1161 11.23 -21.37 -29.65
N ALA A 1162 10.77 -20.91 -28.49
CA ALA A 1162 11.39 -21.32 -27.24
C ALA A 1162 11.22 -22.81 -26.99
N ILE A 1163 10.06 -23.35 -27.32
CA ILE A 1163 9.83 -24.78 -27.15
C ILE A 1163 10.80 -25.57 -28.03
N ALA A 1164 10.95 -25.15 -29.29
CA ALA A 1164 11.87 -25.85 -30.19
C ALA A 1164 13.31 -25.73 -29.71
N LEU A 1165 13.71 -24.54 -29.22
CA LEU A 1165 15.06 -24.35 -28.73
C LEU A 1165 15.35 -25.25 -27.53
N ARG A 1166 14.43 -25.30 -26.58
CA ARG A 1166 14.64 -26.14 -25.41
C ARG A 1166 14.61 -27.62 -25.76
N GLN A 1167 13.83 -28.00 -26.78
CA GLN A 1167 13.87 -29.37 -27.25
C GLN A 1167 15.23 -29.71 -27.88
N LYS A 1168 15.80 -28.76 -28.62
CA LYS A 1168 17.06 -29.04 -29.32
C LYS A 1168 18.25 -29.05 -28.36
N MET A 1169 18.29 -28.12 -27.41
CA MET A 1169 19.46 -28.01 -26.54
C MET A 1169 19.60 -29.20 -25.61
N TRP A 1170 18.49 -29.67 -25.04
CA TRP A 1170 18.52 -30.74 -24.05
C TRP A 1170 18.30 -32.11 -24.66
N ILE A 1171 18.75 -32.32 -25.90
CA ILE A 1171 18.44 -33.57 -26.60
C ILE A 1171 19.15 -34.76 -25.95
N HIS A 1172 20.29 -34.54 -25.29
CA HIS A 1172 21.01 -35.66 -24.70
C HIS A 1172 20.36 -36.12 -23.40
N LEU A 1173 19.80 -35.19 -22.62
CA LEU A 1173 19.11 -35.57 -21.39
C LEU A 1173 17.67 -35.98 -21.67
N SER A 1174 16.87 -35.05 -22.21
CA SER A 1174 15.44 -35.31 -22.37
C SER A 1174 15.18 -36.36 -23.44
N GLY A 1175 15.90 -36.30 -24.55
CA GLY A 1175 15.55 -37.16 -25.65
C GLY A 1175 14.29 -36.68 -26.34
N GLY A 1176 13.48 -37.64 -26.81
CA GLY A 1176 12.26 -37.30 -27.50
C GLY A 1176 11.12 -36.84 -26.60
N ARG A 1177 11.29 -36.93 -25.29
CA ARG A 1177 10.23 -36.57 -24.36
C ARG A 1177 10.07 -35.05 -24.30
N MET A 1178 9.03 -34.61 -23.59
CA MET A 1178 8.61 -33.23 -23.59
C MET A 1178 8.98 -32.54 -22.27
N ILE A 1179 9.01 -31.22 -22.31
CA ILE A 1179 9.27 -30.37 -21.16
C ILE A 1179 8.11 -29.40 -21.04
N SER A 1180 7.53 -29.30 -19.85
CA SER A 1180 6.34 -28.48 -19.66
C SER A 1180 6.46 -27.68 -18.37
N GLY A 1181 5.55 -26.73 -18.22
CA GLY A 1181 5.48 -25.91 -17.02
C GLY A 1181 6.39 -24.70 -17.01
N LEU A 1182 6.97 -24.31 -18.14
CA LEU A 1182 7.98 -23.26 -18.19
C LEU A 1182 7.53 -22.02 -18.94
N GLU A 1183 6.98 -22.19 -20.15
CA GLU A 1183 6.82 -21.07 -21.08
C GLU A 1183 5.56 -20.26 -20.76
N THR A 1184 5.71 -18.95 -20.69
CA THR A 1184 4.61 -18.01 -20.56
C THR A 1184 4.74 -16.92 -21.61
N PRO A 1185 3.63 -16.50 -22.22
CA PRO A 1185 3.70 -15.47 -23.26
C PRO A 1185 4.21 -14.15 -22.71
N ASP A 1186 4.98 -13.44 -23.53
CA ASP A 1186 5.51 -12.14 -23.15
C ASP A 1186 4.47 -11.04 -23.38
N PRO A 1187 4.55 -9.94 -22.63
CA PRO A 1187 3.54 -8.88 -22.76
C PRO A 1187 3.46 -8.27 -24.15
N LEU A 1188 4.59 -7.74 -24.65
CA LEU A 1188 4.55 -6.91 -25.85
C LEU A 1188 4.06 -7.68 -27.07
N GLU A 1189 4.44 -8.96 -27.18
CA GLU A 1189 3.89 -9.77 -28.27
C GLU A 1189 2.40 -10.03 -28.08
N LEU A 1190 1.95 -10.07 -26.83
CA LEU A 1190 0.57 -10.43 -26.54
C LEU A 1190 -0.38 -9.26 -26.77
N LEU A 1191 -0.13 -8.12 -26.12
CA LEU A 1191 -1.10 -7.04 -26.09
C LEU A 1191 -1.25 -6.36 -27.45
N SER A 1192 -2.41 -5.73 -27.62
CA SER A 1192 -2.67 -4.83 -28.75
C SER A 1192 -3.65 -3.79 -28.23
N GLY A 1193 -3.20 -2.54 -28.14
CA GLY A 1193 -4.01 -1.47 -27.58
C GLY A 1193 -4.69 -0.65 -28.66
N VAL A 1194 -5.94 -0.28 -28.40
CA VAL A 1194 -6.70 0.56 -29.30
C VAL A 1194 -7.27 1.73 -28.50
N VAL A 1195 -6.94 2.95 -28.89
CA VAL A 1195 -7.45 4.14 -28.23
C VAL A 1195 -8.71 4.59 -28.97
N ILE A 1196 -9.87 4.37 -28.35
CA ILE A 1196 -11.16 4.70 -28.95
C ILE A 1196 -11.40 6.19 -28.70
N THR A 1197 -11.39 6.99 -29.78
CA THR A 1197 -11.66 8.41 -29.69
C THR A 1197 -12.24 8.87 -31.02
N GLY A 1198 -13.12 9.87 -30.95
CA GLY A 1198 -13.71 10.41 -32.16
C GLY A 1198 -14.83 9.58 -32.75
N SER A 1199 -15.58 8.88 -31.89
CA SER A 1199 -16.79 8.15 -32.28
C SER A 1199 -16.52 7.14 -33.39
N GLU A 1200 -15.57 6.25 -33.12
CA GLU A 1200 -15.26 5.15 -34.03
C GLU A 1200 -15.14 3.85 -33.23
N HIS A 1201 -15.70 2.78 -33.78
CA HIS A 1201 -15.69 1.50 -33.10
C HIS A 1201 -14.28 0.90 -33.08
N CYS A 1202 -14.04 0.05 -32.09
CA CYS A 1202 -12.78 -0.68 -32.03
C CYS A 1202 -12.68 -1.63 -33.21
N LYS A 1203 -11.53 -1.59 -33.90
CA LYS A 1203 -11.37 -2.42 -35.09
C LYS A 1203 -11.37 -3.90 -34.75
N ILE A 1204 -10.68 -4.29 -33.68
CA ILE A 1204 -10.69 -5.69 -33.27
C ILE A 1204 -12.08 -6.10 -32.79
N CYS A 1205 -12.72 -5.25 -31.97
CA CYS A 1205 -14.06 -5.56 -31.50
C CYS A 1205 -15.04 -5.67 -32.66
N TYR A 1206 -14.84 -4.87 -33.71
CA TYR A 1206 -15.67 -4.98 -34.90
C TYR A 1206 -15.43 -6.29 -35.63
N SER A 1207 -14.14 -6.63 -35.84
CA SER A 1207 -13.82 -7.86 -36.57
C SER A 1207 -14.18 -9.10 -35.76
N SER A 1208 -13.91 -9.09 -34.46
CA SER A 1208 -14.19 -10.24 -33.61
C SER A 1208 -15.63 -10.30 -33.13
N ASP A 1209 -16.42 -9.26 -33.41
CA ASP A 1209 -17.83 -9.19 -32.99
C ASP A 1209 -17.97 -9.35 -31.47
N GLY A 1210 -17.02 -8.76 -30.74
CA GLY A 1210 -17.06 -8.80 -29.30
C GLY A 1210 -16.63 -10.10 -28.66
N THR A 1211 -16.07 -11.03 -29.43
CA THR A 1211 -15.65 -12.33 -28.91
C THR A 1211 -14.19 -12.37 -28.51
N ASN A 1212 -13.47 -11.25 -28.61
CA ASN A 1212 -12.07 -11.21 -28.23
C ASN A 1212 -11.93 -10.55 -26.88
N PRO A 1213 -11.44 -11.25 -25.86
CA PRO A 1213 -11.34 -10.64 -24.53
C PRO A 1213 -10.42 -9.44 -24.51
N TYR A 1214 -10.73 -8.49 -23.64
CA TYR A 1214 -9.97 -7.25 -23.57
C TYR A 1214 -10.13 -6.63 -22.19
N THR A 1215 -9.21 -5.72 -21.88
CA THR A 1215 -9.24 -4.94 -20.65
C THR A 1215 -9.61 -3.50 -20.99
N TRP A 1216 -10.49 -2.90 -20.20
CA TRP A 1216 -11.01 -1.56 -20.47
C TRP A 1216 -10.35 -0.57 -19.52
N MET A 1217 -9.75 0.49 -20.07
CA MET A 1217 -9.12 1.50 -19.26
C MET A 1217 -9.61 2.89 -19.67
N TYR A 1218 -9.80 3.76 -18.69
CA TYR A 1218 -10.42 5.06 -18.90
C TYR A 1218 -9.67 6.12 -18.11
N LEU A 1219 -9.51 7.30 -18.72
CA LEU A 1219 -8.86 8.44 -18.09
C LEU A 1219 -9.70 9.67 -18.39
N PRO A 1220 -10.00 10.49 -17.38
CA PRO A 1220 -10.88 11.64 -17.60
C PRO A 1220 -10.26 12.72 -18.50
N GLY A 1221 -10.98 13.82 -18.69
CA GLY A 1221 -10.58 14.81 -19.66
C GLY A 1221 -9.75 15.98 -19.18
N ASN A 1222 -10.21 16.68 -18.14
CA ASN A 1222 -9.62 17.98 -17.82
C ASN A 1222 -9.01 18.03 -16.43
N ILE A 1223 -8.21 17.03 -16.08
CA ILE A 1223 -7.53 16.98 -14.78
C ILE A 1223 -6.11 17.49 -14.95
N LYS A 1224 -5.70 18.41 -14.06
CA LYS A 1224 -4.32 18.89 -14.03
C LYS A 1224 -3.45 17.83 -13.37
N ILE A 1225 -2.58 17.21 -14.15
CA ILE A 1225 -1.78 16.09 -13.66
C ILE A 1225 -0.81 16.56 -12.58
N GLY A 1226 -0.19 17.72 -12.77
CA GLY A 1226 0.84 18.19 -11.87
C GLY A 1226 0.41 18.36 -10.43
N SER A 1227 -0.49 19.30 -10.17
CA SER A 1227 -0.97 19.56 -8.81
C SER A 1227 -2.49 19.55 -8.81
N ALA A 1228 -3.07 18.76 -7.92
CA ALA A 1228 -4.52 18.68 -7.77
C ALA A 1228 -4.95 19.73 -6.75
N GLU A 1229 -5.26 20.93 -7.25
CA GLU A 1229 -5.69 22.03 -6.40
C GLU A 1229 -7.19 21.98 -6.09
N THR A 1230 -7.90 21.00 -6.63
CA THR A 1230 -9.34 20.84 -6.40
C THR A 1230 -9.62 19.39 -6.07
N GLY A 1231 -10.68 19.17 -5.30
CA GLY A 1231 -11.10 17.81 -5.00
C GLY A 1231 -11.52 17.08 -6.26
N VAL A 1232 -10.88 15.95 -6.52
CA VAL A 1232 -11.13 15.16 -7.72
C VAL A 1232 -11.95 13.93 -7.36
N SER A 1233 -13.05 13.72 -8.07
CA SER A 1233 -13.92 12.58 -7.81
C SER A 1233 -13.39 11.28 -8.39
N SER A 1234 -12.48 11.35 -9.35
CA SER A 1234 -11.93 10.15 -9.99
C SER A 1234 -10.64 9.67 -9.34
N LEU A 1235 -10.20 10.33 -8.27
CA LEU A 1235 -8.96 9.93 -7.60
C LEU A 1235 -9.12 8.55 -6.97
N ARG A 1236 -8.09 7.72 -7.12
CA ARG A 1236 -8.13 6.38 -6.55
C ARG A 1236 -6.71 5.85 -6.40
N VAL A 1237 -6.55 4.86 -5.54
CA VAL A 1237 -5.25 4.24 -5.31
C VAL A 1237 -4.91 3.35 -6.51
N PRO A 1238 -3.72 3.46 -7.09
CA PRO A 1238 -3.40 2.66 -8.29
C PRO A 1238 -3.24 1.18 -7.98
N TYR A 1239 -2.94 0.40 -9.01
CA TYR A 1239 -2.78 -1.05 -8.89
C TYR A 1239 -1.29 -1.37 -9.02
N PHE A 1240 -0.66 -1.74 -7.90
CA PHE A 1240 0.78 -1.98 -7.86
C PHE A 1240 1.14 -3.43 -8.13
N GLY A 1241 0.17 -4.30 -8.36
CA GLY A 1241 0.45 -5.70 -8.56
C GLY A 1241 -0.30 -6.58 -7.57
N SER A 1242 -0.44 -7.86 -7.89
CA SER A 1242 -1.16 -8.77 -7.02
C SER A 1242 -0.38 -9.01 -5.73
N VAL A 1243 -1.06 -8.86 -4.59
CA VAL A 1243 -0.46 -9.13 -3.29
C VAL A 1243 -0.43 -10.64 -3.13
N THR A 1244 0.73 -11.26 -3.41
CA THR A 1244 0.84 -12.71 -3.33
C THR A 1244 0.63 -13.18 -1.89
N ASP A 1245 -0.17 -14.23 -1.74
CA ASP A 1245 -0.47 -14.76 -0.42
C ASP A 1245 0.67 -15.68 0.04
N GLU A 1246 0.77 -15.82 1.36
CA GLU A 1246 1.80 -16.68 1.93
C GLU A 1246 1.55 -18.13 1.55
N ARG A 1247 2.63 -18.86 1.26
CA ARG A 1247 2.56 -20.27 0.96
C ARG A 1247 2.62 -21.13 2.22
N SER A 1248 2.82 -20.52 3.38
CA SER A 1248 2.74 -21.23 4.66
C SER A 1248 1.32 -21.35 5.17
N GLU A 1249 0.37 -20.64 4.57
CA GLU A 1249 -1.03 -20.75 5.01
C GLU A 1249 -1.63 -22.11 4.67
N ALA A 1250 -1.09 -22.80 3.67
CA ALA A 1250 -1.57 -24.14 3.32
C ALA A 1250 -0.89 -25.16 4.23
N GLN A 1251 -1.33 -25.17 5.49
CA GLN A 1251 -0.75 -26.04 6.50
C GLN A 1251 -1.79 -26.34 7.56
N LEU A 1252 -2.04 -27.62 7.80
CA LEU A 1252 -3.00 -28.05 8.80
C LEU A 1252 -2.39 -27.87 10.19
N GLY A 1253 -3.08 -27.13 11.05
CA GLY A 1253 -2.56 -26.83 12.37
C GLY A 1253 -2.93 -27.84 13.43
N TYR A 1254 -2.81 -29.14 13.10
CA TYR A 1254 -3.08 -30.18 14.08
C TYR A 1254 -2.10 -30.12 15.24
N ILE A 1255 -0.80 -30.08 14.95
CA ILE A 1255 0.24 -30.08 15.98
C ILE A 1255 0.63 -28.64 16.26
N LYS A 1256 0.67 -28.28 17.55
CA LYS A 1256 0.93 -26.90 17.93
C LYS A 1256 2.31 -26.44 17.48
N ASN A 1257 3.35 -27.21 17.82
CA ASN A 1257 4.72 -26.84 17.51
C ASN A 1257 5.38 -27.98 16.74
N LEU A 1258 5.86 -27.68 15.53
CA LEU A 1258 6.59 -28.63 14.71
C LEU A 1258 7.93 -28.03 14.31
N SER A 1259 8.97 -28.85 14.35
CA SER A 1259 10.30 -28.38 13.97
C SER A 1259 10.37 -28.16 12.46
N LYS A 1260 11.35 -27.35 12.05
CA LYS A 1260 11.52 -27.05 10.64
C LYS A 1260 11.73 -28.27 9.76
N PRO A 1261 12.55 -29.27 10.12
CA PRO A 1261 12.66 -30.46 9.25
C PRO A 1261 11.33 -31.16 9.02
N ALA A 1262 10.46 -31.22 10.03
CA ALA A 1262 9.16 -31.84 9.85
C ALA A 1262 8.33 -31.10 8.81
N LYS A 1263 8.32 -29.76 8.90
CA LYS A 1263 7.59 -28.96 7.93
C LYS A 1263 8.19 -29.10 6.53
N ALA A 1264 9.51 -29.23 6.44
CA ALA A 1264 10.14 -29.43 5.15
C ALA A 1264 9.73 -30.77 4.54
N ALA A 1265 9.68 -31.83 5.35
CA ALA A 1265 9.22 -33.12 4.85
C ALA A 1265 7.76 -33.05 4.42
N ILE A 1266 6.94 -32.34 5.17
CA ILE A 1266 5.53 -32.18 4.81
C ILE A 1266 5.41 -31.45 3.48
N ARG A 1267 6.21 -30.40 3.28
CA ARG A 1267 6.18 -29.66 2.02
C ARG A 1267 6.63 -30.54 0.85
N ILE A 1268 7.67 -31.35 1.06
CA ILE A 1268 8.13 -32.25 0.01
C ILE A 1268 7.03 -33.23 -0.38
N ALA A 1269 6.38 -33.82 0.63
CA ALA A 1269 5.28 -34.75 0.35
C ALA A 1269 4.14 -34.06 -0.39
N MET A 1270 3.79 -32.85 0.05
CA MET A 1270 2.74 -32.09 -0.62
C MET A 1270 3.05 -31.89 -2.09
N ILE A 1271 4.26 -31.41 -2.39
CA ILE A 1271 4.63 -31.10 -3.77
C ILE A 1271 4.65 -32.38 -4.61
N TYR A 1272 5.25 -33.45 -4.08
CA TYR A 1272 5.35 -34.67 -4.86
C TYR A 1272 3.98 -35.26 -5.15
N THR A 1273 3.08 -35.27 -4.16
CA THR A 1273 1.75 -35.80 -4.40
C THR A 1273 0.94 -34.92 -5.33
N TRP A 1274 1.12 -33.60 -5.27
CA TRP A 1274 0.40 -32.72 -6.19
C TRP A 1274 0.86 -32.92 -7.63
N ALA A 1275 2.16 -33.10 -7.83
CA ALA A 1275 2.71 -33.09 -9.18
C ALA A 1275 2.66 -34.45 -9.87
N PHE A 1276 3.11 -35.51 -9.21
CA PHE A 1276 3.33 -36.79 -9.84
C PHE A 1276 2.28 -37.84 -9.48
N GLY A 1277 1.08 -37.41 -9.12
CA GLY A 1277 -0.01 -38.32 -8.85
C GLY A 1277 -0.29 -38.47 -7.37
N ASN A 1278 -1.44 -39.07 -7.08
CA ASN A 1278 -1.94 -39.17 -5.71
C ASN A 1278 -2.35 -40.59 -5.33
N ASP A 1279 -1.90 -41.59 -6.08
CA ASP A 1279 -2.25 -42.97 -5.77
C ASP A 1279 -1.37 -43.48 -4.64
N GLU A 1280 -1.41 -44.80 -4.38
CA GLU A 1280 -0.66 -45.35 -3.26
C GLU A 1280 0.84 -45.39 -3.53
N ILE A 1281 1.23 -45.75 -4.76
CA ILE A 1281 2.65 -45.81 -5.10
C ILE A 1281 3.28 -44.43 -5.01
N SER A 1282 2.56 -43.41 -5.47
CA SER A 1282 3.07 -42.04 -5.35
C SER A 1282 3.24 -41.65 -3.89
N TRP A 1283 2.32 -42.09 -3.03
CA TRP A 1283 2.46 -41.78 -1.60
C TRP A 1283 3.65 -42.50 -1.00
N MET A 1284 3.89 -43.76 -1.41
CA MET A 1284 5.08 -44.46 -0.93
C MET A 1284 6.36 -43.75 -1.35
N GLU A 1285 6.43 -43.32 -2.61
CA GLU A 1285 7.62 -42.61 -3.08
C GLU A 1285 7.80 -41.27 -2.36
N ALA A 1286 6.70 -40.54 -2.15
CA ALA A 1286 6.78 -39.28 -1.43
C ALA A 1286 7.25 -39.49 0.00
N SER A 1287 6.76 -40.54 0.66
CA SER A 1287 7.23 -40.85 2.01
C SER A 1287 8.70 -41.23 2.00
N GLN A 1288 9.14 -41.99 1.00
CA GLN A 1288 10.54 -42.38 0.90
C GLN A 1288 11.43 -41.14 0.76
N ILE A 1289 11.01 -40.18 -0.06
CA ILE A 1289 11.81 -38.96 -0.23
C ILE A 1289 11.76 -38.11 1.03
N ALA A 1290 10.59 -38.01 1.66
CA ALA A 1290 10.41 -37.13 2.81
C ALA A 1290 11.05 -37.66 4.08
N GLN A 1291 11.30 -38.98 4.16
CA GLN A 1291 11.98 -39.52 5.33
C GLN A 1291 13.43 -39.07 5.42
N THR A 1292 13.96 -38.46 4.35
CA THR A 1292 15.31 -37.89 4.41
C THR A 1292 15.40 -36.80 5.46
N ARG A 1293 14.39 -35.94 5.54
CA ARG A 1293 14.45 -34.78 6.42
C ARG A 1293 13.66 -34.95 7.71
N ALA A 1294 12.77 -35.93 7.81
CA ALA A 1294 12.00 -36.16 9.03
C ALA A 1294 11.43 -37.56 9.00
N ASN A 1295 11.42 -38.22 10.16
CA ASN A 1295 10.97 -39.61 10.26
C ASN A 1295 9.48 -39.65 10.55
N PHE A 1296 8.69 -39.45 9.49
CA PHE A 1296 7.24 -39.51 9.57
C PHE A 1296 6.73 -40.86 9.11
N THR A 1297 5.81 -41.44 9.87
CA THR A 1297 5.08 -42.61 9.41
C THR A 1297 4.17 -42.22 8.25
N LEU A 1298 3.89 -43.18 7.39
CA LEU A 1298 3.08 -42.90 6.20
C LEU A 1298 1.71 -42.34 6.58
N ASP A 1299 1.09 -42.87 7.64
CA ASP A 1299 -0.23 -42.41 8.03
C ASP A 1299 -0.20 -40.98 8.55
N SER A 1300 0.77 -40.66 9.40
CA SER A 1300 0.87 -39.30 9.92
C SER A 1300 1.15 -38.31 8.79
N LEU A 1301 2.00 -38.70 7.84
CA LEU A 1301 2.26 -37.84 6.69
C LEU A 1301 1.01 -37.64 5.86
N LYS A 1302 0.25 -38.72 5.62
CA LYS A 1302 -1.00 -38.58 4.87
C LYS A 1302 -1.97 -37.65 5.58
N ILE A 1303 -2.03 -37.72 6.90
CA ILE A 1303 -2.94 -36.85 7.65
C ILE A 1303 -2.49 -35.40 7.58
N LEU A 1304 -1.19 -35.14 7.73
CA LEU A 1304 -0.71 -33.79 7.99
C LEU A 1304 -0.38 -32.98 6.74
N THR A 1305 -0.34 -33.59 5.56
CA THR A 1305 -0.01 -32.84 4.34
C THR A 1305 -1.26 -32.31 3.68
N PRO A 1306 -1.38 -30.99 3.48
CA PRO A 1306 -2.55 -30.45 2.78
C PRO A 1306 -2.52 -30.73 1.29
N VAL A 1307 -3.48 -30.17 0.56
CA VAL A 1307 -3.54 -30.28 -0.90
C VAL A 1307 -3.04 -28.98 -1.51
N ALA A 1308 -2.20 -29.10 -2.53
CA ALA A 1308 -1.57 -27.95 -3.15
C ALA A 1308 -2.30 -27.53 -4.41
N THR A 1309 -2.12 -26.26 -4.78
CA THR A 1309 -2.70 -25.72 -6.00
C THR A 1309 -1.62 -25.08 -6.85
N SER A 1310 -2.03 -24.36 -7.91
CA SER A 1310 -1.05 -23.74 -8.80
C SER A 1310 -0.28 -22.64 -8.09
N THR A 1311 -0.94 -21.87 -7.23
CA THR A 1311 -0.30 -20.73 -6.59
C THR A 1311 0.76 -21.13 -5.58
N ASN A 1312 0.74 -22.38 -5.09
CA ASN A 1312 1.73 -22.81 -4.11
C ASN A 1312 3.11 -22.94 -4.75
N LEU A 1313 3.18 -23.59 -5.92
CA LEU A 1313 4.46 -23.77 -6.59
C LEU A 1313 4.99 -22.46 -7.16
N SER A 1314 4.11 -21.56 -7.60
CA SER A 1314 4.50 -20.36 -8.33
C SER A 1314 5.15 -19.37 -7.35
N HIS A 1315 6.43 -19.63 -7.07
CA HIS A 1315 7.21 -18.73 -6.24
C HIS A 1315 7.70 -17.57 -7.10
N ARG A 1316 7.34 -16.35 -6.71
CA ARG A 1316 7.61 -15.15 -7.50
C ARG A 1316 7.06 -15.29 -8.91
N LYS A 1325 16.56 -0.25 -0.55
CA LYS A 1325 16.00 -1.59 -0.44
C LYS A 1325 14.83 -1.77 -1.40
N PHE A 1326 13.61 -1.57 -0.88
CA PHE A 1326 12.42 -1.70 -1.70
C PHE A 1326 12.40 -0.63 -2.79
N SER A 1327 11.94 -1.03 -3.98
CA SER A 1327 11.93 -0.15 -5.14
C SER A 1327 10.51 -0.01 -5.66
N SER A 1328 10.12 1.23 -5.96
CA SER A 1328 8.81 1.47 -6.57
C SER A 1328 8.77 0.88 -7.98
N THR A 1329 7.60 0.33 -8.34
CA THR A 1329 7.45 -0.23 -9.68
C THR A 1329 7.59 0.85 -10.74
N SER A 1330 7.13 2.07 -10.43
CA SER A 1330 7.29 3.22 -11.30
C SER A 1330 6.85 4.45 -10.53
N LEU A 1331 7.30 5.63 -10.99
CA LEU A 1331 6.73 6.87 -10.49
C LEU A 1331 5.28 6.93 -10.93
N ILE A 1332 4.39 7.25 -10.01
CA ILE A 1332 2.96 7.17 -10.27
C ILE A 1332 2.46 8.57 -10.59
N ARG A 1333 2.04 8.77 -11.85
CA ARG A 1333 1.73 10.13 -12.28
C ARG A 1333 0.29 10.31 -12.73
N VAL A 1334 -0.16 9.48 -13.67
CA VAL A 1334 -1.48 9.65 -14.27
C VAL A 1334 -2.38 8.45 -13.97
N SER A 1335 -1.90 7.50 -13.17
CA SER A 1335 -2.70 6.34 -12.82
C SER A 1335 -3.50 6.54 -11.54
N ARG A 1336 -3.34 7.67 -10.87
CA ARG A 1336 -4.23 7.99 -9.76
C ARG A 1336 -5.66 8.19 -10.22
N PHE A 1337 -5.85 8.53 -11.49
CA PHE A 1337 -7.16 8.83 -12.05
C PHE A 1337 -7.70 7.74 -12.96
N ILE A 1338 -6.86 6.82 -13.43
CA ILE A 1338 -7.29 5.81 -14.40
C ILE A 1338 -8.24 4.83 -13.73
N THR A 1339 -9.36 4.55 -14.40
CA THR A 1339 -10.31 3.53 -13.96
C THR A 1339 -10.21 2.35 -14.91
N MET A 1340 -10.02 1.16 -14.36
CA MET A 1340 -9.70 -0.01 -15.15
C MET A 1340 -10.63 -1.17 -14.78
N SER A 1341 -10.91 -2.03 -15.76
CA SER A 1341 -11.88 -3.10 -15.57
C SER A 1341 -11.50 -4.30 -16.42
N ASN A 1342 -11.62 -5.48 -15.83
CA ASN A 1342 -11.42 -6.77 -16.50
C ASN A 1342 -12.72 -7.53 -16.67
N ASP A 1343 -13.85 -6.83 -16.69
CA ASP A 1343 -15.14 -7.50 -16.77
C ASP A 1343 -15.28 -8.30 -18.06
N ASN A 1344 -14.76 -7.78 -19.16
CA ASN A 1344 -14.92 -8.40 -20.46
C ASN A 1344 -13.79 -9.37 -20.80
N MET A 1345 -12.83 -9.57 -19.90
CA MET A 1345 -11.66 -10.39 -20.17
C MET A 1345 -11.77 -11.72 -19.43
N SER A 1346 -11.61 -12.82 -20.17
CA SER A 1346 -11.63 -14.15 -19.57
C SER A 1346 -11.07 -15.13 -20.58
N ILE A 1347 -10.15 -15.99 -20.13
CA ILE A 1347 -9.55 -17.03 -20.97
C ILE A 1347 -9.85 -18.38 -20.34
N LYS A 1348 -10.32 -19.32 -21.18
CA LYS A 1348 -10.76 -20.61 -20.68
C LYS A 1348 -9.62 -21.57 -20.35
N GLU A 1349 -8.42 -21.33 -20.90
CA GLU A 1349 -7.32 -22.27 -20.73
C GLU A 1349 -6.81 -22.35 -19.30
N ALA A 1350 -7.23 -21.44 -18.42
CA ALA A 1350 -6.77 -21.47 -17.04
C ALA A 1350 -7.22 -22.74 -16.33
N ASN A 1351 -6.31 -23.33 -15.56
CA ASN A 1351 -6.59 -24.50 -14.75
C ASN A 1351 -5.55 -24.57 -13.63
N GLU A 1352 -5.51 -25.71 -12.93
CA GLU A 1352 -4.52 -25.88 -11.88
C GLU A 1352 -3.13 -26.14 -12.40
N THR A 1353 -3.00 -26.66 -13.63
CA THR A 1353 -1.67 -26.93 -14.17
C THR A 1353 -0.96 -25.66 -14.59
N LYS A 1354 -1.68 -24.73 -15.22
CA LYS A 1354 -1.11 -23.49 -15.73
C LYS A 1354 -1.75 -22.31 -15.02
N ASP A 1355 -0.93 -21.41 -14.48
CA ASP A 1355 -1.39 -20.24 -13.77
C ASP A 1355 -1.56 -19.08 -14.74
N THR A 1356 -2.69 -18.38 -14.64
CA THR A 1356 -2.99 -17.27 -15.53
C THR A 1356 -3.10 -15.93 -14.80
N ASN A 1357 -2.88 -15.90 -13.49
CA ASN A 1357 -2.88 -14.62 -12.78
C ASN A 1357 -1.72 -13.74 -13.25
N LEU A 1358 -0.59 -14.36 -13.61
CA LEU A 1358 0.54 -13.59 -14.10
C LEU A 1358 0.22 -12.86 -15.39
N ILE A 1359 -0.54 -13.51 -16.28
CA ILE A 1359 -0.91 -12.87 -17.54
C ILE A 1359 -1.76 -11.65 -17.29
N TYR A 1360 -2.76 -11.77 -16.40
CA TYR A 1360 -3.61 -10.63 -16.09
C TYR A 1360 -2.79 -9.51 -15.47
N GLN A 1361 -1.92 -9.84 -14.52
CA GLN A 1361 -1.10 -8.82 -13.87
C GLN A 1361 -0.22 -8.11 -14.89
N GLN A 1362 0.40 -8.87 -15.80
CA GLN A 1362 1.25 -8.27 -16.83
C GLN A 1362 0.45 -7.34 -17.72
N ILE A 1363 -0.76 -7.73 -18.10
CA ILE A 1363 -1.55 -6.91 -19.01
C ILE A 1363 -1.97 -5.60 -18.33
N MET A 1364 -2.45 -5.68 -17.09
CA MET A 1364 -2.82 -4.45 -16.39
C MET A 1364 -1.62 -3.53 -16.20
N LEU A 1365 -0.46 -4.10 -15.82
CA LEU A 1365 0.72 -3.27 -15.62
C LEU A 1365 1.21 -2.66 -16.93
N THR A 1366 1.13 -3.41 -18.03
CA THR A 1366 1.54 -2.87 -19.33
C THR A 1366 0.64 -1.71 -19.75
N GLY A 1367 -0.68 -1.86 -19.58
CA GLY A 1367 -1.58 -0.77 -19.89
C GLY A 1367 -1.31 0.46 -19.03
N LEU A 1368 -1.06 0.24 -17.75
CA LEU A 1368 -0.73 1.36 -16.86
C LEU A 1368 0.54 2.06 -17.32
N SER A 1369 1.56 1.28 -17.72
CA SER A 1369 2.80 1.88 -18.19
C SER A 1369 2.60 2.63 -19.50
N VAL A 1370 1.74 2.13 -20.39
CA VAL A 1370 1.48 2.83 -21.64
C VAL A 1370 0.83 4.18 -21.39
N PHE A 1371 -0.21 4.20 -20.54
CA PHE A 1371 -0.81 5.49 -20.18
C PHE A 1371 0.18 6.39 -19.46
N GLU A 1372 1.08 5.83 -18.67
CA GLU A 1372 2.10 6.65 -18.01
C GLU A 1372 3.04 7.28 -19.02
N TYR A 1373 3.41 6.53 -20.07
CA TYR A 1373 4.36 7.04 -21.05
C TYR A 1373 3.71 8.06 -21.98
N LEU A 1374 2.45 7.84 -22.38
CA LEU A 1374 1.81 8.74 -23.34
C LEU A 1374 1.72 10.16 -22.79
N PHE A 1375 1.28 10.31 -21.54
CA PHE A 1375 1.17 11.62 -20.91
C PHE A 1375 2.41 11.93 -20.07
N ARG A 1376 3.58 11.86 -20.69
CA ARG A 1376 4.84 12.05 -19.97
C ARG A 1376 5.30 13.50 -19.97
N LEU A 1377 5.08 14.22 -21.07
CA LEU A 1377 5.62 15.56 -21.23
C LEU A 1377 4.56 16.65 -21.22
N LYS A 1378 3.28 16.30 -21.10
CA LYS A 1378 2.20 17.28 -21.10
C LYS A 1378 1.66 17.45 -19.69
N GLU A 1379 1.47 18.71 -19.28
CA GLU A 1379 1.06 18.98 -17.91
C GLU A 1379 -0.40 18.64 -17.67
N THR A 1380 -1.28 18.95 -18.62
CA THR A 1380 -2.70 18.71 -18.48
C THR A 1380 -3.09 17.40 -19.16
N THR A 1381 -4.24 16.87 -18.76
CA THR A 1381 -4.71 15.62 -19.33
C THR A 1381 -5.24 15.81 -20.74
N GLY A 1382 -5.93 16.93 -20.99
CA GLY A 1382 -6.45 17.21 -22.31
C GLY A 1382 -7.83 17.84 -22.30
N HIS A 1383 -8.64 17.54 -23.31
CA HIS A 1383 -9.99 18.06 -23.41
C HIS A 1383 -11.06 16.99 -23.52
N ASN A 1384 -10.71 15.76 -23.87
CA ASN A 1384 -11.67 14.69 -24.04
C ASN A 1384 -11.27 13.48 -23.22
N PRO A 1385 -12.23 12.70 -22.75
CA PRO A 1385 -11.89 11.45 -22.07
C PRO A 1385 -11.19 10.49 -23.01
N ILE A 1386 -10.28 9.69 -22.46
CA ILE A 1386 -9.50 8.73 -23.21
C ILE A 1386 -9.89 7.33 -22.76
N VAL A 1387 -10.30 6.50 -23.72
CA VAL A 1387 -10.68 5.12 -23.47
C VAL A 1387 -9.78 4.22 -24.31
N MET A 1388 -9.22 3.19 -23.69
CA MET A 1388 -8.38 2.27 -24.43
C MET A 1388 -8.74 0.83 -24.11
N HIS A 1389 -8.78 0.02 -25.16
CA HIS A 1389 -9.03 -1.41 -25.09
C HIS A 1389 -7.72 -2.15 -25.26
N LEU A 1390 -7.40 -3.03 -24.31
CA LEU A 1390 -6.21 -3.87 -24.38
C LEU A 1390 -6.68 -5.26 -24.81
N HIS A 1391 -6.55 -5.57 -26.08
CA HIS A 1391 -6.90 -6.89 -26.58
C HIS A 1391 -5.67 -7.78 -26.59
N ILE A 1392 -5.90 -9.08 -26.77
CA ILE A 1392 -4.82 -10.06 -26.77
C ILE A 1392 -4.88 -10.86 -28.06
N GLU A 1393 -3.72 -11.35 -28.48
CA GLU A 1393 -3.63 -12.21 -29.67
C GLU A 1393 -3.60 -13.67 -29.21
N ASP A 1394 -4.76 -14.13 -28.74
CA ASP A 1394 -4.89 -15.46 -28.17
C ASP A 1394 -4.81 -16.57 -29.20
N GLU A 1395 -4.82 -16.26 -30.50
CA GLU A 1395 -4.81 -17.31 -31.51
C GLU A 1395 -3.47 -18.00 -31.61
N CYS A 1396 -2.37 -17.31 -31.27
CA CYS A 1396 -1.03 -17.87 -31.45
C CYS A 1396 -0.35 -18.12 -30.09
N CYS A 1397 -0.22 -17.10 -29.25
CA CYS A 1397 0.57 -17.24 -28.03
C CYS A 1397 -0.14 -18.11 -27.00
N ILE A 1398 -1.43 -17.87 -26.79
CA ILE A 1398 -2.19 -18.61 -25.78
C ILE A 1398 -2.46 -20.01 -26.31
N LYS A 1399 -1.91 -21.01 -25.62
CA LYS A 1399 -2.05 -22.40 -26.02
C LYS A 1399 -2.67 -23.20 -24.87
N GLU A 1400 -3.67 -24.02 -25.20
CA GLU A 1400 -4.25 -24.91 -24.21
C GLU A 1400 -3.23 -25.97 -23.80
N SER A 1401 -3.24 -26.33 -22.52
CA SER A 1401 -2.25 -27.24 -21.96
C SER A 1401 -2.93 -28.55 -21.57
N PHE A 1402 -2.41 -29.66 -22.09
CA PHE A 1402 -2.83 -30.97 -21.66
C PHE A 1402 -2.13 -31.34 -20.36
N ASN A 1403 -2.66 -32.37 -19.68
CA ASN A 1403 -2.10 -32.79 -18.40
C ASN A 1403 -2.34 -34.28 -18.22
N ASP A 1404 -1.27 -35.03 -17.99
CA ASP A 1404 -1.34 -36.42 -17.57
C ASP A 1404 -0.96 -36.49 -16.11
N GLU A 1405 -1.91 -36.94 -15.26
CA GLU A 1405 -1.69 -36.87 -13.83
C GLU A 1405 -0.71 -37.94 -13.36
N HIS A 1406 -0.79 -39.15 -13.91
CA HIS A 1406 0.04 -40.27 -13.46
C HIS A 1406 1.22 -40.42 -14.41
N ILE A 1407 2.39 -39.98 -13.95
CA ILE A 1407 3.64 -40.15 -14.68
C ILE A 1407 4.58 -40.92 -13.78
N ASN A 1408 4.62 -42.24 -13.94
CA ASN A 1408 5.41 -43.09 -13.07
C ASN A 1408 6.90 -42.88 -13.31
N PRO A 1409 7.73 -43.03 -12.28
CA PRO A 1409 9.17 -42.85 -12.45
C PRO A 1409 9.82 -44.04 -13.15
N GLU A 1410 10.99 -43.79 -13.71
CA GLU A 1410 11.79 -44.82 -14.38
C GLU A 1410 12.95 -45.30 -13.52
N SER A 1411 13.68 -44.40 -12.90
CA SER A 1411 14.77 -44.77 -12.01
C SER A 1411 14.21 -45.25 -10.67
N THR A 1412 15.10 -45.75 -9.82
CA THR A 1412 14.72 -46.27 -8.51
C THR A 1412 15.66 -45.70 -7.46
N LEU A 1413 15.09 -45.18 -6.37
CA LEU A 1413 15.87 -44.72 -5.24
C LEU A 1413 16.49 -45.91 -4.54
N GLU A 1414 17.80 -46.10 -4.72
CA GLU A 1414 18.47 -47.29 -4.22
C GLU A 1414 19.62 -47.01 -3.28
N LEU A 1415 20.39 -45.95 -3.51
CA LEU A 1415 21.59 -45.67 -2.73
C LEU A 1415 21.37 -44.61 -1.66
N ILE A 1416 20.13 -44.24 -1.38
CA ILE A 1416 19.85 -43.22 -0.38
C ILE A 1416 19.95 -43.83 1.01
N ARG A 1417 20.76 -43.21 1.87
CA ARG A 1417 20.97 -43.63 3.25
C ARG A 1417 20.46 -42.54 4.18
N TYR A 1418 20.56 -42.79 5.48
CA TYR A 1418 20.13 -41.86 6.51
C TYR A 1418 21.21 -41.71 7.58
N PRO A 1419 22.38 -41.15 7.23
CA PRO A 1419 23.46 -41.05 8.21
C PRO A 1419 23.39 -39.81 9.08
N GLU A 1420 22.67 -38.78 8.64
CA GLU A 1420 22.61 -37.53 9.37
C GLU A 1420 21.88 -37.72 10.70
N SER A 1421 22.32 -36.98 11.71
CA SER A 1421 21.77 -37.12 13.06
C SER A 1421 21.49 -35.81 13.77
N ASN A 1422 21.97 -34.67 13.28
CA ASN A 1422 21.75 -33.41 13.98
C ASN A 1422 20.25 -33.09 14.03
N GLU A 1423 19.83 -32.49 15.15
CA GLU A 1423 18.41 -32.22 15.34
C GLU A 1423 17.91 -31.05 14.50
N PHE A 1424 18.80 -30.15 14.08
CA PHE A 1424 18.44 -29.05 13.20
C PHE A 1424 18.54 -29.43 11.73
N ILE A 1425 19.00 -30.63 11.42
CA ILE A 1425 19.04 -31.15 10.06
C ILE A 1425 18.10 -32.34 9.89
N TYR A 1426 18.01 -33.20 10.88
CA TYR A 1426 17.14 -34.36 10.87
C TYR A 1426 16.29 -34.35 12.13
N ASP A 1427 15.06 -34.82 12.02
CA ASP A 1427 14.11 -34.82 13.14
C ASP A 1427 13.51 -36.22 13.27
N LYS A 1428 14.19 -37.09 14.02
CA LYS A 1428 13.64 -38.40 14.33
C LYS A 1428 12.55 -38.26 15.38
N ASP A 1429 11.46 -39.01 15.17
CA ASP A 1429 10.27 -38.91 16.01
C ASP A 1429 9.82 -37.46 16.09
N PRO A 1430 9.28 -36.91 15.00
CA PRO A 1430 8.98 -35.46 14.98
C PRO A 1430 7.93 -35.03 15.99
N LEU A 1431 7.09 -35.94 16.46
CA LEU A 1431 6.05 -35.64 17.44
C LEU A 1431 6.37 -36.36 18.74
N LYS A 1432 6.45 -35.60 19.84
CA LYS A 1432 6.73 -36.14 21.16
C LYS A 1432 5.50 -36.15 22.06
N ASP A 1433 4.87 -34.99 22.23
CA ASP A 1433 3.77 -34.84 23.18
C ASP A 1433 2.47 -35.47 22.71
N VAL A 1434 2.39 -35.89 21.45
CA VAL A 1434 1.14 -36.42 20.90
C VAL A 1434 0.97 -37.86 21.39
N ASP A 1435 -0.18 -38.14 21.99
CA ASP A 1435 -0.50 -39.46 22.49
C ASP A 1435 -1.11 -40.32 21.38
N LEU A 1436 -1.38 -41.58 21.69
CA LEU A 1436 -2.04 -42.45 20.71
C LEU A 1436 -3.52 -42.09 20.58
N SER A 1437 -4.17 -41.79 21.70
CA SER A 1437 -5.57 -41.34 21.65
C SER A 1437 -5.68 -40.03 20.88
N LYS A 1438 -4.73 -39.11 21.09
CA LYS A 1438 -4.72 -37.87 20.34
C LYS A 1438 -4.56 -38.13 18.85
N LEU A 1439 -3.67 -39.07 18.48
CA LEU A 1439 -3.50 -39.40 17.07
C LEU A 1439 -4.77 -39.99 16.48
N MET A 1440 -5.45 -40.86 17.22
CA MET A 1440 -6.70 -41.44 16.72
C MET A 1440 -7.77 -40.37 16.54
N VAL A 1441 -7.87 -39.44 17.50
CA VAL A 1441 -8.84 -38.35 17.40
C VAL A 1441 -8.53 -37.48 16.19
N ILE A 1442 -7.25 -37.16 15.99
CA ILE A 1442 -6.85 -36.35 14.86
C ILE A 1442 -7.17 -37.04 13.55
N LYS A 1443 -6.92 -38.36 13.47
CA LYS A 1443 -7.23 -39.10 12.26
C LYS A 1443 -8.72 -39.09 11.96
N ASP A 1444 -9.54 -39.30 13.00
CA ASP A 1444 -10.99 -39.27 12.79
C ASP A 1444 -11.46 -37.90 12.34
N HIS A 1445 -10.93 -36.84 12.95
CA HIS A 1445 -11.32 -35.49 12.57
C HIS A 1445 -10.90 -35.18 11.14
N SER A 1446 -9.70 -35.62 10.74
CA SER A 1446 -9.24 -35.40 9.38
C SER A 1446 -10.11 -36.14 8.37
N TYR A 1447 -10.50 -37.37 8.69
CA TYR A 1447 -11.40 -38.09 7.79
C TYR A 1447 -12.78 -37.45 7.73
N THR A 1448 -13.20 -36.80 8.81
CA THR A 1448 -14.52 -36.18 8.82
C THR A 1448 -14.64 -35.07 7.79
N ILE A 1449 -13.61 -34.23 7.68
CA ILE A 1449 -13.68 -33.02 6.86
C ILE A 1449 -12.93 -33.19 5.53
N ASP A 1450 -12.76 -34.42 5.06
CA ASP A 1450 -12.07 -34.66 3.80
C ASP A 1450 -12.99 -34.27 2.66
N MET A 1451 -12.60 -33.23 1.91
CA MET A 1451 -13.44 -32.72 0.83
C MET A 1451 -13.58 -33.70 -0.32
N ASN A 1452 -12.69 -34.67 -0.44
CA ASN A 1452 -12.72 -35.59 -1.58
C ASN A 1452 -13.96 -36.47 -1.55
N TYR A 1453 -14.38 -36.90 -0.36
CA TYR A 1453 -15.51 -37.82 -0.23
C TYR A 1453 -16.84 -37.09 -0.12
N TRP A 1454 -16.85 -35.76 -0.09
CA TRP A 1454 -18.10 -35.02 -0.06
C TRP A 1454 -18.78 -35.06 -1.43
N ASP A 1455 -20.09 -34.91 -1.41
CA ASP A 1455 -20.86 -34.83 -2.65
C ASP A 1455 -20.97 -33.37 -3.11
N ASP A 1456 -21.57 -33.19 -4.29
CA ASP A 1456 -21.58 -31.88 -4.93
C ASP A 1456 -22.29 -30.83 -4.10
N THR A 1457 -23.45 -31.20 -3.52
CA THR A 1457 -24.22 -30.23 -2.74
C THR A 1457 -23.45 -29.76 -1.53
N ASP A 1458 -22.72 -30.66 -0.87
CA ASP A 1458 -21.91 -30.26 0.27
C ASP A 1458 -20.81 -29.30 -0.14
N ILE A 1459 -20.20 -29.54 -1.31
CA ILE A 1459 -19.14 -28.64 -1.78
C ILE A 1459 -19.69 -27.25 -2.06
N ILE A 1460 -20.86 -27.19 -2.71
CA ILE A 1460 -21.46 -25.88 -3.01
C ILE A 1460 -21.84 -25.17 -1.72
N HIS A 1461 -22.40 -25.91 -0.76
CA HIS A 1461 -22.72 -25.31 0.54
C HIS A 1461 -21.47 -24.80 1.23
N ALA A 1462 -20.36 -25.55 1.15
CA ALA A 1462 -19.12 -25.10 1.74
C ALA A 1462 -18.63 -23.82 1.09
N ILE A 1463 -18.74 -23.72 -0.23
CA ILE A 1463 -18.35 -22.49 -0.92
C ILE A 1463 -19.17 -21.32 -0.42
N SER A 1464 -20.50 -21.51 -0.30
CA SER A 1464 -21.36 -20.42 0.15
C SER A 1464 -21.06 -20.01 1.59
N ILE A 1465 -20.86 -20.99 2.48
CA ILE A 1465 -20.57 -20.68 3.88
C ILE A 1465 -19.25 -19.94 3.99
N CYS A 1466 -18.22 -20.39 3.27
CA CYS A 1466 -16.93 -19.73 3.32
C CYS A 1466 -17.01 -18.32 2.77
N THR A 1467 -17.80 -18.11 1.72
CA THR A 1467 -17.98 -16.76 1.19
C THR A 1467 -18.64 -15.85 2.21
N ALA A 1468 -19.69 -16.33 2.88
CA ALA A 1468 -20.37 -15.52 3.87
C ALA A 1468 -19.44 -15.18 5.04
N ILE A 1469 -18.68 -16.17 5.51
CA ILE A 1469 -17.75 -15.92 6.62
C ILE A 1469 -16.68 -14.93 6.21
N THR A 1470 -16.16 -15.06 4.98
CA THR A 1470 -15.15 -14.12 4.51
C THR A 1470 -15.71 -12.70 4.46
N ILE A 1471 -16.93 -12.54 3.97
CA ILE A 1471 -17.53 -11.20 3.90
C ILE A 1471 -17.68 -10.61 5.30
N ALA A 1472 -18.20 -11.41 6.24
CA ALA A 1472 -18.41 -10.92 7.59
C ALA A 1472 -17.10 -10.53 8.26
N ASP A 1473 -16.08 -11.38 8.13
CA ASP A 1473 -14.79 -11.08 8.74
C ASP A 1473 -14.14 -9.87 8.10
N THR A 1474 -14.27 -9.71 6.78
CA THR A 1474 -13.72 -8.55 6.10
C THR A 1474 -14.39 -7.28 6.59
N MET A 1475 -15.72 -7.30 6.75
CA MET A 1475 -16.42 -6.15 7.32
C MET A 1475 -15.89 -5.83 8.72
N SER A 1476 -15.77 -6.86 9.56
CA SER A 1476 -15.35 -6.63 10.94
C SER A 1476 -13.95 -6.04 11.01
N GLN A 1477 -13.03 -6.54 10.19
CA GLN A 1477 -11.65 -6.04 10.24
C GLN A 1477 -11.52 -4.69 9.56
N LEU A 1478 -12.36 -4.41 8.56
CA LEU A 1478 -12.28 -3.13 7.86
C LEU A 1478 -12.92 -2.01 8.68
N ASP A 1479 -13.80 -2.36 9.62
CA ASP A 1479 -14.38 -1.34 10.48
C ASP A 1479 -13.32 -0.63 11.31
N ARG A 1480 -12.34 -1.38 11.80
CA ARG A 1480 -11.34 -0.82 12.72
C ARG A 1480 -10.40 0.15 12.02
N ASP A 1481 -10.11 -0.10 10.73
CA ASP A 1481 -9.08 0.66 10.04
C ASP A 1481 -9.44 2.14 9.95
N ASN A 1482 -8.43 2.99 10.08
CA ASN A 1482 -8.67 4.42 10.16
C ASN A 1482 -9.06 5.01 8.80
N LEU A 1483 -8.23 4.79 7.78
CA LEU A 1483 -8.44 5.39 6.46
C LEU A 1483 -9.16 4.39 5.56
N LYS A 1484 -10.38 4.02 5.95
CA LYS A 1484 -11.14 3.02 5.20
C LYS A 1484 -11.72 3.62 3.91
N GLU A 1485 -12.14 4.88 3.97
CA GLU A 1485 -12.75 5.54 2.82
C GLU A 1485 -11.78 5.60 1.64
N ILE A 1486 -10.49 5.45 1.92
CA ILE A 1486 -9.48 5.53 0.87
C ILE A 1486 -9.07 4.14 0.41
N ILE A 1487 -9.24 3.14 1.27
CA ILE A 1487 -9.04 1.76 0.84
C ILE A 1487 -10.15 1.34 -0.11
N VAL A 1488 -11.38 1.80 0.13
CA VAL A 1488 -12.50 1.34 -0.70
C VAL A 1488 -12.35 1.81 -2.15
N ILE A 1489 -11.71 2.96 -2.36
CA ILE A 1489 -11.58 3.48 -3.73
C ILE A 1489 -10.43 2.79 -4.47
N ALA A 1490 -9.57 2.09 -3.73
CA ALA A 1490 -8.38 1.47 -4.30
C ALA A 1490 -8.76 0.43 -5.36
N ASN A 1491 -7.99 0.42 -6.46
CA ASN A 1491 -8.13 -0.60 -7.48
C ASN A 1491 -7.46 -1.89 -7.03
N ASP A 1492 -7.87 -3.00 -7.65
CA ASP A 1492 -7.27 -4.29 -7.39
C ASP A 1492 -7.64 -5.25 -8.51
N ASP A 1493 -6.99 -6.42 -8.49
CA ASP A 1493 -7.25 -7.45 -9.48
C ASP A 1493 -8.52 -8.22 -9.10
N ASP A 1494 -9.06 -8.95 -10.08
CA ASP A 1494 -10.26 -9.75 -9.84
C ASP A 1494 -9.99 -10.95 -8.95
N ILE A 1495 -8.73 -11.32 -8.72
CA ILE A 1495 -8.43 -12.38 -7.77
C ILE A 1495 -8.68 -11.88 -6.35
N ASN A 1496 -8.98 -12.82 -5.45
CA ASN A 1496 -9.35 -12.57 -4.05
C ASN A 1496 -10.46 -11.53 -3.92
N SER A 1497 -11.23 -11.32 -4.98
CA SER A 1497 -12.36 -10.41 -4.98
C SER A 1497 -13.69 -11.14 -4.89
N LEU A 1498 -13.67 -12.46 -4.69
CA LEU A 1498 -14.83 -13.30 -4.44
C LEU A 1498 -15.76 -13.40 -5.64
N ILE A 1499 -15.32 -13.01 -6.83
CA ILE A 1499 -16.21 -12.97 -7.99
C ILE A 1499 -16.61 -14.38 -8.41
N THR A 1500 -15.64 -15.29 -8.49
CA THR A 1500 -15.93 -16.61 -9.05
C THR A 1500 -16.88 -17.40 -8.15
N GLU A 1501 -16.69 -17.37 -6.83
CA GLU A 1501 -17.62 -18.06 -5.95
C GLU A 1501 -19.00 -17.41 -5.98
N PHE A 1502 -19.05 -16.08 -6.04
CA PHE A 1502 -20.33 -15.41 -6.23
C PHE A 1502 -21.00 -15.87 -7.51
N LEU A 1503 -20.22 -16.24 -8.52
CA LEU A 1503 -20.81 -16.79 -9.73
C LEU A 1503 -21.26 -18.24 -9.54
N THR A 1504 -20.63 -18.99 -8.63
CA THR A 1504 -20.95 -20.41 -8.51
C THR A 1504 -21.31 -20.83 -7.07
N LEU A 1505 -21.93 -19.94 -6.29
CA LEU A 1505 -22.42 -20.32 -4.98
C LEU A 1505 -23.93 -20.50 -5.00
N ASP A 1506 -24.49 -20.84 -3.84
CA ASP A 1506 -25.92 -21.01 -3.66
C ASP A 1506 -26.47 -19.80 -2.92
N ILE A 1507 -27.48 -19.14 -3.50
CA ILE A 1507 -27.91 -17.84 -3.01
C ILE A 1507 -28.59 -17.98 -1.65
N LEU A 1508 -29.49 -18.95 -1.52
CA LEU A 1508 -30.31 -19.05 -0.31
C LEU A 1508 -29.46 -19.37 0.92
N VAL A 1509 -28.57 -20.36 0.81
CA VAL A 1509 -27.72 -20.72 1.93
C VAL A 1509 -26.79 -19.57 2.29
N PHE A 1510 -26.26 -18.89 1.29
CA PHE A 1510 -25.37 -17.76 1.55
C PHE A 1510 -26.09 -16.66 2.30
N LEU A 1511 -27.32 -16.34 1.89
CA LEU A 1511 -28.07 -15.28 2.56
C LEU A 1511 -28.43 -15.67 3.99
N LYS A 1512 -28.86 -16.92 4.18
CA LYS A 1512 -29.19 -17.39 5.53
C LYS A 1512 -27.98 -17.33 6.44
N THR A 1513 -26.82 -17.77 5.94
CA THR A 1513 -25.60 -17.75 6.75
C THR A 1513 -25.17 -16.32 7.04
N PHE A 1514 -25.32 -15.41 6.08
CA PHE A 1514 -24.97 -14.01 6.32
C PHE A 1514 -25.84 -13.42 7.42
N GLY A 1515 -27.15 -13.69 7.38
CA GLY A 1515 -28.02 -13.22 8.45
C GLY A 1515 -27.66 -13.80 9.79
N GLY A 1516 -27.34 -15.10 9.82
CA GLY A 1516 -26.91 -15.72 11.07
C GLY A 1516 -25.64 -15.09 11.62
N LEU A 1517 -24.67 -14.81 10.75
CA LEU A 1517 -23.45 -14.16 11.18
C LEU A 1517 -23.72 -12.76 11.73
N LEU A 1518 -24.62 -12.02 11.08
CA LEU A 1518 -24.95 -10.68 11.56
C LEU A 1518 -25.56 -10.71 12.95
N VAL A 1519 -26.55 -11.58 13.15
CA VAL A 1519 -27.20 -11.63 14.47
C VAL A 1519 -26.24 -12.16 15.52
N ASN A 1520 -25.37 -13.11 15.13
CA ASN A 1520 -24.36 -13.60 16.07
C ASN A 1520 -23.41 -12.48 16.48
N GLN A 1521 -23.04 -11.62 15.54
CA GLN A 1521 -22.19 -10.48 15.87
C GLN A 1521 -22.90 -9.52 16.82
N PHE A 1522 -24.18 -9.27 16.60
CA PHE A 1522 -24.90 -8.27 17.39
C PHE A 1522 -25.57 -8.83 18.63
N ALA A 1523 -25.40 -10.12 18.93
CA ALA A 1523 -26.14 -10.77 20.02
C ALA A 1523 -25.92 -10.10 21.38
N TYR A 1524 -24.66 -9.85 21.75
CA TYR A 1524 -24.41 -9.28 23.08
C TYR A 1524 -24.97 -7.87 23.19
N THR A 1525 -24.85 -7.07 22.13
CA THR A 1525 -25.41 -5.72 22.17
C THR A 1525 -26.94 -5.78 22.26
N LEU A 1526 -27.55 -6.76 21.60
CA LEU A 1526 -29.00 -6.93 21.72
C LEU A 1526 -29.39 -7.31 23.14
N TYR A 1527 -28.63 -8.21 23.77
CA TYR A 1527 -28.99 -8.69 25.10
C TYR A 1527 -28.79 -7.61 26.15
N SER A 1528 -27.71 -6.83 26.04
CA SER A 1528 -27.45 -5.79 27.04
C SER A 1528 -28.53 -4.72 27.01
N LEU A 1529 -29.13 -4.47 25.85
CA LEU A 1529 -30.17 -3.45 25.71
C LEU A 1529 -31.57 -4.03 25.85
N LYS A 1530 -31.71 -5.33 26.11
CA LYS A 1530 -33.00 -5.98 26.29
C LYS A 1530 -33.92 -5.77 25.08
N ILE A 1531 -33.32 -5.84 23.89
CA ILE A 1531 -34.10 -5.73 22.65
C ILE A 1531 -34.71 -7.09 22.35
N GLU A 1532 -36.04 -7.16 22.37
CA GLU A 1532 -36.77 -8.40 22.22
C GLU A 1532 -37.74 -8.30 21.05
N GLY A 1533 -38.04 -9.45 20.45
CA GLY A 1533 -38.98 -9.51 19.36
C GLY A 1533 -38.29 -9.67 18.01
N ARG A 1534 -38.98 -10.36 17.10
CA ARG A 1534 -38.45 -10.55 15.75
C ARG A 1534 -38.44 -9.27 14.94
N ASP A 1535 -39.22 -8.27 15.35
CA ASP A 1535 -39.34 -7.03 14.58
C ASP A 1535 -38.39 -5.95 15.08
N LEU A 1536 -38.22 -5.83 16.40
CA LEU A 1536 -37.36 -4.78 16.94
C LEU A 1536 -35.88 -5.07 16.69
N ILE A 1537 -35.50 -6.34 16.66
CA ILE A 1537 -34.10 -6.70 16.44
C ILE A 1537 -33.66 -6.29 15.04
N TRP A 1538 -34.49 -6.57 14.03
CA TRP A 1538 -34.19 -6.17 12.67
C TRP A 1538 -34.06 -4.66 12.56
N ASP A 1539 -34.99 -3.93 13.17
CA ASP A 1539 -34.95 -2.47 13.10
C ASP A 1539 -33.69 -1.93 13.77
N TYR A 1540 -33.32 -2.46 14.93
CA TYR A 1540 -32.12 -1.98 15.61
C TYR A 1540 -30.87 -2.29 14.79
N ILE A 1541 -30.79 -3.51 14.24
CA ILE A 1541 -29.61 -3.89 13.47
C ILE A 1541 -29.45 -2.98 12.27
N MET A 1542 -30.54 -2.70 11.56
CA MET A 1542 -30.40 -1.87 10.37
C MET A 1542 -30.25 -0.40 10.69
N ARG A 1543 -30.80 0.07 11.80
CA ARG A 1543 -30.49 1.42 12.25
C ARG A 1543 -29.01 1.57 12.55
N THR A 1544 -28.42 0.57 13.20
CA THR A 1544 -26.98 0.60 13.45
C THR A 1544 -26.19 0.54 12.14
N LEU A 1545 -26.61 -0.31 11.21
CA LEU A 1545 -25.90 -0.45 9.95
C LEU A 1545 -25.93 0.85 9.14
N ARG A 1546 -27.08 1.51 9.10
CA ARG A 1546 -27.19 2.76 8.34
C ARG A 1546 -26.53 3.93 9.06
N ASP A 1547 -26.55 3.93 10.40
CA ASP A 1547 -25.92 5.01 11.14
C ASP A 1547 -24.41 5.03 10.93
N THR A 1548 -23.78 3.86 10.92
CA THR A 1548 -22.34 3.79 10.77
C THR A 1548 -21.94 4.14 9.34
N SER A 1549 -20.64 4.27 9.11
CA SER A 1549 -20.12 4.59 7.79
C SER A 1549 -20.45 3.47 6.80
N HIS A 1550 -20.72 3.86 5.57
CA HIS A 1550 -21.01 2.90 4.50
C HIS A 1550 -19.74 2.32 3.88
N SER A 1551 -18.57 2.76 4.34
CA SER A 1551 -17.31 2.28 3.80
C SER A 1551 -17.07 0.81 4.11
N ILE A 1552 -17.71 0.26 5.15
CA ILE A 1552 -17.46 -1.12 5.54
C ILE A 1552 -18.08 -2.11 4.57
N LEU A 1553 -19.01 -1.68 3.73
CA LEU A 1553 -19.68 -2.55 2.78
C LEU A 1553 -18.96 -2.65 1.45
N LYS A 1554 -17.65 -2.38 1.44
CA LYS A 1554 -16.91 -2.30 0.18
C LYS A 1554 -16.95 -3.62 -0.58
N VAL A 1555 -16.65 -4.73 0.10
CA VAL A 1555 -16.51 -6.01 -0.58
C VAL A 1555 -17.84 -6.45 -1.18
N LEU A 1556 -18.90 -6.39 -0.37
CA LEU A 1556 -20.21 -6.81 -0.86
C LEU A 1556 -20.70 -5.90 -1.98
N SER A 1557 -20.55 -4.59 -1.80
CA SER A 1557 -21.01 -3.65 -2.82
C SER A 1557 -20.26 -3.86 -4.13
N ASN A 1558 -18.95 -4.09 -4.07
CA ASN A 1558 -18.17 -4.29 -5.28
C ASN A 1558 -18.53 -5.62 -5.94
N ALA A 1559 -18.66 -6.68 -5.15
CA ALA A 1559 -18.95 -8.00 -5.72
C ALA A 1559 -20.34 -8.07 -6.33
N LEU A 1560 -21.28 -7.27 -5.82
CA LEU A 1560 -22.64 -7.30 -6.35
C LEU A 1560 -22.81 -6.48 -7.62
N SER A 1561 -21.80 -5.71 -8.02
CA SER A 1561 -21.90 -4.85 -9.19
C SER A 1561 -21.52 -5.55 -10.50
N HIS A 1562 -20.96 -6.75 -10.42
CA HIS A 1562 -20.57 -7.44 -11.64
C HIS A 1562 -21.81 -7.77 -12.47
N PRO A 1563 -21.78 -7.53 -13.79
CA PRO A 1563 -22.97 -7.82 -14.59
C PRO A 1563 -23.47 -9.25 -14.47
N LYS A 1564 -22.57 -10.23 -14.44
CA LYS A 1564 -23.00 -11.62 -14.30
C LYS A 1564 -23.52 -11.89 -12.90
N VAL A 1565 -22.85 -11.36 -11.88
CA VAL A 1565 -23.31 -11.53 -10.50
C VAL A 1565 -24.67 -10.86 -10.31
N PHE A 1566 -24.81 -9.64 -10.82
CA PHE A 1566 -26.07 -8.94 -10.69
C PHE A 1566 -27.19 -9.65 -11.45
N LYS A 1567 -26.89 -10.17 -12.64
CA LYS A 1567 -27.91 -10.92 -13.38
C LYS A 1567 -28.33 -12.18 -12.64
N ARG A 1568 -27.37 -12.90 -12.07
CA ARG A 1568 -27.70 -14.13 -11.34
C ARG A 1568 -28.52 -13.82 -10.09
N PHE A 1569 -28.17 -12.75 -9.38
CA PHE A 1569 -28.95 -12.37 -8.20
C PHE A 1569 -30.34 -11.87 -8.59
N TRP A 1570 -30.45 -11.19 -9.74
CA TRP A 1570 -31.70 -10.59 -10.16
C TRP A 1570 -32.68 -11.64 -10.68
N ASP A 1571 -32.17 -12.69 -11.33
CA ASP A 1571 -33.05 -13.75 -11.83
C ASP A 1571 -33.77 -14.46 -10.69
N CYS A 1572 -33.18 -14.48 -9.49
CA CYS A 1572 -33.79 -15.11 -8.33
C CYS A 1572 -34.73 -14.20 -7.57
N GLY A 1573 -34.85 -12.93 -7.98
CA GLY A 1573 -35.73 -12.00 -7.32
C GLY A 1573 -35.19 -11.34 -6.08
N VAL A 1574 -33.94 -11.63 -5.70
CA VAL A 1574 -33.37 -11.00 -4.51
C VAL A 1574 -33.10 -9.52 -4.77
N LEU A 1575 -32.55 -9.20 -5.94
CA LEU A 1575 -32.24 -7.83 -6.32
C LEU A 1575 -32.90 -7.50 -7.65
N ASN A 1576 -33.28 -6.23 -7.80
CA ASN A 1576 -33.88 -5.75 -9.04
C ASN A 1576 -33.28 -4.40 -9.39
N PRO A 1577 -33.16 -4.08 -10.69
CA PRO A 1577 -32.54 -2.82 -11.08
C PRO A 1577 -33.46 -1.63 -10.88
N ILE A 1578 -33.53 -1.13 -9.65
CA ILE A 1578 -34.54 -0.14 -9.27
C ILE A 1578 -33.92 1.16 -8.77
N TYR A 1579 -32.62 1.17 -8.49
CA TYR A 1579 -32.01 2.27 -7.75
C TYR A 1579 -31.37 3.33 -8.66
N GLY A 1580 -31.64 3.28 -9.97
CA GLY A 1580 -31.12 4.27 -10.87
C GLY A 1580 -31.77 4.26 -12.24
N PRO A 1581 -31.56 5.34 -13.01
CA PRO A 1581 -32.10 5.36 -14.37
C PRO A 1581 -31.54 4.28 -15.27
N ASN A 1582 -30.28 3.89 -15.08
CA ASN A 1582 -29.64 2.91 -15.93
C ASN A 1582 -29.31 1.65 -15.14
N THR A 1583 -29.45 0.49 -15.80
CA THR A 1583 -29.22 -0.79 -15.15
C THR A 1583 -27.76 -1.01 -14.82
N ALA A 1584 -26.85 -0.50 -15.64
CA ALA A 1584 -25.42 -0.78 -15.49
C ALA A 1584 -24.74 0.12 -14.46
N SER A 1585 -25.45 1.05 -13.84
CA SER A 1585 -24.86 1.93 -12.84
C SER A 1585 -25.76 2.07 -11.63
N GLN A 1586 -26.33 0.96 -11.17
CA GLN A 1586 -27.14 0.98 -9.97
C GLN A 1586 -26.30 1.34 -8.75
N ASP A 1587 -26.92 2.02 -7.79
CA ASP A 1587 -26.22 2.42 -6.58
C ASP A 1587 -25.75 1.19 -5.81
N GLN A 1588 -24.48 1.20 -5.42
CA GLN A 1588 -23.89 0.02 -4.78
C GLN A 1588 -24.36 -0.12 -3.34
N ILE A 1589 -24.41 0.99 -2.60
CA ILE A 1589 -24.78 0.94 -1.19
C ILE A 1589 -26.21 0.43 -1.02
N LYS A 1590 -27.13 0.90 -1.89
CA LYS A 1590 -28.51 0.44 -1.80
C LYS A 1590 -28.62 -1.04 -2.09
N LEU A 1591 -27.85 -1.55 -3.06
CA LEU A 1591 -27.86 -2.97 -3.34
C LEU A 1591 -27.34 -3.77 -2.14
N ALA A 1592 -26.27 -3.29 -1.51
CA ALA A 1592 -25.74 -3.99 -0.34
C ALA A 1592 -26.76 -4.00 0.81
N LEU A 1593 -27.42 -2.87 1.05
CA LEU A 1593 -28.43 -2.83 2.11
C LEU A 1593 -29.62 -3.73 1.80
N SER A 1594 -30.04 -3.78 0.52
CA SER A 1594 -31.13 -4.69 0.16
C SER A 1594 -30.74 -6.14 0.39
N ILE A 1595 -29.50 -6.50 0.04
CA ILE A 1595 -29.04 -7.86 0.28
C ILE A 1595 -29.02 -8.16 1.77
N CYS A 1596 -28.57 -7.21 2.58
CA CYS A 1596 -28.55 -7.42 4.03
C CYS A 1596 -29.97 -7.59 4.57
N GLU A 1597 -30.92 -6.78 4.08
CA GLU A 1597 -32.30 -6.89 4.54
C GLU A 1597 -32.88 -8.26 4.21
N TYR A 1598 -32.66 -8.71 2.98
CA TYR A 1598 -33.17 -10.02 2.59
C TYR A 1598 -32.52 -11.13 3.41
N ALA A 1599 -31.21 -11.00 3.68
CA ALA A 1599 -30.52 -12.01 4.47
C ALA A 1599 -31.08 -12.09 5.88
N LEU A 1600 -31.26 -10.94 6.54
CA LEU A 1600 -31.79 -10.94 7.89
C LEU A 1600 -33.20 -11.51 7.94
N ASP A 1601 -34.06 -11.07 7.02
CA ASP A 1601 -35.44 -11.55 6.99
C ASP A 1601 -35.48 -13.06 6.76
N LEU A 1602 -34.69 -13.53 5.80
CA LEU A 1602 -34.66 -14.96 5.49
C LEU A 1602 -34.19 -15.77 6.67
N PHE A 1603 -33.10 -15.33 7.32
CA PHE A 1603 -32.57 -16.12 8.43
C PHE A 1603 -33.56 -16.17 9.59
N MET A 1604 -34.16 -15.02 9.94
CA MET A 1604 -35.09 -15.04 11.07
C MET A 1604 -36.32 -15.86 10.77
N ARG A 1605 -36.86 -15.74 9.54
CA ARG A 1605 -38.04 -16.53 9.19
C ARG A 1605 -37.71 -18.03 9.20
N GLU A 1606 -36.53 -18.41 8.71
CA GLU A 1606 -36.17 -19.83 8.71
C GLU A 1606 -35.90 -20.34 10.12
N TRP A 1607 -35.31 -19.51 10.97
CA TRP A 1607 -35.06 -19.91 12.35
C TRP A 1607 -36.37 -20.13 13.10
N LEU A 1608 -37.32 -19.22 12.93
CA LEU A 1608 -38.64 -19.41 13.53
C LEU A 1608 -39.36 -20.61 12.91
N ASN A 1609 -39.09 -20.91 11.63
CA ASN A 1609 -39.72 -22.06 11.00
C ASN A 1609 -39.15 -23.37 11.53
N GLY A 1610 -37.91 -23.37 12.01
CA GLY A 1610 -37.35 -24.56 12.62
C GLY A 1610 -36.37 -25.35 11.78
N VAL A 1611 -35.44 -24.67 11.12
CA VAL A 1611 -34.37 -25.32 10.35
C VAL A 1611 -33.03 -24.93 10.96
N SER A 1612 -32.12 -25.89 11.01
CA SER A 1612 -30.82 -25.68 11.65
C SER A 1612 -29.93 -24.78 10.81
N LEU A 1613 -28.89 -24.26 11.44
CA LEU A 1613 -27.92 -23.39 10.82
C LEU A 1613 -26.56 -24.06 10.80
N GLU A 1614 -25.94 -24.12 9.61
CA GLU A 1614 -24.63 -24.73 9.43
C GLU A 1614 -23.55 -23.66 9.47
N ILE A 1615 -22.52 -23.86 10.29
CA ILE A 1615 -21.47 -22.88 10.49
C ILE A 1615 -20.12 -23.58 10.40
N TYR A 1616 -19.15 -22.90 9.79
CA TYR A 1616 -17.77 -23.37 9.73
C TYR A 1616 -16.90 -22.46 10.61
N ILE A 1617 -16.14 -23.07 11.52
CA ILE A 1617 -15.19 -22.35 12.36
C ILE A 1617 -13.80 -22.74 11.87
N CYS A 1618 -13.08 -21.78 11.28
CA CYS A 1618 -11.79 -22.04 10.67
C CYS A 1618 -10.72 -21.23 11.39
N ASP A 1619 -9.64 -21.91 11.78
CA ASP A 1619 -8.49 -21.24 12.38
C ASP A 1619 -7.29 -22.17 12.21
N SER A 1620 -6.10 -21.58 12.28
CA SER A 1620 -4.86 -22.32 12.09
C SER A 1620 -4.44 -23.10 13.32
N ASP A 1621 -5.12 -22.94 14.45
CA ASP A 1621 -4.82 -23.66 15.67
C ASP A 1621 -6.08 -24.37 16.16
N MET A 1622 -5.93 -25.62 16.59
CA MET A 1622 -7.10 -26.43 16.93
C MET A 1622 -7.78 -25.94 18.21
N GLU A 1623 -6.99 -25.67 19.26
CA GLU A 1623 -7.59 -25.26 20.53
C GLU A 1623 -8.20 -23.86 20.42
N VAL A 1624 -7.60 -22.97 19.62
CA VAL A 1624 -8.21 -21.67 19.37
C VAL A 1624 -9.51 -21.86 18.60
N ALA A 1625 -9.56 -22.84 17.70
CA ALA A 1625 -10.80 -23.15 17.00
C ALA A 1625 -11.87 -23.61 17.96
N ASN A 1626 -11.52 -24.45 18.93
CA ASN A 1626 -12.50 -24.90 19.91
C ASN A 1626 -13.00 -23.75 20.78
N ASP A 1627 -12.10 -22.86 21.20
CA ASP A 1627 -12.51 -21.69 21.96
C ASP A 1627 -13.44 -20.79 21.14
N ARG A 1628 -13.13 -20.61 19.85
CA ARG A 1628 -14.00 -19.84 18.98
C ARG A 1628 -15.36 -20.49 18.85
N LYS A 1629 -15.41 -21.83 18.78
CA LYS A 1629 -16.69 -22.52 18.72
C LYS A 1629 -17.50 -22.28 19.99
N GLN A 1630 -16.84 -22.33 21.15
CA GLN A 1630 -17.54 -22.05 22.40
C GLN A 1630 -18.09 -20.62 22.43
N ALA A 1631 -17.28 -19.65 21.98
CA ALA A 1631 -17.74 -18.27 21.95
C ALA A 1631 -18.92 -18.09 20.99
N PHE A 1632 -18.86 -18.74 19.83
CA PHE A 1632 -19.95 -18.67 18.87
C PHE A 1632 -21.24 -19.25 19.46
N ILE A 1633 -21.13 -20.38 20.17
CA ILE A 1633 -22.30 -20.97 20.79
C ILE A 1633 -22.88 -20.04 21.86
N SER A 1634 -22.01 -19.40 22.64
CA SER A 1634 -22.48 -18.46 23.65
C SER A 1634 -23.24 -17.29 23.00
N ARG A 1635 -22.67 -16.73 21.92
CA ARG A 1635 -23.35 -15.63 21.24
C ARG A 1635 -24.68 -16.07 20.66
N HIS A 1636 -24.73 -17.27 20.08
CA HIS A 1636 -25.98 -17.77 19.52
C HIS A 1636 -27.04 -17.95 20.60
N LEU A 1637 -26.63 -18.44 21.78
CA LEU A 1637 -27.59 -18.58 22.87
C LEU A 1637 -28.08 -17.22 23.35
N SER A 1638 -27.21 -16.23 23.40
CA SER A 1638 -27.66 -14.88 23.74
C SER A 1638 -28.69 -14.38 22.74
N PHE A 1639 -28.43 -14.61 21.45
CA PHE A 1639 -29.38 -14.19 20.42
C PHE A 1639 -30.71 -14.92 20.56
N VAL A 1640 -30.67 -16.22 20.87
CA VAL A 1640 -31.91 -16.98 21.02
C VAL A 1640 -32.70 -16.48 22.22
N CYS A 1641 -32.01 -16.12 23.30
CA CYS A 1641 -32.69 -15.51 24.44
C CYS A 1641 -33.33 -14.19 24.05
N CYS A 1642 -32.62 -13.38 23.25
CA CYS A 1642 -33.19 -12.11 22.81
C CYS A 1642 -34.43 -12.31 21.95
N LEU A 1643 -34.40 -13.29 21.05
CA LEU A 1643 -35.48 -13.44 20.06
C LEU A 1643 -36.77 -13.94 20.72
N ALA A 1644 -36.66 -14.84 21.69
CA ALA A 1644 -37.83 -15.46 22.29
C ALA A 1644 -38.55 -14.55 23.27
N GLU A 1645 -38.17 -13.28 23.36
CA GLU A 1645 -38.82 -12.29 24.22
C GLU A 1645 -38.80 -12.72 25.69
N ILE A 1646 -37.72 -13.38 26.10
CA ILE A 1646 -37.53 -13.79 27.48
C ILE A 1646 -36.23 -13.27 28.06
N ALA A 1647 -35.57 -12.35 27.35
CA ALA A 1647 -34.28 -11.83 27.79
C ALA A 1647 -34.40 -10.68 28.79
N SER A 1648 -35.61 -10.21 29.08
CA SER A 1648 -35.77 -9.11 30.04
C SER A 1648 -35.54 -9.57 31.47
N PHE A 1649 -35.87 -10.82 31.78
CA PHE A 1649 -35.72 -11.36 33.13
C PHE A 1649 -34.52 -12.30 33.24
N GLY A 1650 -33.66 -12.34 32.24
CA GLY A 1650 -32.55 -13.25 32.22
C GLY A 1650 -31.43 -12.85 33.17
N PRO A 1651 -30.46 -13.74 33.36
CA PRO A 1651 -29.35 -13.44 34.26
C PRO A 1651 -28.46 -12.32 33.72
N ASN A 1652 -27.88 -11.57 34.65
CA ASN A 1652 -26.93 -10.51 34.28
C ASN A 1652 -25.61 -11.14 33.85
N LEU A 1653 -25.10 -10.69 32.71
CA LEU A 1653 -23.88 -11.25 32.12
C LEU A 1653 -22.75 -10.22 32.10
N LEU A 1654 -22.59 -9.47 33.18
CA LEU A 1654 -21.54 -8.48 33.28
C LEU A 1654 -20.32 -9.06 34.00
N ASN A 1655 -19.14 -8.77 33.45
CA ASN A 1655 -17.87 -9.19 34.05
C ASN A 1655 -17.78 -10.70 34.18
N LEU A 1656 -18.27 -11.42 33.17
CA LEU A 1656 -18.23 -12.87 33.16
C LEU A 1656 -17.56 -13.36 31.88
N THR A 1657 -16.79 -14.44 32.00
CA THR A 1657 -16.18 -15.05 30.83
C THR A 1657 -17.25 -15.71 29.96
N TYR A 1658 -16.89 -15.98 28.70
CA TYR A 1658 -17.86 -16.51 27.76
C TYR A 1658 -18.30 -17.92 28.15
N LEU A 1659 -17.46 -18.69 28.83
CA LEU A 1659 -17.86 -20.02 29.27
C LEU A 1659 -18.94 -19.95 30.36
N GLU A 1660 -18.75 -19.04 31.33
CA GLU A 1660 -19.76 -18.85 32.37
C GLU A 1660 -21.07 -18.36 31.76
N ARG A 1661 -21.00 -17.44 30.81
CA ARG A 1661 -22.20 -16.97 30.13
C ARG A 1661 -22.88 -18.12 29.39
N LEU A 1662 -22.10 -18.96 28.71
CA LEU A 1662 -22.68 -20.09 27.99
C LEU A 1662 -23.42 -21.02 28.94
N ASP A 1663 -22.78 -21.35 30.08
CA ASP A 1663 -23.43 -22.25 31.03
C ASP A 1663 -24.68 -21.64 31.63
N LEU A 1664 -24.62 -20.37 32.02
CA LEU A 1664 -25.79 -19.72 32.61
C LEU A 1664 -26.95 -19.65 31.61
N LEU A 1665 -26.65 -19.30 30.35
CA LEU A 1665 -27.70 -19.21 29.35
C LEU A 1665 -28.28 -20.57 29.03
N LYS A 1666 -27.44 -21.62 29.02
CA LYS A 1666 -27.96 -22.97 28.82
C LYS A 1666 -28.92 -23.35 29.94
N GLN A 1667 -28.53 -23.07 31.18
CA GLN A 1667 -29.41 -23.38 32.31
C GLN A 1667 -30.72 -22.61 32.21
N TYR A 1668 -30.65 -21.32 31.90
CA TYR A 1668 -31.85 -20.50 31.81
C TYR A 1668 -32.77 -20.99 30.70
N LEU A 1669 -32.22 -21.30 29.53
CA LEU A 1669 -33.04 -21.76 28.41
C LEU A 1669 -33.68 -23.11 28.71
N GLU A 1670 -32.92 -24.03 29.29
CA GLU A 1670 -33.50 -25.33 29.64
C GLU A 1670 -34.61 -25.17 30.67
N LEU A 1671 -34.40 -24.31 31.67
CA LEU A 1671 -35.44 -24.08 32.67
C LEU A 1671 -36.70 -23.50 32.04
N ASN A 1672 -36.53 -22.52 31.14
CA ASN A 1672 -37.70 -21.89 30.53
C ASN A 1672 -38.44 -22.86 29.61
N ILE A 1673 -37.71 -23.68 28.85
CA ILE A 1673 -38.37 -24.64 27.98
C ILE A 1673 -39.11 -25.70 28.81
N LYS A 1674 -38.48 -26.20 29.87
CA LYS A 1674 -39.12 -27.22 30.68
C LYS A 1674 -40.34 -26.68 31.41
N GLU A 1675 -40.25 -25.47 31.96
CA GLU A 1675 -41.35 -24.91 32.74
C GLU A 1675 -42.55 -24.59 31.86
N ASP A 1676 -42.31 -23.99 30.69
CA ASP A 1676 -43.38 -23.55 29.81
C ASP A 1676 -43.27 -24.24 28.46
N PRO A 1677 -44.31 -24.92 27.99
CA PRO A 1677 -44.24 -25.64 26.72
C PRO A 1677 -44.65 -24.83 25.49
N THR A 1678 -44.78 -23.51 25.61
CA THR A 1678 -45.13 -22.69 24.44
C THR A 1678 -43.92 -22.50 23.53
N LEU A 1679 -42.73 -22.35 24.11
CA LEU A 1679 -41.52 -22.06 23.35
C LEU A 1679 -40.94 -23.33 22.71
N LYS A 1680 -41.75 -23.95 21.84
CA LYS A 1680 -41.31 -25.13 21.13
C LYS A 1680 -40.35 -24.80 20.00
N TYR A 1681 -40.51 -23.64 19.35
CA TYR A 1681 -39.64 -23.28 18.24
C TYR A 1681 -38.21 -23.02 18.68
N VAL A 1682 -38.00 -22.72 19.95
CA VAL A 1682 -36.65 -22.50 20.48
C VAL A 1682 -35.98 -23.86 20.66
N GLN A 1683 -34.92 -24.10 19.89
CA GLN A 1683 -34.15 -25.33 19.97
C GLN A 1683 -32.71 -25.00 20.31
N ILE A 1684 -32.19 -25.64 21.35
CA ILE A 1684 -30.81 -25.38 21.78
C ILE A 1684 -29.82 -25.95 20.76
N SER A 1685 -30.06 -27.16 20.29
CA SER A 1685 -29.17 -27.82 19.34
C SER A 1685 -29.56 -27.50 17.89
N GLY A 1686 -29.70 -26.22 17.59
CA GLY A 1686 -29.99 -25.76 16.25
C GLY A 1686 -28.79 -25.40 15.42
N LEU A 1687 -27.58 -25.67 15.92
CA LEU A 1687 -26.35 -25.33 15.24
C LEU A 1687 -25.60 -26.59 14.83
N LEU A 1688 -25.03 -26.56 13.62
CA LEU A 1688 -24.15 -27.62 13.14
C LEU A 1688 -22.81 -26.96 12.80
N ILE A 1689 -21.87 -27.04 13.73
CA ILE A 1689 -20.58 -26.35 13.61
C ILE A 1689 -19.53 -27.35 13.21
N LYS A 1690 -18.80 -27.05 12.14
CA LYS A 1690 -17.69 -27.87 11.67
C LYS A 1690 -16.39 -27.11 11.85
N SER A 1691 -15.41 -27.73 12.49
CA SER A 1691 -14.14 -27.09 12.79
C SER A 1691 -13.10 -27.48 11.74
N PHE A 1692 -12.41 -26.49 11.20
CA PHE A 1692 -11.36 -26.69 10.22
C PHE A 1692 -10.03 -26.19 10.76
N PRO A 1693 -8.96 -26.96 10.63
CA PRO A 1693 -7.65 -26.56 11.17
C PRO A 1693 -6.82 -25.74 10.19
N SER A 1694 -7.45 -24.72 9.60
CA SER A 1694 -6.78 -23.89 8.62
C SER A 1694 -7.57 -22.60 8.46
N THR A 1695 -6.99 -21.64 7.75
CA THR A 1695 -7.68 -20.39 7.49
C THR A 1695 -8.83 -20.61 6.51
N VAL A 1696 -9.78 -19.68 6.53
CA VAL A 1696 -10.98 -19.80 5.70
C VAL A 1696 -10.62 -19.75 4.22
N THR A 1697 -9.59 -18.98 3.86
CA THR A 1697 -9.18 -18.87 2.47
C THR A 1697 -8.76 -20.23 1.91
N TYR A 1698 -8.01 -21.00 2.71
CA TYR A 1698 -7.58 -22.32 2.25
C TYR A 1698 -8.77 -23.23 2.01
N VAL A 1699 -9.77 -23.21 2.90
CA VAL A 1699 -10.95 -24.04 2.72
C VAL A 1699 -11.71 -23.63 1.47
N ARG A 1700 -11.88 -22.32 1.26
CA ARG A 1700 -12.58 -21.85 0.08
C ARG A 1700 -11.86 -22.25 -1.20
N LYS A 1701 -10.54 -22.10 -1.23
CA LYS A 1701 -9.78 -22.49 -2.41
C LYS A 1701 -9.86 -23.99 -2.66
N THR A 1702 -9.81 -24.79 -1.59
CA THR A 1702 -9.94 -26.24 -1.76
C THR A 1702 -11.30 -26.61 -2.32
N ALA A 1703 -12.36 -25.98 -1.81
CA ALA A 1703 -13.70 -26.24 -2.32
C ALA A 1703 -13.81 -25.85 -3.79
N ILE A 1704 -13.25 -24.70 -4.16
CA ILE A 1704 -13.29 -24.26 -5.55
C ILE A 1704 -12.50 -25.21 -6.44
N LYS A 1705 -11.34 -25.66 -5.98
CA LYS A 1705 -10.51 -26.58 -6.76
C LYS A 1705 -11.24 -27.90 -6.99
N TYR A 1706 -11.87 -28.44 -5.95
CA TYR A 1706 -12.63 -29.68 -6.15
C TYR A 1706 -13.85 -29.45 -7.03
N LEU A 1707 -14.46 -28.26 -6.95
CA LEU A 1707 -15.57 -27.93 -7.85
C LEU A 1707 -15.11 -27.96 -9.30
N ARG A 1708 -13.97 -27.34 -9.60
CA ARG A 1708 -13.47 -27.33 -10.97
C ARG A 1708 -13.05 -28.72 -11.43
N ILE A 1709 -12.39 -29.49 -10.55
CA ILE A 1709 -11.92 -30.82 -10.93
C ILE A 1709 -13.11 -31.73 -11.22
N ARG A 1710 -14.12 -31.71 -10.35
CA ARG A 1710 -15.30 -32.55 -10.56
C ARG A 1710 -16.10 -32.14 -11.79
N GLY A 1711 -15.94 -30.90 -12.24
CA GLY A 1711 -16.64 -30.43 -13.42
C GLY A 1711 -18.15 -30.39 -13.28
N ILE A 1712 -18.62 -29.84 -12.16
CA ILE A 1712 -20.05 -29.74 -11.88
C ILE A 1712 -20.51 -28.31 -12.09
N SER A 1713 -21.63 -28.14 -12.77
CA SER A 1713 -22.15 -26.82 -13.10
C SER A 1713 -22.70 -26.13 -11.85
N PRO A 1714 -22.72 -24.79 -11.85
CA PRO A 1714 -23.34 -24.08 -10.73
C PRO A 1714 -24.84 -24.32 -10.71
N PRO A 1715 -25.47 -24.26 -9.54
CA PRO A 1715 -26.91 -24.52 -9.47
C PRO A 1715 -27.70 -23.48 -10.26
N GLU A 1716 -28.67 -23.97 -11.05
CA GLU A 1716 -29.50 -23.12 -11.88
C GLU A 1716 -30.95 -23.25 -11.47
N VAL A 1717 -31.62 -22.12 -11.25
CA VAL A 1717 -33.02 -22.11 -10.87
C VAL A 1717 -33.82 -21.24 -11.84
N ASN A 1732 -46.46 -21.56 -21.89
CA ASN A 1732 -47.35 -21.41 -20.76
C ASN A 1732 -48.59 -20.60 -21.14
N ILE A 1733 -49.70 -20.87 -20.45
CA ILE A 1733 -50.94 -20.13 -20.71
C ILE A 1733 -50.80 -18.68 -20.27
N VAL A 1734 -49.98 -18.42 -19.26
CA VAL A 1734 -49.83 -17.06 -18.74
C VAL A 1734 -49.23 -16.14 -19.80
N LYS A 1735 -48.31 -16.67 -20.61
CA LYS A 1735 -47.63 -15.84 -21.60
C LYS A 1735 -48.61 -15.30 -22.64
N THR A 1736 -49.53 -16.14 -23.13
CA THR A 1736 -50.42 -15.72 -24.20
C THR A 1736 -51.56 -14.85 -23.71
N ILE A 1737 -52.03 -15.06 -22.49
CA ILE A 1737 -53.21 -14.32 -22.01
C ILE A 1737 -52.86 -12.85 -21.80
N ASN A 1738 -51.65 -12.56 -21.33
CA ASN A 1738 -51.25 -11.16 -21.13
C ASN A 1738 -51.18 -10.43 -22.48
N ASP A 1739 -50.59 -11.06 -23.49
CA ASP A 1739 -50.53 -10.45 -24.81
C ASP A 1739 -51.92 -10.26 -25.39
N ASN A 1740 -52.80 -11.25 -25.20
CA ASN A 1740 -54.16 -11.13 -25.70
C ASN A 1740 -54.89 -9.99 -25.02
N CYS A 1741 -54.72 -9.84 -23.71
CA CYS A 1741 -55.36 -8.74 -22.99
C CYS A 1741 -54.83 -7.39 -23.45
N ASN A 1742 -53.51 -7.29 -23.67
CA ASN A 1742 -52.91 -6.05 -24.16
C ASN A 1742 -53.48 -5.68 -25.52
N LYS A 1743 -53.53 -6.65 -26.44
CA LYS A 1743 -54.09 -6.38 -27.76
C LYS A 1743 -55.56 -5.98 -27.67
N ASP A 1744 -56.33 -6.67 -26.83
CA ASP A 1744 -57.74 -6.36 -26.69
C ASP A 1744 -57.94 -4.94 -26.16
N ASN A 1745 -57.17 -4.54 -25.15
CA ASN A 1745 -57.31 -3.20 -24.60
C ASN A 1745 -56.93 -2.14 -25.64
N LYS A 1746 -55.79 -2.33 -26.31
CA LYS A 1746 -55.34 -1.31 -27.25
C LYS A 1746 -56.20 -1.26 -28.50
N GLY A 1747 -56.94 -2.32 -28.81
CA GLY A 1747 -57.89 -2.25 -29.90
C GLY A 1747 -59.26 -1.77 -29.46
N ASN A 1748 -59.54 -1.86 -28.15
CA ASN A 1748 -60.84 -1.45 -27.63
C ASN A 1748 -60.88 0.03 -27.35
N LYS A 1749 -59.77 0.62 -26.88
CA LYS A 1749 -59.77 2.01 -26.44
C LYS A 1749 -59.46 2.98 -27.58
N ILE A 1750 -59.79 2.62 -28.82
CA ILE A 1750 -59.54 3.52 -29.95
C ILE A 1750 -60.50 4.72 -29.91
N ASN A 1751 -61.79 4.47 -29.65
CA ASN A 1751 -62.77 5.56 -29.68
C ASN A 1751 -62.48 6.59 -28.60
N ASN A 1752 -62.36 6.15 -27.35
CA ASN A 1752 -61.96 7.01 -26.24
C ASN A 1752 -60.62 6.53 -25.73
N PHE A 1753 -59.64 7.44 -25.69
CA PHE A 1753 -58.27 7.07 -25.37
C PHE A 1753 -58.05 7.12 -23.85
N TRP A 1754 -58.62 6.12 -23.18
CA TRP A 1754 -58.40 5.91 -21.74
C TRP A 1754 -58.78 7.14 -20.92
N GLY A 1755 -59.85 7.80 -21.33
CA GLY A 1755 -60.28 9.01 -20.65
C GLY A 1755 -59.26 10.12 -20.68
N LEU A 1756 -58.50 10.24 -21.78
CA LEU A 1756 -57.47 11.27 -21.89
C LEU A 1756 -57.46 11.93 -23.25
N ALA A 1757 -58.56 11.89 -23.98
CA ALA A 1757 -58.59 12.48 -25.32
C ALA A 1757 -58.44 14.00 -25.24
N LEU A 1758 -57.63 14.54 -26.14
CA LEU A 1758 -57.40 15.98 -26.20
C LEU A 1758 -58.58 16.68 -26.86
N LYS A 1759 -58.84 17.91 -26.40
CA LYS A 1759 -59.90 18.73 -26.97
C LYS A 1759 -59.31 19.67 -28.02
N ASN A 1760 -60.16 20.50 -28.60
CA ASN A 1760 -59.73 21.38 -29.68
C ASN A 1760 -58.92 22.56 -29.19
N TYR A 1761 -58.85 22.82 -27.89
CA TYR A 1761 -58.14 23.96 -27.36
C TYR A 1761 -56.69 23.67 -27.01
N GLN A 1762 -56.25 22.42 -27.14
CA GLN A 1762 -54.90 22.04 -26.72
C GLN A 1762 -53.91 21.91 -27.87
N VAL A 1763 -54.38 21.64 -29.08
CA VAL A 1763 -53.51 21.54 -30.24
C VAL A 1763 -53.62 22.83 -31.04
N LEU A 1764 -52.47 23.36 -31.48
CA LEU A 1764 -52.44 24.58 -32.26
C LEU A 1764 -51.37 24.43 -33.33
N LYS A 1765 -51.51 25.21 -34.40
CA LYS A 1765 -50.52 25.25 -35.47
C LYS A 1765 -50.02 26.67 -35.64
N ILE A 1766 -48.70 26.82 -35.81
CA ILE A 1766 -48.11 28.15 -35.96
C ILE A 1766 -48.62 28.81 -37.25
N ARG A 1767 -48.76 28.03 -38.32
CA ARG A 1767 -49.36 28.56 -39.54
C ARG A 1767 -50.79 29.02 -39.30
N SER A 1768 -51.57 28.24 -38.55
CA SER A 1768 -52.95 28.61 -38.26
C SER A 1768 -53.05 29.82 -37.35
N ILE A 1769 -52.02 30.09 -36.55
CA ILE A 1769 -52.02 31.26 -35.67
C ILE A 1769 -51.03 32.28 -36.19
N LEU A 1788 -46.74 28.34 -13.26
CA LEU A 1788 -47.30 29.43 -14.04
C LEU A 1788 -48.42 30.19 -13.31
N PRO A 1789 -49.51 29.51 -12.90
CA PRO A 1789 -50.60 30.25 -12.25
C PRO A 1789 -50.22 30.74 -10.85
N GLN A 1790 -49.66 29.86 -10.02
CA GLN A 1790 -49.25 30.21 -8.66
C GLN A 1790 -47.93 29.52 -8.38
N GLY A 1791 -46.83 30.21 -8.68
CA GLY A 1791 -45.51 29.68 -8.38
C GLY A 1791 -45.29 28.33 -9.03
N GLY A 1792 -44.74 27.40 -8.24
CA GLY A 1792 -44.56 26.03 -8.70
C GLY A 1792 -45.27 25.03 -7.81
N ASN A 1793 -46.30 24.38 -8.35
CA ASN A 1793 -47.08 23.39 -7.61
C ASN A 1793 -47.01 22.06 -8.33
N TYR A 1794 -46.85 20.98 -7.57
CA TYR A 1794 -46.70 19.64 -8.11
C TYR A 1794 -47.95 18.79 -7.89
N LEU A 1795 -49.13 19.42 -7.97
CA LEU A 1795 -50.37 18.70 -7.74
C LEU A 1795 -50.64 17.66 -8.81
N SER A 1796 -49.99 17.75 -9.96
CA SER A 1796 -50.21 16.78 -11.03
C SER A 1796 -49.62 15.41 -10.72
N HIS A 1797 -48.80 15.29 -9.68
CA HIS A 1797 -48.11 14.04 -9.40
C HIS A 1797 -48.97 13.02 -8.67
N GLN A 1798 -50.18 13.39 -8.23
CA GLN A 1798 -51.07 12.40 -7.64
C GLN A 1798 -51.49 11.34 -8.66
N LEU A 1799 -51.53 11.70 -9.94
CA LEU A 1799 -51.88 10.74 -10.97
C LEU A 1799 -50.71 9.88 -11.41
N ARG A 1800 -49.48 10.25 -11.03
CA ARG A 1800 -48.29 9.48 -11.39
C ARG A 1800 -48.03 8.44 -10.30
N LEU A 1801 -48.71 7.30 -10.44
CA LEU A 1801 -48.62 6.24 -9.45
C LEU A 1801 -48.11 4.92 -10.03
N PHE A 1802 -47.68 4.92 -11.30
CA PHE A 1802 -47.25 3.69 -11.95
C PHE A 1802 -45.83 3.78 -12.48
N GLY A 1803 -45.03 4.69 -11.94
CA GLY A 1803 -43.64 4.80 -12.35
C GLY A 1803 -42.71 4.72 -11.16
N ILE A 1804 -41.66 3.91 -11.27
CA ILE A 1804 -40.73 3.73 -10.16
C ILE A 1804 -39.51 4.62 -10.37
N ASN A 1805 -38.77 4.39 -11.45
CA ASN A 1805 -37.62 5.24 -11.76
C ASN A 1805 -38.06 6.59 -12.31
N SER A 1806 -38.78 6.57 -13.43
CA SER A 1806 -39.37 7.77 -14.01
C SER A 1806 -40.87 7.57 -14.12
N THR A 1807 -41.65 8.44 -13.48
CA THR A 1807 -43.09 8.35 -13.53
C THR A 1807 -43.68 8.93 -14.80
N SER A 1808 -42.88 9.57 -15.64
CA SER A 1808 -43.36 10.23 -16.85
C SER A 1808 -43.66 9.20 -17.95
N CYS A 1809 -44.60 8.32 -17.63
CA CYS A 1809 -45.14 7.37 -18.59
C CYS A 1809 -46.60 7.66 -18.95
N LEU A 1810 -47.25 8.56 -18.23
CA LEU A 1810 -48.62 8.92 -18.55
C LEU A 1810 -48.70 9.83 -19.77
N LYS A 1811 -47.69 10.67 -19.98
CA LYS A 1811 -47.69 11.57 -21.12
C LYS A 1811 -47.53 10.81 -22.43
N ALA A 1812 -46.75 9.72 -22.43
CA ALA A 1812 -46.64 8.90 -23.62
C ALA A 1812 -47.99 8.31 -24.00
N LEU A 1813 -48.75 7.85 -23.01
CA LEU A 1813 -50.10 7.35 -23.28
C LEU A 1813 -51.00 8.43 -23.85
N GLU A 1814 -50.79 9.68 -23.45
CA GLU A 1814 -51.60 10.78 -23.97
C GLU A 1814 -51.24 11.10 -25.41
N LEU A 1815 -49.94 11.16 -25.73
CA LEU A 1815 -49.49 11.47 -27.08
C LEU A 1815 -49.63 10.29 -28.04
N SER A 1816 -49.88 9.09 -27.51
CA SER A 1816 -49.98 7.91 -28.36
C SER A 1816 -51.09 8.04 -29.39
N GLN A 1817 -52.19 8.71 -29.03
CA GLN A 1817 -53.28 8.89 -30.00
C GLN A 1817 -52.80 9.64 -31.23
N ILE A 1818 -52.14 10.78 -31.03
CA ILE A 1818 -51.66 11.58 -32.15
C ILE A 1818 -50.59 10.83 -32.93
N LEU A 1819 -49.67 10.18 -32.22
CA LEU A 1819 -48.60 9.46 -32.91
C LEU A 1819 -49.15 8.35 -33.78
N MET A 1820 -49.96 7.45 -33.21
CA MET A 1820 -50.53 6.37 -34.00
C MET A 1820 -51.47 6.90 -35.07
N LYS A 1821 -51.94 8.14 -34.91
CA LYS A 1821 -52.70 8.77 -35.98
C LYS A 1821 -51.81 9.13 -37.16
N GLU A 1822 -50.62 9.68 -36.91
CA GLU A 1822 -49.84 10.27 -38.00
C GLU A 1822 -48.42 9.74 -38.16
N VAL A 1823 -48.02 8.68 -37.46
CA VAL A 1823 -46.70 8.11 -37.67
C VAL A 1823 -46.86 6.74 -38.32
N ASN A 1824 -45.84 6.35 -39.08
CA ASN A 1824 -45.81 5.03 -39.69
C ASN A 1824 -45.46 3.99 -38.63
N LYS A 1825 -46.12 2.83 -38.71
CA LYS A 1825 -45.92 1.75 -37.75
C LYS A 1825 -45.01 0.65 -38.27
N ASP A 1826 -44.46 0.78 -39.48
CA ASP A 1826 -43.59 -0.23 -40.05
C ASP A 1826 -42.15 0.27 -40.19
N LYS A 1827 -41.77 1.29 -39.43
CA LYS A 1827 -40.43 1.85 -39.47
C LYS A 1827 -39.89 1.95 -38.05
N ASP A 1828 -38.56 1.91 -37.93
CA ASP A 1828 -37.92 1.96 -36.62
C ASP A 1828 -38.08 3.35 -36.01
N ARG A 1829 -37.70 3.46 -34.73
CA ARG A 1829 -37.81 4.70 -33.99
C ARG A 1829 -36.49 5.03 -33.31
N LEU A 1830 -36.27 6.31 -33.07
CA LEU A 1830 -35.07 6.81 -32.42
C LEU A 1830 -35.47 7.69 -31.25
N PHE A 1831 -34.86 7.44 -30.09
CA PHE A 1831 -35.17 8.19 -28.87
C PHE A 1831 -33.91 8.88 -28.38
N LEU A 1832 -34.01 10.17 -28.11
CA LEU A 1832 -32.90 10.99 -27.66
C LEU A 1832 -33.17 11.49 -26.25
N GLY A 1833 -32.12 11.50 -25.42
CA GLY A 1833 -32.26 11.99 -24.07
C GLY A 1833 -33.16 11.17 -23.18
N GLU A 1834 -33.46 9.94 -23.58
CA GLU A 1834 -34.35 9.08 -22.79
C GLU A 1834 -33.64 8.67 -21.50
N GLY A 1835 -34.05 9.26 -20.39
CA GLY A 1835 -33.42 8.97 -19.11
C GLY A 1835 -33.63 7.54 -18.65
N ALA A 1836 -34.87 7.19 -18.31
CA ALA A 1836 -35.18 5.87 -17.78
C ALA A 1836 -35.84 4.95 -18.79
N GLY A 1837 -36.41 5.48 -19.87
CA GLY A 1837 -37.01 4.65 -20.89
C GLY A 1837 -38.49 4.36 -20.72
N ALA A 1838 -39.19 5.10 -19.86
CA ALA A 1838 -40.63 4.89 -19.72
C ALA A 1838 -41.37 5.23 -21.01
N MET A 1839 -40.95 6.30 -21.69
CA MET A 1839 -41.54 6.64 -22.98
C MET A 1839 -41.40 5.50 -23.96
N LEU A 1840 -40.21 4.89 -24.03
CA LEU A 1840 -39.96 3.83 -25.00
C LEU A 1840 -40.85 2.63 -24.74
N ALA A 1841 -40.94 2.21 -23.47
CA ALA A 1841 -41.78 1.06 -23.14
C ALA A 1841 -43.24 1.35 -23.40
N CYS A 1842 -43.72 2.53 -23.03
CA CYS A 1842 -45.12 2.87 -23.26
C CYS A 1842 -45.45 2.90 -24.74
N TYR A 1843 -44.57 3.48 -25.56
CA TYR A 1843 -44.80 3.52 -27.00
C TYR A 1843 -44.74 2.12 -27.61
N ASP A 1844 -43.82 1.29 -27.13
CA ASP A 1844 -43.76 -0.09 -27.61
C ASP A 1844 -45.04 -0.84 -27.29
N ALA A 1845 -45.59 -0.63 -26.09
CA ALA A 1845 -46.84 -1.28 -25.72
C ALA A 1845 -48.00 -0.77 -26.56
N THR A 1846 -48.08 0.55 -26.78
CA THR A 1846 -49.21 1.12 -27.51
C THR A 1846 -49.05 0.95 -29.01
N LEU A 1847 -48.00 1.54 -29.58
CA LEU A 1847 -47.75 1.43 -31.00
C LEU A 1847 -47.25 0.02 -31.34
N GLY A 1848 -47.07 -0.23 -32.63
CA GLY A 1848 -46.60 -1.51 -33.09
C GLY A 1848 -45.19 -1.81 -32.62
N PRO A 1849 -44.87 -3.09 -32.42
CA PRO A 1849 -43.50 -3.46 -32.02
C PRO A 1849 -42.52 -3.24 -33.16
N ALA A 1850 -41.45 -2.51 -32.87
CA ALA A 1850 -40.42 -2.23 -33.86
C ALA A 1850 -39.11 -1.93 -33.14
N ILE A 1851 -38.02 -2.00 -33.90
CA ILE A 1851 -36.70 -1.77 -33.33
C ILE A 1851 -36.59 -0.33 -32.85
N ASN A 1852 -36.09 -0.16 -31.63
CA ASN A 1852 -35.97 1.16 -31.00
C ASN A 1852 -34.50 1.43 -30.73
N TYR A 1853 -33.99 2.53 -31.27
CA TYR A 1853 -32.64 2.98 -31.01
C TYR A 1853 -32.66 4.02 -29.90
N TYR A 1854 -31.74 3.90 -28.95
CA TYR A 1854 -31.80 4.64 -27.71
C TYR A 1854 -30.52 5.44 -27.49
N ASN A 1855 -30.69 6.69 -27.06
CA ASN A 1855 -29.54 7.54 -26.74
C ASN A 1855 -29.84 8.31 -25.47
N SER A 1856 -28.84 8.46 -24.62
CA SER A 1856 -29.01 9.18 -23.36
C SER A 1856 -27.68 9.73 -22.91
N GLY A 1857 -27.74 10.71 -22.02
CA GLY A 1857 -26.54 11.32 -21.50
C GLY A 1857 -25.71 10.38 -20.66
N LEU A 1858 -24.42 10.68 -20.56
CA LEU A 1858 -23.49 9.85 -19.80
C LEU A 1858 -22.31 10.72 -19.40
N ASN A 1859 -22.02 10.79 -18.10
CA ASN A 1859 -20.98 11.68 -17.62
C ASN A 1859 -20.00 10.98 -16.68
N ILE A 1860 -19.10 11.76 -16.07
CA ILE A 1860 -18.07 11.19 -15.21
C ILE A 1860 -18.67 10.55 -13.97
N THR A 1861 -19.83 11.03 -13.52
CA THR A 1861 -20.45 10.47 -12.32
C THR A 1861 -20.87 9.02 -12.52
N ASP A 1862 -21.28 8.67 -13.74
CA ASP A 1862 -21.81 7.33 -13.99
C ASP A 1862 -20.78 6.22 -13.80
N VAL A 1863 -19.49 6.55 -13.81
CA VAL A 1863 -18.48 5.51 -13.71
C VAL A 1863 -18.50 4.87 -12.33
N ILE A 1864 -18.12 3.60 -12.27
CA ILE A 1864 -18.04 2.86 -11.02
C ILE A 1864 -16.57 2.52 -10.78
N GLY A 1865 -16.26 2.09 -9.56
CA GLY A 1865 -14.87 1.87 -9.18
C GLY A 1865 -14.15 0.88 -10.07
N GLN A 1866 -14.82 -0.21 -10.44
CA GLN A 1866 -14.17 -1.24 -11.23
C GLN A 1866 -15.08 -1.82 -12.31
N ARG A 1867 -16.01 -1.01 -12.82
CA ARG A 1867 -16.99 -1.48 -13.80
C ARG A 1867 -16.88 -0.67 -15.08
N GLU A 1868 -17.05 -1.36 -16.21
CA GLU A 1868 -17.01 -0.71 -17.51
C GLU A 1868 -18.19 0.23 -17.68
N LEU A 1869 -17.97 1.33 -18.40
CA LEU A 1869 -19.03 2.28 -18.67
C LEU A 1869 -20.01 1.70 -19.67
N LYS A 1870 -21.26 1.51 -19.24
CA LYS A 1870 -22.32 1.01 -20.10
C LYS A 1870 -23.62 1.68 -19.69
N ILE A 1871 -24.59 1.66 -20.60
CA ILE A 1871 -25.89 2.30 -20.37
C ILE A 1871 -26.98 1.40 -20.93
N PHE A 1872 -28.12 1.37 -20.23
CA PHE A 1872 -29.31 0.63 -20.63
C PHE A 1872 -30.48 1.08 -19.77
N PRO A 1873 -31.66 1.28 -20.34
CA PRO A 1873 -32.79 1.80 -19.55
C PRO A 1873 -33.26 0.79 -18.51
N SER A 1874 -33.36 1.24 -17.27
CA SER A 1874 -33.81 0.35 -16.20
C SER A 1874 -35.30 0.03 -16.32
N GLU A 1875 -36.10 1.03 -16.71
CA GLU A 1875 -37.54 0.81 -16.82
C GLU A 1875 -37.88 -0.19 -17.91
N VAL A 1876 -37.12 -0.21 -19.00
CA VAL A 1876 -37.33 -1.22 -20.04
C VAL A 1876 -37.07 -2.60 -19.47
N SER A 1877 -36.00 -2.75 -18.68
CA SER A 1877 -35.73 -4.05 -18.05
C SER A 1877 -36.84 -4.46 -17.11
N LEU A 1878 -37.33 -3.53 -16.29
CA LEU A 1878 -38.41 -3.85 -15.36
C LEU A 1878 -39.68 -4.26 -16.11
N VAL A 1879 -40.03 -3.54 -17.16
CA VAL A 1879 -41.22 -3.87 -17.94
C VAL A 1879 -41.05 -5.22 -18.62
N GLY A 1880 -39.87 -5.49 -19.16
CA GLY A 1880 -39.64 -6.76 -19.82
C GLY A 1880 -39.72 -7.94 -18.87
N LYS A 1881 -39.18 -7.78 -17.65
CA LYS A 1881 -39.26 -8.86 -16.68
C LYS A 1881 -40.69 -9.04 -16.17
N LYS A 1882 -41.42 -7.94 -15.99
CA LYS A 1882 -42.79 -8.04 -15.48
C LYS A 1882 -43.67 -8.86 -16.41
N LEU A 1883 -43.51 -8.68 -17.72
CA LEU A 1883 -44.25 -9.46 -18.70
C LEU A 1883 -43.59 -10.80 -19.00
N GLY A 1884 -42.43 -11.08 -18.41
CA GLY A 1884 -41.73 -12.32 -18.73
C GLY A 1884 -41.14 -12.34 -20.12
N ASN A 1885 -40.84 -11.17 -20.69
CA ASN A 1885 -40.27 -11.06 -22.03
C ASN A 1885 -41.15 -11.74 -23.08
N VAL A 1886 -42.47 -11.61 -22.90
CA VAL A 1886 -43.39 -12.17 -23.88
C VAL A 1886 -43.33 -11.39 -25.19
N THR A 1887 -43.19 -10.07 -25.11
CA THR A 1887 -43.11 -9.20 -26.27
C THR A 1887 -41.68 -8.99 -26.76
N GLN A 1888 -40.69 -9.56 -26.06
CA GLN A 1888 -39.28 -9.45 -26.44
C GLN A 1888 -38.84 -7.99 -26.56
N ILE A 1889 -39.28 -7.16 -25.62
CA ILE A 1889 -38.91 -5.75 -25.64
C ILE A 1889 -37.41 -5.59 -25.36
N LEU A 1890 -36.85 -6.43 -24.51
CA LEU A 1890 -35.43 -6.32 -24.19
C LEU A 1890 -34.55 -6.59 -25.40
N ASN A 1891 -34.95 -7.54 -26.25
CA ASN A 1891 -34.13 -7.94 -27.39
C ASN A 1891 -34.16 -6.93 -28.53
N ARG A 1892 -35.18 -6.05 -28.58
CA ARG A 1892 -35.35 -5.15 -29.71
C ARG A 1892 -34.91 -3.72 -29.40
N VAL A 1893 -34.23 -3.49 -28.28
CA VAL A 1893 -33.72 -2.17 -27.92
C VAL A 1893 -32.24 -2.14 -28.22
N LYS A 1894 -31.83 -1.25 -29.12
CA LYS A 1894 -30.43 -1.07 -29.48
C LYS A 1894 -29.93 0.25 -28.92
N VAL A 1895 -28.64 0.27 -28.55
CA VAL A 1895 -28.03 1.43 -27.91
C VAL A 1895 -26.90 1.93 -28.79
N LEU A 1896 -26.90 3.23 -29.07
CA LEU A 1896 -25.85 3.87 -29.85
C LEU A 1896 -24.72 4.26 -28.90
N PHE A 1897 -23.66 3.45 -28.88
CA PHE A 1897 -22.55 3.67 -27.97
C PHE A 1897 -21.32 2.94 -28.49
N ASN A 1898 -20.20 3.65 -28.58
CA ASN A 1898 -18.95 3.07 -29.03
C ASN A 1898 -17.95 2.85 -27.91
N GLY A 1899 -18.23 3.33 -26.70
CA GLY A 1899 -17.34 3.21 -25.56
C GLY A 1899 -16.76 4.52 -25.07
N ASN A 1900 -16.79 5.56 -25.91
CA ASN A 1900 -16.23 6.85 -25.54
C ASN A 1900 -17.35 7.76 -25.05
N PRO A 1901 -17.28 8.25 -23.81
CA PRO A 1901 -18.44 8.94 -23.21
C PRO A 1901 -18.93 10.15 -23.98
N ASN A 1902 -18.04 10.94 -24.59
CA ASN A 1902 -18.50 12.19 -25.18
C ASN A 1902 -19.30 11.98 -26.46
N SER A 1903 -19.51 10.73 -26.88
CA SER A 1903 -20.31 10.41 -28.04
C SER A 1903 -21.78 10.26 -27.72
N THR A 1904 -22.26 10.88 -26.64
CA THR A 1904 -23.65 10.74 -26.23
C THR A 1904 -24.40 12.07 -26.13
N TRP A 1905 -23.78 13.14 -25.65
CA TRP A 1905 -24.47 14.42 -25.60
C TRP A 1905 -24.74 14.94 -27.02
N ILE A 1906 -25.87 15.61 -27.16
CA ILE A 1906 -26.36 16.01 -28.49
C ILE A 1906 -25.52 17.13 -29.08
N GLY A 1907 -25.00 18.03 -28.23
CA GLY A 1907 -24.28 19.20 -28.73
C GLY A 1907 -22.91 18.92 -29.29
N ASN A 1908 -22.46 17.67 -29.29
CA ASN A 1908 -21.15 17.30 -29.80
C ASN A 1908 -21.26 16.69 -31.18
N MET A 1909 -20.20 16.84 -31.97
CA MET A 1909 -20.18 16.29 -33.33
C MET A 1909 -20.00 14.79 -33.33
N GLU A 1910 -19.40 14.22 -32.29
CA GLU A 1910 -19.20 12.77 -32.24
C GLU A 1910 -20.53 12.03 -32.20
N CYS A 1911 -21.51 12.55 -31.46
CA CYS A 1911 -22.82 11.93 -31.40
C CYS A 1911 -23.48 11.91 -32.77
N GLU A 1912 -23.43 13.04 -33.48
CA GLU A 1912 -24.01 13.10 -34.81
C GLU A 1912 -23.30 12.15 -35.77
N SER A 1913 -21.97 12.08 -35.69
CA SER A 1913 -21.22 11.18 -36.56
C SER A 1913 -21.58 9.73 -36.29
N LEU A 1914 -21.68 9.35 -35.02
CA LEU A 1914 -22.05 7.97 -34.68
C LEU A 1914 -23.45 7.64 -35.15
N ILE A 1915 -24.40 8.55 -34.94
CA ILE A 1915 -25.77 8.29 -35.36
C ILE A 1915 -25.85 8.15 -36.86
N TRP A 1916 -25.17 9.04 -37.60
CA TRP A 1916 -25.17 8.94 -39.06
C TRP A 1916 -24.53 7.64 -39.53
N SER A 1917 -23.42 7.24 -38.91
CA SER A 1917 -22.75 6.02 -39.31
C SER A 1917 -23.62 4.80 -39.06
N GLU A 1918 -24.35 4.78 -37.95
CA GLU A 1918 -25.14 3.60 -37.59
C GLU A 1918 -26.49 3.55 -38.29
N LEU A 1919 -27.04 4.70 -38.70
CA LEU A 1919 -28.43 4.73 -39.17
C LEU A 1919 -28.62 5.21 -40.59
N ASN A 1920 -27.54 5.56 -41.31
CA ASN A 1920 -27.72 6.10 -42.67
C ASN A 1920 -28.19 5.05 -43.67
N ASP A 1921 -28.13 3.76 -43.33
CA ASP A 1921 -28.52 2.69 -44.25
C ASP A 1921 -29.85 2.06 -43.90
N LYS A 1922 -30.71 2.77 -43.17
CA LYS A 1922 -32.04 2.27 -42.83
C LYS A 1922 -32.96 3.45 -42.58
N SER A 1923 -34.26 3.16 -42.56
CA SER A 1923 -35.30 4.17 -42.47
C SER A 1923 -35.94 4.16 -41.09
N ILE A 1924 -36.14 5.33 -40.51
CA ILE A 1924 -36.77 5.49 -39.22
C ILE A 1924 -37.98 6.41 -39.37
N GLY A 1925 -38.97 6.22 -38.50
CA GLY A 1925 -40.23 6.94 -38.61
C GLY A 1925 -40.31 8.22 -37.81
N LEU A 1926 -40.01 8.14 -36.52
CA LEU A 1926 -40.13 9.28 -35.62
C LEU A 1926 -38.85 9.45 -34.81
N VAL A 1927 -38.55 10.71 -34.49
CA VAL A 1927 -37.43 11.08 -33.64
C VAL A 1927 -38.01 11.76 -32.41
N HIS A 1928 -37.91 11.10 -31.26
CA HIS A 1928 -38.40 11.62 -29.99
C HIS A 1928 -37.22 12.18 -29.20
N CYS A 1929 -37.28 13.47 -28.86
CA CYS A 1929 -36.19 14.14 -28.17
C CYS A 1929 -36.73 14.74 -26.88
N ASP A 1930 -36.66 13.97 -25.81
CA ASP A 1930 -37.10 14.42 -24.49
C ASP A 1930 -35.87 14.88 -23.71
N MET A 1931 -35.45 16.12 -23.97
CA MET A 1931 -34.34 16.69 -23.24
C MET A 1931 -34.78 17.04 -21.81
N GLU A 1932 -33.80 17.08 -20.91
CA GLU A 1932 -34.12 17.38 -19.52
C GLU A 1932 -34.51 18.84 -19.33
N GLY A 1933 -33.90 19.73 -20.10
CA GLY A 1933 -34.30 21.13 -20.06
C GLY A 1933 -34.04 21.85 -18.76
N ALA A 1934 -32.80 21.77 -18.25
CA ALA A 1934 -32.48 22.39 -16.98
C ALA A 1934 -32.63 23.91 -17.05
N ILE A 1935 -33.02 24.49 -15.92
CA ILE A 1935 -33.10 25.95 -15.80
C ILE A 1935 -31.73 26.59 -15.87
N GLY A 1936 -30.67 25.83 -15.56
CA GLY A 1936 -29.32 26.33 -15.61
C GLY A 1936 -28.84 26.65 -17.01
N LYS A 1937 -29.24 25.84 -17.98
CA LYS A 1937 -28.80 26.04 -19.36
C LYS A 1937 -29.36 27.34 -19.92
N SER A 1938 -28.52 28.06 -20.65
CA SER A 1938 -28.92 29.32 -21.27
C SER A 1938 -29.75 29.03 -22.53
N GLU A 1939 -30.31 30.10 -23.10
CA GLU A 1939 -31.09 29.94 -24.32
C GLU A 1939 -30.24 29.49 -25.50
N GLU A 1940 -28.98 29.95 -25.57
CA GLU A 1940 -28.12 29.58 -26.68
C GLU A 1940 -27.89 28.08 -26.72
N THR A 1941 -27.65 27.47 -25.56
CA THR A 1941 -27.45 26.03 -25.51
C THR A 1941 -28.71 25.27 -25.91
N VAL A 1942 -29.88 25.74 -25.48
CA VAL A 1942 -31.13 25.07 -25.84
C VAL A 1942 -31.35 25.13 -27.35
N LEU A 1943 -31.13 26.29 -27.95
CA LEU A 1943 -31.26 26.41 -29.40
C LEU A 1943 -30.23 25.55 -30.12
N HIS A 1944 -29.01 25.45 -29.57
CA HIS A 1944 -27.99 24.60 -30.19
C HIS A 1944 -28.40 23.13 -30.17
N GLU A 1945 -28.93 22.66 -29.04
CA GLU A 1945 -29.38 21.27 -28.98
C GLU A 1945 -30.55 21.01 -29.91
N HIS A 1946 -31.49 21.95 -29.99
CA HIS A 1946 -32.62 21.78 -30.89
C HIS A 1946 -32.17 21.76 -32.34
N TYR A 1947 -31.23 22.64 -32.70
CA TYR A 1947 -30.68 22.62 -34.05
C TYR A 1947 -29.96 21.31 -34.34
N SER A 1948 -29.21 20.79 -33.36
CA SER A 1948 -28.54 19.52 -33.54
C SER A 1948 -29.54 18.38 -33.76
N VAL A 1949 -30.64 18.37 -33.01
CA VAL A 1949 -31.66 17.35 -33.21
C VAL A 1949 -32.29 17.48 -34.60
N ILE A 1950 -32.57 18.71 -35.03
CA ILE A 1950 -33.13 18.92 -36.37
C ILE A 1950 -32.17 18.42 -37.44
N ARG A 1951 -30.88 18.72 -37.27
CA ARG A 1951 -29.88 18.27 -38.24
C ARG A 1951 -29.78 16.75 -38.27
N ILE A 1952 -29.83 16.11 -37.09
CA ILE A 1952 -29.81 14.65 -37.04
C ILE A 1952 -31.01 14.07 -37.79
N THR A 1953 -32.19 14.66 -37.56
CA THR A 1953 -33.39 14.18 -38.24
C THR A 1953 -33.27 14.35 -39.76
N TYR A 1954 -32.70 15.47 -40.19
CA TYR A 1954 -32.44 15.65 -41.63
C TYR A 1954 -31.48 14.60 -42.16
N LEU A 1955 -30.42 14.31 -41.41
CA LEU A 1955 -29.38 13.40 -41.89
C LEU A 1955 -29.89 11.97 -42.03
N ILE A 1956 -30.58 11.47 -40.99
CA ILE A 1956 -30.92 10.05 -40.97
C ILE A 1956 -32.38 9.81 -41.29
N GLY A 1957 -33.22 10.81 -41.05
CA GLY A 1957 -34.66 10.63 -41.22
C GLY A 1957 -35.05 10.74 -42.68
N ASP A 1958 -35.85 9.79 -43.15
CA ASP A 1958 -36.37 9.82 -44.51
C ASP A 1958 -37.63 10.69 -44.55
N ASP A 1959 -38.38 10.59 -45.64
CA ASP A 1959 -39.63 11.33 -45.73
C ASP A 1959 -40.68 10.72 -44.79
N ASP A 1960 -41.71 11.50 -44.50
CA ASP A 1960 -42.76 11.12 -43.55
C ASP A 1960 -42.15 10.81 -42.19
N VAL A 1961 -41.18 11.62 -41.78
CA VAL A 1961 -40.58 11.52 -40.46
C VAL A 1961 -41.28 12.50 -39.53
N VAL A 1962 -41.47 12.09 -38.28
CA VAL A 1962 -42.17 12.91 -37.28
C VAL A 1962 -41.20 13.22 -36.15
N LEU A 1963 -40.93 14.51 -35.94
CA LEU A 1963 -40.04 14.96 -34.88
C LEU A 1963 -40.88 15.43 -33.71
N VAL A 1964 -40.81 14.70 -32.59
CA VAL A 1964 -41.48 15.07 -31.35
C VAL A 1964 -40.44 15.64 -30.40
N SER A 1965 -40.71 16.82 -29.86
CA SER A 1965 -39.76 17.50 -28.99
C SER A 1965 -40.51 18.16 -27.85
N LYS A 1966 -39.77 18.43 -26.77
CA LYS A 1966 -40.32 19.08 -25.59
C LYS A 1966 -39.60 20.40 -25.36
N ILE A 1967 -40.37 21.46 -25.13
CA ILE A 1967 -39.82 22.78 -24.92
C ILE A 1967 -40.35 23.36 -23.62
N ILE A 1968 -39.56 24.22 -23.00
CA ILE A 1968 -39.90 24.87 -21.74
C ILE A 1968 -39.80 26.38 -21.93
N PRO A 1969 -40.89 27.06 -22.28
CA PRO A 1969 -40.83 28.52 -22.40
C PRO A 1969 -40.46 29.19 -21.09
N THR A 1970 -39.77 30.33 -21.21
CA THR A 1970 -39.26 31.06 -20.06
C THR A 1970 -39.79 32.50 -20.11
N ILE A 1971 -39.95 33.10 -18.94
CA ILE A 1971 -40.47 34.45 -18.84
C ILE A 1971 -39.57 35.50 -19.47
N THR A 1972 -38.33 35.14 -19.79
CA THR A 1972 -37.44 36.06 -20.50
C THR A 1972 -38.08 36.43 -21.84
N PRO A 1973 -38.22 37.72 -22.16
CA PRO A 1973 -39.00 38.11 -23.34
C PRO A 1973 -38.49 37.52 -24.65
N ASN A 1974 -37.18 37.33 -24.77
CA ASN A 1974 -36.58 36.79 -25.99
C ASN A 1974 -36.60 35.26 -25.91
N TRP A 1975 -37.78 34.68 -26.12
CA TRP A 1975 -37.95 33.24 -26.04
C TRP A 1975 -38.55 32.60 -27.28
N SER A 1976 -38.93 33.38 -28.29
CA SER A 1976 -39.60 32.83 -29.46
C SER A 1976 -38.63 32.43 -30.57
N ARG A 1977 -37.32 32.54 -30.33
CA ARG A 1977 -36.35 32.15 -31.34
C ARG A 1977 -36.46 30.67 -31.69
N ILE A 1978 -36.73 29.82 -30.69
CA ILE A 1978 -36.89 28.40 -30.96
C ILE A 1978 -38.11 28.14 -31.83
N LEU A 1979 -39.22 28.84 -31.55
CA LEU A 1979 -40.41 28.69 -32.38
C LEU A 1979 -40.15 29.16 -33.80
N TYR A 1980 -39.43 30.27 -33.96
CA TYR A 1980 -39.06 30.73 -35.29
C TYR A 1980 -38.18 29.71 -36.00
N LEU A 1981 -37.26 29.08 -35.27
CA LEU A 1981 -36.40 28.06 -35.85
C LEU A 1981 -37.21 26.87 -36.36
N TYR A 1982 -38.13 26.37 -35.53
CA TYR A 1982 -38.96 25.25 -35.93
C TYR A 1982 -39.85 25.62 -37.12
N LYS A 1983 -40.37 26.85 -37.14
CA LYS A 1983 -41.14 27.31 -38.28
C LYS A 1983 -40.28 27.37 -39.54
N LEU A 1984 -39.02 27.81 -39.39
CA LEU A 1984 -38.13 27.94 -40.54
C LEU A 1984 -37.79 26.58 -41.14
N TYR A 1985 -37.54 25.58 -40.30
CA TYR A 1985 -37.09 24.29 -40.82
C TYR A 1985 -38.24 23.31 -41.09
N TRP A 1986 -39.37 23.43 -40.39
CA TRP A 1986 -40.52 22.58 -40.64
C TRP A 1986 -41.73 23.46 -40.93
N LYS A 1987 -42.42 23.18 -42.04
CA LYS A 1987 -43.60 23.95 -42.39
C LYS A 1987 -44.82 23.53 -41.54
N ASP A 1988 -44.91 22.24 -41.21
CA ASP A 1988 -46.06 21.70 -40.49
C ASP A 1988 -45.61 21.38 -39.07
N VAL A 1989 -45.84 22.32 -38.16
CA VAL A 1989 -45.49 22.15 -36.74
C VAL A 1989 -46.74 22.36 -35.90
N SER A 1990 -46.98 21.45 -34.98
CA SER A 1990 -48.12 21.50 -34.08
C SER A 1990 -47.62 21.61 -32.64
N ILE A 1991 -48.11 22.62 -31.92
CA ILE A 1991 -47.77 22.83 -30.52
C ILE A 1991 -48.92 22.31 -29.67
N ILE A 1992 -48.58 21.52 -28.65
CA ILE A 1992 -49.56 20.80 -27.84
C ILE A 1992 -49.23 21.05 -26.38
N SER A 1993 -50.26 21.35 -25.59
CA SER A 1993 -50.14 21.51 -24.15
C SER A 1993 -50.84 20.32 -23.50
N LEU A 1994 -50.05 19.38 -22.99
CA LEU A 1994 -50.60 18.18 -22.40
C LEU A 1994 -51.32 18.49 -21.10
N LYS A 1995 -52.36 17.69 -20.81
CA LYS A 1995 -53.10 17.82 -19.57
C LYS A 1995 -52.56 16.91 -18.47
N THR A 1996 -51.88 15.81 -18.85
CA THR A 1996 -51.27 14.95 -17.84
C THR A 1996 -50.03 15.58 -17.24
N SER A 1997 -49.34 16.43 -17.99
CA SER A 1997 -48.13 17.09 -17.50
C SER A 1997 -48.51 18.10 -16.41
N ASN A 1998 -47.49 18.73 -15.85
CA ASN A 1998 -47.70 19.68 -14.76
C ASN A 1998 -48.41 20.92 -15.28
N PRO A 1999 -49.59 21.27 -14.77
CA PRO A 1999 -50.27 22.49 -15.20
C PRO A 1999 -49.80 23.76 -14.50
N ALA A 2000 -48.70 23.70 -13.75
CA ALA A 2000 -48.12 24.87 -13.13
C ALA A 2000 -46.74 25.19 -13.67
N SER A 2001 -46.31 24.53 -14.75
CA SER A 2001 -45.02 24.78 -15.36
C SER A 2001 -45.20 24.91 -16.86
N THR A 2002 -44.36 25.75 -17.47
CA THR A 2002 -44.43 26.03 -18.90
C THR A 2002 -43.74 24.89 -19.65
N GLU A 2003 -44.51 23.87 -20.00
CA GLU A 2003 -44.02 22.72 -20.76
C GLU A 2003 -44.93 22.49 -21.95
N LEU A 2004 -44.34 22.39 -23.14
CA LEU A 2004 -45.10 22.19 -24.36
C LEU A 2004 -44.41 21.15 -25.22
N TYR A 2005 -45.18 20.51 -26.10
CA TYR A 2005 -44.65 19.49 -27.00
C TYR A 2005 -44.89 19.91 -28.44
N LEU A 2006 -43.84 19.87 -29.24
CA LEU A 2006 -43.90 20.25 -30.65
C LEU A 2006 -43.76 19.00 -31.51
N ILE A 2007 -44.72 18.79 -32.40
CA ILE A 2007 -44.70 17.71 -33.37
C ILE A 2007 -44.54 18.31 -34.75
N SER A 2008 -43.41 18.02 -35.41
CA SER A 2008 -43.13 18.54 -36.73
C SER A 2008 -43.13 17.40 -37.74
N LYS A 2009 -43.77 17.62 -38.88
CA LYS A 2009 -43.97 16.54 -39.84
C LYS A 2009 -43.25 16.78 -41.16
N ASP A 2010 -43.47 17.94 -41.79
CA ASP A 2010 -43.00 18.18 -43.14
C ASP A 2010 -41.77 19.09 -43.13
N ALA A 2011 -40.83 18.81 -44.03
CA ALA A 2011 -39.59 19.57 -44.14
C ALA A 2011 -39.40 20.03 -45.58
N TYR A 2012 -38.82 21.22 -45.73
CA TYR A 2012 -38.58 21.79 -47.06
C TYR A 2012 -37.17 22.34 -47.26
N CYS A 2013 -36.39 22.55 -46.21
CA CYS A 2013 -35.07 23.15 -46.36
C CYS A 2013 -34.14 22.22 -47.13
N THR A 2014 -33.13 22.82 -47.74
CA THR A 2014 -32.20 22.11 -48.63
C THR A 2014 -30.79 21.99 -48.06
N ILE A 2015 -30.22 23.09 -47.58
CA ILE A 2015 -28.84 23.12 -47.11
C ILE A 2015 -28.84 23.41 -45.61
N MET A 2016 -28.15 22.56 -44.85
CA MET A 2016 -28.03 22.73 -43.40
C MET A 2016 -26.74 23.50 -43.13
N GLU A 2017 -26.88 24.80 -42.87
CA GLU A 2017 -25.72 25.64 -42.62
C GLU A 2017 -25.15 25.36 -41.24
N PRO A 2018 -23.87 25.73 -41.03
CA PRO A 2018 -23.27 25.62 -39.70
C PRO A 2018 -24.13 26.18 -38.56
N SER A 2019 -23.85 25.74 -37.34
CA SER A 2019 -24.69 26.14 -36.20
C SER A 2019 -24.59 27.63 -35.92
N GLU A 2020 -23.38 28.19 -36.00
CA GLU A 2020 -23.17 29.58 -35.60
C GLU A 2020 -23.97 30.54 -36.49
N VAL A 2021 -23.91 30.33 -37.81
CA VAL A 2021 -24.58 31.26 -38.72
C VAL A 2021 -26.09 31.14 -38.58
N VAL A 2022 -26.61 29.94 -38.37
CA VAL A 2022 -28.05 29.76 -38.19
C VAL A 2022 -28.50 30.38 -36.88
N LEU A 2023 -27.71 30.23 -35.82
CA LEU A 2023 -28.05 30.85 -34.54
C LEU A 2023 -28.06 32.36 -34.65
N SER A 2024 -27.08 32.94 -35.36
CA SER A 2024 -27.08 34.38 -35.58
C SER A 2024 -28.21 34.82 -36.50
N LYS A 2025 -28.70 33.93 -37.36
CA LYS A 2025 -29.76 34.29 -38.29
C LYS A 2025 -31.10 34.48 -37.60
N LEU A 2026 -31.37 33.70 -36.54
CA LEU A 2026 -32.69 33.66 -35.94
C LEU A 2026 -33.07 35.01 -35.32
N LYS A 2027 -34.36 35.32 -35.39
CA LYS A 2027 -34.92 36.52 -34.79
C LYS A 2027 -36.23 36.17 -34.12
N ARG A 2028 -36.67 37.04 -33.22
CA ARG A 2028 -37.89 36.80 -32.47
C ARG A 2028 -39.11 36.91 -33.38
N LEU A 2029 -40.29 36.70 -32.80
CA LEU A 2029 -41.55 36.67 -33.54
C LEU A 2029 -42.31 37.97 -33.34
N SER A 2030 -43.37 38.13 -34.13
CA SER A 2030 -44.20 39.33 -34.08
C SER A 2030 -44.92 39.44 -32.74
N LEU A 2031 -45.18 40.68 -32.33
CA LEU A 2031 -45.81 40.92 -31.02
C LEU A 2031 -47.23 40.39 -30.99
N LEU A 2032 -47.98 40.54 -32.08
CA LEU A 2032 -49.35 40.03 -32.12
C LEU A 2032 -49.37 38.53 -31.91
N GLU A 2033 -48.52 37.81 -32.66
CA GLU A 2033 -48.43 36.36 -32.49
C GLU A 2033 -47.94 36.00 -31.10
N GLU A 2034 -47.01 36.78 -30.56
CA GLU A 2034 -46.50 36.54 -29.21
C GLU A 2034 -47.62 36.59 -28.19
N ASN A 2035 -48.44 37.65 -28.24
CA ASN A 2035 -49.53 37.79 -27.29
C ASN A 2035 -50.59 36.73 -27.49
N ASN A 2036 -50.91 36.39 -28.75
CA ASN A 2036 -51.89 35.35 -29.00
C ASN A 2036 -51.44 34.02 -28.42
N LEU A 2037 -50.17 33.67 -28.64
CA LEU A 2037 -49.64 32.41 -28.10
C LEU A 2037 -49.62 32.42 -26.58
N LEU A 2038 -49.25 33.56 -25.98
CA LEU A 2038 -49.24 33.62 -24.52
C LEU A 2038 -50.64 33.46 -23.94
N LYS A 2039 -51.64 34.11 -24.55
CA LYS A 2039 -53.01 33.97 -24.08
C LYS A 2039 -53.49 32.53 -24.21
N TRP A 2040 -53.18 31.89 -25.34
CA TRP A 2040 -53.57 30.50 -25.53
C TRP A 2040 -52.91 29.60 -24.49
N ILE A 2041 -51.64 29.84 -24.19
CA ILE A 2041 -50.93 29.05 -23.19
C ILE A 2041 -51.61 29.20 -21.83
N ILE A 2042 -51.94 30.43 -21.45
CA ILE A 2042 -52.58 30.65 -20.14
C ILE A 2042 -53.93 29.95 -20.09
N LEU A 2043 -54.73 30.05 -21.16
CA LEU A 2043 -56.03 29.41 -21.18
C LEU A 2043 -55.89 27.90 -21.06
N SER A 2044 -54.98 27.31 -21.82
CA SER A 2044 -54.79 25.85 -21.77
C SER A 2044 -54.32 25.40 -20.40
N LYS A 2045 -53.41 26.17 -19.78
CA LYS A 2045 -52.94 25.81 -18.44
C LYS A 2045 -54.06 25.86 -17.43
N LYS A 2046 -54.91 26.89 -17.50
CA LYS A 2046 -56.03 26.98 -16.57
C LYS A 2046 -57.00 25.81 -16.75
N ARG A 2047 -57.31 25.47 -18.00
CA ARG A 2047 -58.22 24.36 -18.25
C ARG A 2047 -57.61 23.05 -17.75
N ASN A 2048 -56.31 22.84 -17.98
CA ASN A 2048 -55.66 21.63 -17.51
C ASN A 2048 -55.67 21.54 -15.99
N ASN A 2049 -55.44 22.67 -15.30
CA ASN A 2049 -55.48 22.67 -13.85
C ASN A 2049 -56.87 22.33 -13.34
N GLU A 2050 -57.91 22.90 -13.96
CA GLU A 2050 -59.27 22.59 -13.54
C GLU A 2050 -59.59 21.12 -13.76
N TRP A 2051 -59.17 20.56 -14.91
CA TRP A 2051 -59.39 19.15 -15.17
C TRP A 2051 -58.66 18.27 -14.15
N LEU A 2052 -57.43 18.64 -13.80
CA LEU A 2052 -56.68 17.87 -12.83
C LEU A 2052 -57.35 17.88 -11.46
N HIS A 2053 -57.83 19.06 -11.03
CA HIS A 2053 -58.53 19.13 -9.74
C HIS A 2053 -59.81 18.29 -9.77
N HIS A 2054 -60.56 18.37 -10.86
CA HIS A 2054 -61.78 17.57 -10.97
C HIS A 2054 -61.47 16.07 -10.92
N GLU A 2055 -60.43 15.64 -11.63
CA GLU A 2055 -60.08 14.23 -11.64
C GLU A 2055 -59.63 13.77 -10.25
N ILE A 2056 -58.84 14.59 -9.56
CA ILE A 2056 -58.39 14.22 -8.22
C ILE A 2056 -59.59 14.07 -7.29
N LYS A 2057 -60.50 15.05 -7.32
CA LYS A 2057 -61.66 15.00 -6.43
C LYS A 2057 -62.55 13.79 -6.72
N GLU A 2058 -62.81 13.54 -8.01
CA GLU A 2058 -63.72 12.44 -8.35
C GLU A 2058 -63.07 11.08 -8.10
N GLY A 2059 -61.74 10.99 -8.22
CA GLY A 2059 -61.06 9.76 -7.85
C GLY A 2059 -61.10 9.52 -6.36
N GLU A 2060 -60.94 10.58 -5.57
CA GLU A 2060 -61.05 10.43 -4.12
C GLU A 2060 -62.46 10.01 -3.73
N ARG A 2061 -63.48 10.58 -4.39
CA ARG A 2061 -64.86 10.24 -4.08
C ARG A 2061 -65.18 8.78 -4.37
N ASP A 2062 -64.65 8.25 -5.47
CA ASP A 2062 -65.01 6.90 -5.89
C ASP A 2062 -64.49 5.85 -4.91
N TYR A 2063 -65.16 4.70 -4.88
CA TYR A 2063 -64.97 3.74 -3.81
C TYR A 2063 -63.73 2.87 -4.04
N GLY A 2064 -63.74 2.03 -5.07
CA GLY A 2064 -62.70 1.03 -5.21
C GLY A 2064 -62.25 0.70 -6.62
N VAL A 2065 -62.50 1.59 -7.58
CA VAL A 2065 -62.14 1.35 -8.97
C VAL A 2065 -61.16 2.44 -9.42
N MET A 2066 -60.23 2.06 -10.30
CA MET A 2066 -59.21 2.97 -10.80
C MET A 2066 -59.58 3.48 -12.19
N ARG A 2067 -58.91 4.56 -12.59
CA ARG A 2067 -59.16 5.17 -13.88
C ARG A 2067 -58.70 4.28 -15.02
N PRO A 2068 -59.28 4.44 -16.22
CA PRO A 2068 -58.89 3.58 -17.34
C PRO A 2068 -57.41 3.67 -17.71
N TYR A 2069 -56.80 4.85 -17.58
CA TYR A 2069 -55.39 4.95 -17.92
C TYR A 2069 -54.52 4.19 -16.91
N HIS A 2070 -54.90 4.18 -15.64
CA HIS A 2070 -54.17 3.40 -14.65
C HIS A 2070 -54.25 1.91 -14.96
N MET A 2071 -55.44 1.43 -15.32
CA MET A 2071 -55.58 0.03 -15.69
C MET A 2071 -54.80 -0.29 -16.97
N ALA A 2072 -54.77 0.65 -17.91
CA ALA A 2072 -53.98 0.46 -19.12
C ALA A 2072 -52.49 0.36 -18.79
N LEU A 2073 -52.01 1.22 -17.88
CA LEU A 2073 -50.62 1.15 -17.46
C LEU A 2073 -50.32 -0.19 -16.77
N GLN A 2074 -51.25 -0.66 -15.94
CA GLN A 2074 -51.05 -1.95 -15.29
C GLN A 2074 -50.99 -3.08 -16.31
N ILE A 2075 -51.85 -3.02 -17.33
CA ILE A 2075 -51.85 -4.04 -18.36
C ILE A 2075 -50.56 -4.00 -19.18
N PHE A 2076 -50.05 -2.79 -19.44
CA PHE A 2076 -48.82 -2.65 -20.20
C PHE A 2076 -47.64 -3.24 -19.46
N GLY A 2077 -47.60 -3.12 -18.14
CA GLY A 2077 -46.58 -3.77 -17.35
C GLY A 2077 -45.95 -2.93 -16.26
N PHE A 2078 -46.46 -1.72 -16.06
CA PHE A 2078 -45.89 -0.86 -15.03
C PHE A 2078 -46.33 -1.31 -13.65
N GLN A 2079 -45.61 -0.84 -12.64
CA GLN A 2079 -45.79 -1.27 -11.26
C GLN A 2079 -46.12 -0.09 -10.37
N ILE A 2080 -47.00 -0.33 -9.38
CA ILE A 2080 -47.34 0.71 -8.42
C ILE A 2080 -46.14 1.01 -7.54
N ASN A 2081 -45.87 2.29 -7.33
CA ASN A 2081 -44.69 2.73 -6.59
C ASN A 2081 -45.00 3.18 -5.17
N LEU A 2082 -46.22 2.92 -4.68
CA LEU A 2082 -46.58 3.39 -3.34
C LEU A 2082 -45.74 2.69 -2.27
N ASN A 2083 -45.69 1.35 -2.31
CA ASN A 2083 -44.93 0.60 -1.33
C ASN A 2083 -43.43 0.91 -1.43
N HIS A 2084 -42.92 1.01 -2.66
CA HIS A 2084 -41.52 1.33 -2.87
C HIS A 2084 -41.16 2.71 -2.31
N LEU A 2085 -41.96 3.72 -2.63
CA LEU A 2085 -41.70 5.08 -2.15
C LEU A 2085 -41.81 5.15 -0.64
N ALA A 2086 -42.80 4.46 -0.07
CA ALA A 2086 -42.93 4.41 1.39
C ALA A 2086 -41.71 3.73 2.02
N LYS A 2087 -41.23 2.65 1.41
CA LYS A 2087 -40.12 1.90 1.98
C LYS A 2087 -38.82 2.71 1.97
N GLU A 2088 -38.51 3.37 0.85
CA GLU A 2088 -37.25 4.12 0.75
C GLU A 2088 -37.37 5.62 0.97
N PHE A 2089 -38.53 6.10 1.44
CA PHE A 2089 -38.62 7.46 1.95
C PHE A 2089 -39.00 7.51 3.41
N LEU A 2090 -40.03 6.75 3.81
CA LEU A 2090 -40.49 6.69 5.19
C LEU A 2090 -39.81 5.59 6.00
N SER A 2091 -39.04 4.71 5.36
CA SER A 2091 -38.37 3.60 6.03
C SER A 2091 -39.35 2.66 6.72
N THR A 2092 -40.58 2.60 6.21
CA THR A 2092 -41.59 1.69 6.76
C THR A 2092 -41.81 0.54 5.79
N PRO A 2093 -41.41 -0.69 6.14
CA PRO A 2093 -41.63 -1.83 5.24
C PRO A 2093 -43.06 -1.95 4.71
N ASP A 2094 -44.06 -1.71 5.56
CA ASP A 2094 -45.45 -1.86 5.15
C ASP A 2094 -46.28 -0.70 5.72
N LEU A 2095 -47.32 -0.31 4.98
CA LEU A 2095 -48.21 0.75 5.41
C LEU A 2095 -49.52 0.25 5.99
N THR A 2096 -49.90 -1.00 5.71
CA THR A 2096 -51.13 -1.56 6.25
C THR A 2096 -50.99 -2.05 7.68
N ASN A 2097 -49.76 -2.23 8.17
CA ASN A 2097 -49.52 -2.63 9.56
C ASN A 2097 -49.52 -1.36 10.40
N ILE A 2098 -50.72 -0.89 10.73
CA ILE A 2098 -50.86 0.38 11.42
C ILE A 2098 -50.30 0.30 12.83
N ASN A 2099 -50.50 -0.84 13.52
CA ASN A 2099 -50.10 -0.95 14.91
C ASN A 2099 -48.59 -0.79 15.07
N ASN A 2100 -47.81 -1.50 14.26
CA ASN A 2100 -46.36 -1.40 14.32
C ASN A 2100 -45.91 0.03 14.08
N ILE A 2101 -46.60 0.74 13.17
CA ILE A 2101 -46.29 2.15 12.95
C ILE A 2101 -46.60 2.97 14.20
N ILE A 2102 -47.66 2.60 14.93
CA ILE A 2102 -47.99 3.30 16.17
C ILE A 2102 -46.85 3.16 17.17
N GLN A 2103 -46.39 1.92 17.41
CA GLN A 2103 -45.32 1.76 18.38
C GLN A 2103 -44.02 2.40 17.88
N SER A 2104 -43.76 2.35 16.58
CA SER A 2104 -42.57 2.98 16.04
C SER A 2104 -42.60 4.49 16.26
N PHE A 2105 -43.77 5.11 16.04
CA PHE A 2105 -43.89 6.54 16.29
C PHE A 2105 -43.72 6.86 17.77
N GLN A 2106 -44.25 6.01 18.65
CA GLN A 2106 -44.09 6.23 20.08
C GLN A 2106 -42.61 6.19 20.48
N ARG A 2107 -41.89 5.16 20.00
CA ARG A 2107 -40.46 5.11 20.30
C ARG A 2107 -39.72 6.29 19.71
N THR A 2108 -40.07 6.69 18.49
CA THR A 2108 -39.39 7.81 17.85
C THR A 2108 -39.59 9.10 18.63
N ILE A 2109 -40.82 9.37 19.06
CA ILE A 2109 -41.09 10.62 19.77
C ILE A 2109 -40.41 10.61 21.14
N LYS A 2110 -40.46 9.47 21.85
CA LYS A 2110 -39.80 9.43 23.15
C LYS A 2110 -38.29 9.60 23.01
N ASP A 2111 -37.69 8.96 21.99
CA ASP A 2111 -36.25 9.09 21.79
C ASP A 2111 -35.87 10.52 21.42
N VAL A 2112 -36.64 11.16 20.54
CA VAL A 2112 -36.27 12.51 20.12
C VAL A 2112 -36.41 13.49 21.27
N LEU A 2113 -37.48 13.37 22.07
CA LEU A 2113 -37.61 14.27 23.22
C LEU A 2113 -36.51 14.01 24.24
N PHE A 2114 -36.16 12.73 24.47
CA PHE A 2114 -35.10 12.42 25.41
C PHE A 2114 -33.76 13.01 24.97
N GLU A 2115 -33.45 12.89 23.67
CA GLU A 2115 -32.18 13.43 23.21
C GLU A 2115 -32.19 14.96 23.25
N TRP A 2116 -33.32 15.57 22.89
CA TRP A 2116 -33.39 17.03 22.90
C TRP A 2116 -33.23 17.60 24.30
N ILE A 2117 -33.85 16.94 25.30
CA ILE A 2117 -33.67 17.40 26.67
C ILE A 2117 -32.31 16.98 27.24
N ASN A 2118 -31.64 15.99 26.62
CA ASN A 2118 -30.34 15.57 27.12
C ASN A 2118 -29.29 16.67 26.99
N ILE A 2119 -29.30 17.40 25.87
CA ILE A 2119 -28.31 18.44 25.63
C ILE A 2119 -28.61 19.66 26.51
N ASN A 2139 -24.42 20.15 16.76
CA ASN A 2139 -25.65 20.53 17.44
C ASN A 2139 -26.78 20.75 16.45
N LYS A 2140 -26.54 21.64 15.48
CA LYS A 2140 -27.55 21.89 14.44
C LYS A 2140 -27.83 20.64 13.62
N GLY A 2141 -26.79 19.88 13.28
CA GLY A 2141 -26.98 18.68 12.49
C GLY A 2141 -27.81 17.64 13.20
N LYS A 2142 -27.55 17.42 14.49
CA LYS A 2142 -28.32 16.45 15.26
C LYS A 2142 -29.78 16.88 15.35
N LEU A 2143 -30.02 18.17 15.61
CA LEU A 2143 -31.39 18.67 15.67
C LEU A 2143 -32.11 18.47 14.34
N ARG A 2144 -31.43 18.78 13.23
CA ARG A 2144 -32.04 18.60 11.91
C ARG A 2144 -32.34 17.12 11.66
N LEU A 2145 -31.41 16.23 12.00
CA LEU A 2145 -31.61 14.81 11.76
C LEU A 2145 -32.80 14.28 12.57
N LEU A 2146 -32.89 14.64 13.85
CA LEU A 2146 -33.98 14.15 14.67
C LEU A 2146 -35.31 14.76 14.25
N SER A 2147 -35.30 16.03 13.84
CA SER A 2147 -36.52 16.64 13.30
C SER A 2147 -36.97 15.93 12.04
N ARG A 2148 -36.03 15.58 11.16
CA ARG A 2148 -36.37 14.82 9.96
C ARG A 2148 -36.97 13.47 10.32
N ARG A 2149 -36.37 12.79 11.31
CA ARG A 2149 -36.90 11.49 11.73
C ARG A 2149 -38.32 11.61 12.27
N LEU A 2150 -38.57 12.63 13.11
CA LEU A 2150 -39.90 12.81 13.68
C LEU A 2150 -40.92 13.14 12.61
N VAL A 2151 -40.55 14.02 11.66
CA VAL A 2151 -41.47 14.38 10.59
C VAL A 2151 -41.76 13.17 9.71
N LEU A 2152 -40.74 12.36 9.42
CA LEU A 2152 -40.96 11.15 8.63
C LEU A 2152 -41.90 10.19 9.34
N SER A 2153 -41.72 10.03 10.65
CA SER A 2153 -42.61 9.15 11.41
C SER A 2153 -44.04 9.66 11.37
N TRP A 2154 -44.23 10.97 11.55
CA TRP A 2154 -45.58 11.54 11.50
C TRP A 2154 -46.20 11.37 10.12
N ILE A 2155 -45.40 11.57 9.06
CA ILE A 2155 -45.92 11.40 7.71
C ILE A 2155 -46.33 9.96 7.47
N SER A 2156 -45.52 9.01 7.94
CA SER A 2156 -45.87 7.60 7.79
C SER A 2156 -47.16 7.27 8.53
N LEU A 2157 -47.32 7.79 9.75
CA LEU A 2157 -48.54 7.56 10.51
C LEU A 2157 -49.76 8.12 9.78
N SER A 2158 -49.64 9.35 9.26
CA SER A 2158 -50.75 9.98 8.56
C SER A 2158 -51.10 9.19 7.31
N LEU A 2159 -50.10 8.75 6.55
CA LEU A 2159 -50.34 7.97 5.35
C LEU A 2159 -51.06 6.67 5.69
N SER A 2160 -50.60 5.98 6.73
CA SER A 2160 -51.20 4.71 7.10
C SER A 2160 -52.66 4.90 7.53
N THR A 2161 -52.92 5.91 8.37
CA THR A 2161 -54.28 6.10 8.86
C THR A 2161 -55.21 6.57 7.75
N ARG A 2162 -54.73 7.38 6.81
CA ARG A 2162 -55.57 7.77 5.69
C ARG A 2162 -55.84 6.58 4.77
N LEU A 2163 -54.85 5.73 4.56
CA LEU A 2163 -55.05 4.55 3.72
C LEU A 2163 -56.05 3.59 4.34
N LEU A 2164 -55.98 3.41 5.67
CA LEU A 2164 -56.81 2.41 6.32
C LEU A 2164 -58.20 2.94 6.68
N THR A 2165 -58.26 3.97 7.53
CA THR A 2165 -59.55 4.48 7.99
C THR A 2165 -60.31 5.15 6.85
N GLY A 2166 -59.65 6.04 6.13
CA GLY A 2166 -60.29 6.81 5.09
C GLY A 2166 -60.34 8.31 5.35
N ARG A 2167 -59.53 8.84 6.26
CA ARG A 2167 -59.51 10.25 6.56
C ARG A 2167 -58.20 10.59 7.25
N PHE A 2168 -57.57 11.68 6.82
CA PHE A 2168 -56.34 12.14 7.44
C PHE A 2168 -56.61 12.58 8.87
N PRO A 2169 -55.61 12.49 9.76
CA PRO A 2169 -55.78 12.99 11.12
C PRO A 2169 -55.44 14.46 11.31
N ASP A 2170 -55.28 15.22 10.21
CA ASP A 2170 -55.06 16.65 10.28
C ASP A 2170 -55.54 17.23 8.95
N GLU A 2171 -56.63 18.00 8.99
CA GLU A 2171 -57.22 18.51 7.77
C GLU A 2171 -56.29 19.48 7.04
N LYS A 2172 -55.34 20.08 7.74
CA LYS A 2172 -54.37 20.98 7.13
C LYS A 2172 -53.17 20.25 6.55
N PHE A 2173 -53.07 18.93 6.72
CA PHE A 2173 -51.92 18.19 6.23
C PHE A 2173 -51.81 18.26 4.71
N GLU A 2174 -52.93 18.10 4.01
CA GLU A 2174 -52.89 18.12 2.55
C GLU A 2174 -52.43 19.48 2.02
N HIS A 2175 -52.97 20.57 2.58
CA HIS A 2175 -52.58 21.89 2.11
C HIS A 2175 -51.12 22.19 2.44
N ARG A 2176 -50.67 21.80 3.62
CA ARG A 2176 -49.27 22.01 4.00
C ARG A 2176 -48.34 21.23 3.08
N ALA A 2177 -48.72 20.00 2.72
CA ALA A 2177 -47.92 19.22 1.77
C ALA A 2177 -47.93 19.88 0.40
N GLN A 2178 -49.07 20.41 -0.03
CA GLN A 2178 -49.16 21.06 -1.32
C GLN A 2178 -48.25 22.29 -1.39
N THR A 2179 -48.24 23.10 -0.33
CA THR A 2179 -47.36 24.27 -0.32
C THR A 2179 -45.90 23.88 -0.07
N GLY A 2180 -45.64 22.66 0.39
CA GLY A 2180 -44.29 22.14 0.42
C GLY A 2180 -43.59 22.11 1.77
N TYR A 2181 -44.30 21.80 2.83
CA TYR A 2181 -43.67 21.62 4.13
C TYR A 2181 -44.59 20.84 5.06
N VAL A 2182 -44.02 20.34 6.14
CA VAL A 2182 -44.78 19.60 7.15
C VAL A 2182 -44.55 20.25 8.50
N SER A 2183 -45.64 20.57 9.19
CA SER A 2183 -45.58 21.20 10.51
C SER A 2183 -46.15 20.24 11.55
N LEU A 2184 -45.39 20.02 12.62
CA LEU A 2184 -45.81 19.17 13.73
C LEU A 2184 -45.77 19.99 15.01
N ALA A 2185 -46.90 20.07 15.70
CA ALA A 2185 -47.04 20.87 16.90
C ALA A 2185 -47.55 20.01 18.05
N ASP A 2186 -47.64 20.60 19.23
CA ASP A 2186 -48.26 19.92 20.36
C ASP A 2186 -49.78 19.90 20.23
N THR A 2187 -50.36 20.88 19.52
CA THR A 2187 -51.80 20.99 19.43
C THR A 2187 -52.41 19.79 18.72
N ASP A 2188 -51.84 19.39 17.58
CA ASP A 2188 -52.38 18.24 16.85
C ASP A 2188 -52.08 16.93 17.56
N LEU A 2189 -50.98 16.86 18.30
CA LEU A 2189 -50.72 15.68 19.12
C LEU A 2189 -51.77 15.53 20.19
N GLU A 2190 -52.15 16.63 20.85
CA GLU A 2190 -53.24 16.58 21.82
C GLU A 2190 -54.56 16.22 21.15
N SER A 2191 -54.83 16.83 19.99
CA SER A 2191 -56.05 16.52 19.25
C SER A 2191 -56.04 15.12 18.66
N LEU A 2192 -54.87 14.55 18.45
CA LEU A 2192 -54.76 13.17 17.99
C LEU A 2192 -55.36 12.23 19.03
N LYS A 2193 -55.96 11.15 18.54
CA LYS A 2193 -56.51 10.13 19.43
C LYS A 2193 -55.43 9.65 20.39
N LEU A 2194 -55.78 9.56 21.67
CA LEU A 2194 -54.79 9.40 22.72
C LEU A 2194 -53.93 8.16 22.50
N LEU A 2195 -52.68 8.38 22.18
CA LEU A 2195 -51.65 7.35 22.04
C LEU A 2195 -50.42 7.66 22.88
N SER A 2196 -50.01 8.92 22.95
CA SER A 2196 -48.97 9.34 23.88
C SER A 2196 -49.59 9.75 25.21
N LYS A 2197 -48.74 9.93 26.21
CA LYS A 2197 -49.19 10.25 27.55
C LYS A 2197 -48.91 11.71 27.87
N ASN A 2198 -49.33 12.13 29.08
CA ASN A 2198 -49.26 13.52 29.45
C ASN A 2198 -47.83 14.03 29.54
N ILE A 2199 -46.90 13.19 30.02
CA ILE A 2199 -45.51 13.60 30.15
C ILE A 2199 -44.91 13.86 28.78
N ILE A 2200 -45.26 13.05 27.79
CA ILE A 2200 -44.76 13.25 26.43
C ILE A 2200 -45.25 14.59 25.89
N LYS A 2201 -46.52 14.91 26.09
CA LYS A 2201 -47.06 16.19 25.62
C LYS A 2201 -46.40 17.36 26.34
N ASN A 2202 -46.18 17.22 27.66
CA ASN A 2202 -45.52 18.30 28.40
C ASN A 2202 -44.10 18.53 27.90
N TYR A 2203 -43.37 17.45 27.61
CA TYR A 2203 -42.02 17.59 27.06
C TYR A 2203 -42.08 18.20 25.66
N ARG A 2204 -43.11 17.85 24.89
CA ARG A 2204 -43.30 18.45 23.57
C ARG A 2204 -43.59 19.95 23.68
N GLU A 2205 -44.23 20.38 24.77
CA GLU A 2205 -44.52 21.79 24.96
C GLU A 2205 -43.24 22.62 25.07
N CYS A 2206 -42.12 22.01 25.45
CA CYS A 2206 -40.86 22.74 25.47
C CYS A 2206 -40.45 23.17 24.05
N ILE A 2207 -40.68 22.29 23.07
CA ILE A 2207 -40.41 22.65 21.68
C ILE A 2207 -41.59 23.39 21.08
N GLY A 2208 -42.81 22.94 21.37
CA GLY A 2208 -44.01 23.63 20.91
C GLY A 2208 -44.46 23.23 19.53
N SER A 2209 -43.68 23.61 18.51
CA SER A 2209 -44.05 23.33 17.13
C SER A 2209 -42.81 23.48 16.24
N ILE A 2210 -42.70 22.60 15.24
CA ILE A 2210 -41.63 22.64 14.26
C ILE A 2210 -42.22 22.60 12.87
N SER A 2211 -41.50 23.20 11.92
CA SER A 2211 -41.91 23.23 10.53
C SER A 2211 -40.72 22.88 9.66
N TYR A 2212 -40.85 21.80 8.89
CA TYR A 2212 -39.76 21.27 8.08
C TYR A 2212 -40.08 21.51 6.61
N TRP A 2213 -39.11 22.11 5.90
CA TRP A 2213 -39.23 22.48 4.50
C TRP A 2213 -38.60 21.40 3.64
N PHE A 2214 -39.36 20.85 2.70
CA PHE A 2214 -38.81 19.89 1.75
C PHE A 2214 -38.34 20.61 0.49
N LEU A 2215 -37.48 19.92 -0.26
CA LEU A 2215 -37.04 20.41 -1.56
C LEU A 2215 -37.81 19.68 -2.65
N THR A 2216 -37.41 19.90 -3.90
CA THR A 2216 -38.22 19.46 -5.04
C THR A 2216 -38.41 17.95 -5.07
N LYS A 2217 -37.34 17.20 -4.88
CA LYS A 2217 -37.43 15.74 -4.96
C LYS A 2217 -38.30 15.18 -3.83
N GLU A 2218 -38.09 15.65 -2.60
CA GLU A 2218 -38.90 15.17 -1.48
C GLU A 2218 -40.35 15.62 -1.63
N VAL A 2219 -40.58 16.82 -2.16
CA VAL A 2219 -41.95 17.27 -2.39
C VAL A 2219 -42.64 16.37 -3.41
N LYS A 2220 -41.95 16.03 -4.49
CA LYS A 2220 -42.52 15.14 -5.49
C LYS A 2220 -42.83 13.77 -4.90
N ILE A 2221 -41.90 13.22 -4.11
CA ILE A 2221 -42.11 11.89 -3.54
C ILE A 2221 -43.29 11.89 -2.58
N LEU A 2222 -43.35 12.89 -1.70
CA LEU A 2222 -44.45 12.99 -0.75
C LEU A 2222 -45.78 13.20 -1.47
N MET A 2223 -45.77 14.00 -2.53
CA MET A 2223 -47.01 14.29 -3.24
C MET A 2223 -47.52 13.05 -3.95
N LYS A 2224 -46.60 12.26 -4.52
CA LYS A 2224 -46.97 10.98 -5.11
C LYS A 2224 -47.51 10.02 -4.06
N LEU A 2225 -46.90 10.00 -2.88
CA LEU A 2225 -47.39 9.14 -1.81
C LEU A 2225 -48.81 9.50 -1.40
N ILE A 2226 -49.07 10.80 -1.28
CA ILE A 2226 -50.42 11.25 -0.91
C ILE A 2226 -51.42 10.87 -1.99
N GLY A 2227 -51.04 11.06 -3.26
CA GLY A 2227 -51.93 10.65 -4.35
C GLY A 2227 -52.22 9.17 -4.34
N GLY A 2228 -51.20 8.35 -4.08
CA GLY A 2228 -51.41 6.91 -4.02
C GLY A 2228 -52.31 6.51 -2.88
N ALA A 2229 -52.12 7.13 -1.71
CA ALA A 2229 -52.98 6.84 -0.57
C ALA A 2229 -54.43 7.22 -0.88
N LYS A 2230 -54.63 8.37 -1.54
CA LYS A 2230 -55.98 8.80 -1.87
C LYS A 2230 -56.64 7.85 -2.87
N LEU A 2231 -55.92 7.49 -3.94
CA LEU A 2231 -56.53 6.77 -5.05
C LEU A 2231 -56.47 5.25 -4.91
N LEU A 2232 -55.81 4.74 -3.87
CA LEU A 2232 -55.70 3.29 -3.66
C LEU A 2232 -56.25 2.89 -2.30
N GLY A 2233 -57.32 3.53 -1.87
CA GLY A 2233 -57.94 3.22 -0.59
C GLY A 2233 -59.41 3.57 -0.60
N ILE A 2234 -60.08 3.21 0.49
CA ILE A 2234 -61.50 3.48 0.67
C ILE A 2234 -61.69 4.99 0.84
N PRO A 2235 -62.82 5.56 0.41
CA PRO A 2235 -63.09 6.99 0.56
C PRO A 2235 -63.11 7.45 2.02
N ASN B 539 8.31 34.34 22.07
CA ASN B 539 7.65 34.23 20.78
C ASN B 539 8.65 34.31 19.63
N GLU B 540 8.98 33.16 19.05
CA GLU B 540 9.91 33.07 17.94
C GLU B 540 9.40 32.05 16.94
N SER B 541 10.09 31.93 15.83
CA SER B 541 9.70 31.00 14.78
C SER B 541 10.18 29.59 15.10
N ASN B 542 9.49 28.61 14.53
CA ASN B 542 9.86 27.20 14.68
C ASN B 542 9.41 26.46 13.42
N ALA B 543 9.36 25.14 13.49
CA ALA B 543 8.99 24.35 12.32
C ALA B 543 7.52 24.53 11.96
N THR B 544 6.71 25.03 12.88
CA THR B 544 5.27 25.13 12.67
C THR B 544 4.84 26.42 11.99
N ARG B 545 5.62 27.49 12.10
CA ARG B 545 5.18 28.78 11.58
C ARG B 545 6.39 29.64 11.24
N LEU B 546 6.16 30.64 10.39
CA LEU B 546 7.15 31.65 10.05
C LEU B 546 6.62 33.01 10.50
N ILE B 547 7.29 33.62 11.45
CA ILE B 547 6.93 34.95 11.94
C ILE B 547 7.76 35.98 11.16
N PRO B 548 7.15 36.85 10.38
CA PRO B 548 7.92 37.85 9.63
C PRO B 548 8.63 38.82 10.56
N LYS B 549 9.95 38.91 10.41
CA LYS B 549 10.77 39.79 11.23
C LYS B 549 11.76 40.49 10.31
N LYS B 550 12.71 41.21 10.92
CA LYS B 550 13.68 42.01 10.17
C LYS B 550 15.06 41.35 10.07
N VAL B 551 15.22 40.13 10.60
CA VAL B 551 16.52 39.47 10.50
C VAL B 551 16.77 39.03 9.07
N SER B 552 18.06 38.86 8.74
CA SER B 552 18.46 38.60 7.37
C SER B 552 17.89 37.29 6.84
N SER B 553 17.91 36.24 7.68
CA SER B 553 17.41 34.94 7.24
C SER B 553 15.92 35.00 6.92
N THR B 554 15.14 35.68 7.77
CA THR B 554 13.71 35.79 7.52
C THR B 554 13.44 36.59 6.25
N MET B 555 14.19 37.68 6.04
CA MET B 555 14.02 38.46 4.82
C MET B 555 14.34 37.64 3.57
N ARG B 556 15.42 36.85 3.63
CA ARG B 556 15.77 36.00 2.50
C ARG B 556 14.68 34.96 2.25
N SER B 557 14.15 34.36 3.32
CA SER B 557 13.09 33.37 3.16
C SER B 557 11.84 34.00 2.55
N LEU B 558 11.49 35.21 2.99
CA LEU B 558 10.32 35.89 2.43
C LEU B 558 10.53 36.24 0.96
N VAL B 559 11.73 36.69 0.60
CA VAL B 559 12.02 36.98 -0.81
C VAL B 559 11.91 35.70 -1.63
N ALA B 560 12.42 34.58 -1.11
CA ALA B 560 12.35 33.32 -1.83
C ALA B 560 10.91 32.86 -2.00
N VAL B 561 10.08 32.99 -0.96
CA VAL B 561 8.71 32.52 -1.07
C VAL B 561 7.89 33.43 -1.98
N ILE B 562 8.23 34.72 -2.03
CA ILE B 562 7.56 35.61 -2.97
C ILE B 562 7.97 35.27 -4.41
N SER B 563 9.26 34.99 -4.62
CA SER B 563 9.73 34.68 -5.96
C SER B 563 9.16 33.36 -6.48
N ASN B 564 8.91 32.40 -5.60
CA ASN B 564 8.38 31.11 -6.00
C ASN B 564 6.86 31.10 -6.12
N SER B 565 6.19 32.22 -5.83
CA SER B 565 4.74 32.28 -5.91
C SER B 565 4.28 32.20 -7.37
N ASN B 566 2.96 32.08 -7.54
CA ASN B 566 2.36 31.93 -8.86
C ASN B 566 1.63 33.20 -9.30
N LEU B 567 2.17 34.37 -8.93
CA LEU B 567 1.60 35.64 -9.35
C LEU B 567 2.26 36.09 -10.66
N SER B 568 2.01 37.33 -11.06
CA SER B 568 2.67 37.90 -12.21
C SER B 568 4.07 38.39 -11.83
N GLN B 569 4.94 38.50 -12.84
CA GLN B 569 6.31 38.91 -12.59
C GLN B 569 6.38 40.31 -12.01
N SER B 570 5.56 41.23 -12.55
CA SER B 570 5.57 42.59 -12.04
C SER B 570 5.12 42.66 -10.59
N THR B 571 4.10 41.86 -10.23
CA THR B 571 3.64 41.85 -8.84
C THR B 571 4.72 41.34 -7.91
N LYS B 572 5.41 40.26 -8.28
CA LYS B 572 6.50 39.75 -7.45
C LYS B 572 7.62 40.77 -7.31
N GLN B 573 7.99 41.44 -8.42
CA GLN B 573 9.03 42.45 -8.34
C GLN B 573 8.64 43.60 -7.44
N SER B 574 7.39 44.08 -7.57
CA SER B 574 6.93 45.18 -6.73
C SER B 574 6.92 44.79 -5.26
N TYR B 575 6.49 43.56 -4.96
CA TYR B 575 6.54 43.08 -3.59
C TYR B 575 7.97 43.04 -3.07
N ILE B 576 8.92 42.61 -3.91
CA ILE B 576 10.31 42.55 -3.48
C ILE B 576 10.86 43.93 -3.17
N ASN B 577 10.59 44.91 -4.05
CA ASN B 577 11.08 46.26 -3.77
C ASN B 577 10.41 46.86 -2.53
N GLU B 578 9.11 46.60 -2.35
CA GLU B 578 8.45 47.11 -1.16
C GLU B 578 8.97 46.44 0.11
N LEU B 579 9.38 45.17 0.02
CA LEU B 579 9.93 44.48 1.18
C LEU B 579 11.35 44.94 1.49
N LYS B 580 12.11 45.33 0.47
CA LYS B 580 13.49 45.77 0.70
C LYS B 580 13.56 47.05 1.53
N HIS B 581 12.50 47.85 1.54
CA HIS B 581 12.43 49.07 2.34
C HIS B 581 11.37 48.87 3.43
N CYS B 582 11.81 48.41 4.60
CA CYS B 582 10.92 48.18 5.73
C CYS B 582 11.51 48.83 6.98
N LYS B 583 10.68 49.59 7.69
CA LYS B 583 11.16 50.28 8.89
C LYS B 583 11.35 49.31 10.05
N ASN B 584 10.40 48.38 10.22
CA ASN B 584 10.45 47.46 11.35
C ASN B 584 9.63 46.22 10.99
N ASP B 585 9.34 45.39 11.99
CA ASP B 585 8.62 44.15 11.75
C ASP B 585 7.16 44.39 11.36
N GLU B 586 6.58 45.52 11.78
CA GLU B 586 5.18 45.78 11.49
C GLU B 586 4.93 45.92 10.00
N GLU B 587 5.80 46.67 9.30
CA GLU B 587 5.64 46.82 7.86
C GLU B 587 5.82 45.48 7.15
N VAL B 588 6.76 44.66 7.62
CA VAL B 588 6.96 43.34 7.03
C VAL B 588 5.71 42.48 7.21
N SER B 589 5.11 42.53 8.40
CA SER B 589 3.90 41.76 8.65
C SER B 589 2.75 42.24 7.76
N GLU B 590 2.61 43.57 7.60
CA GLU B 590 1.56 44.09 6.74
C GLU B 590 1.76 43.66 5.29
N LEU B 591 3.01 43.72 4.80
CA LEU B 591 3.29 43.29 3.44
C LEU B 591 3.01 41.80 3.27
N MET B 592 3.36 41.00 4.28
CA MET B 592 3.08 39.56 4.20
C MET B 592 1.58 39.30 4.18
N ASP B 593 0.81 40.05 4.97
CA ASP B 593 -0.64 39.88 4.95
C ASP B 593 -1.22 40.24 3.58
N MET B 594 -0.74 41.34 2.99
CA MET B 594 -1.21 41.72 1.66
C MET B 594 -0.85 40.66 0.63
N PHE B 595 0.37 40.14 0.69
CA PHE B 595 0.79 39.10 -0.26
C PHE B 595 -0.04 37.83 -0.09
N ASN B 596 -0.34 37.46 1.16
CA ASN B 596 -1.16 36.28 1.40
C ASN B 596 -2.57 36.48 0.85
N GLU B 597 -3.13 37.68 1.04
CA GLU B 597 -4.45 37.96 0.48
C GLU B 597 -4.43 37.88 -1.04
N ASP B 598 -3.38 38.42 -1.67
CA ASP B 598 -3.27 38.35 -3.12
C ASP B 598 -3.15 36.90 -3.60
N VAL B 599 -2.37 36.08 -2.87
CA VAL B 599 -2.23 34.68 -3.24
C VAL B 599 -3.57 33.96 -3.11
N ASN B 600 -4.31 34.23 -2.03
CA ASN B 600 -5.63 33.61 -1.86
C ASN B 600 -6.59 34.02 -2.97
N ASN B 601 -6.56 35.30 -3.35
CA ASN B 601 -7.44 35.79 -4.41
C ASN B 601 -6.95 35.42 -5.80
N CYS B 602 -5.73 34.88 -5.94
CA CYS B 602 -5.22 34.52 -7.25
C CYS B 602 -6.06 33.43 -7.91
N GLN B 603 -6.48 32.45 -7.13
CA GLN B 603 -7.31 31.38 -7.67
C GLN B 603 -8.68 31.89 -8.10
N ASP C 435 -29.89 -3.59 58.98
CA ASP C 435 -29.13 -2.71 59.85
C ASP C 435 -27.75 -3.29 60.14
N LEU C 436 -27.71 -4.27 61.04
CA LEU C 436 -26.45 -4.91 61.38
C LEU C 436 -25.86 -5.63 60.17
N LYS C 437 -26.71 -6.34 59.41
CA LYS C 437 -26.22 -7.00 58.20
C LYS C 437 -25.71 -5.99 57.19
N LYS C 438 -26.43 -4.87 57.03
CA LYS C 438 -26.00 -3.85 56.08
C LYS C 438 -24.66 -3.25 56.47
N MET C 439 -24.47 -2.93 57.75
CA MET C 439 -23.20 -2.36 58.19
C MET C 439 -22.08 -3.38 58.07
N ASP C 440 -22.36 -4.65 58.35
CA ASP C 440 -21.36 -5.69 58.14
C ASP C 440 -20.96 -5.79 56.68
N GLU C 441 -21.94 -5.72 55.78
CA GLU C 441 -21.63 -5.79 54.35
C GLU C 441 -20.80 -4.61 53.90
N SER C 442 -21.12 -3.41 54.38
CA SER C 442 -20.34 -2.23 54.02
C SER C 442 -18.91 -2.34 54.55
N HIS C 443 -18.76 -2.78 55.80
CA HIS C 443 -17.43 -2.92 56.37
C HIS C 443 -16.62 -3.96 55.62
N ARG C 444 -17.26 -5.04 55.19
CA ARG C 444 -16.56 -6.03 54.36
C ARG C 444 -16.17 -5.43 53.02
N ARG C 445 -17.07 -4.65 52.40
CA ARG C 445 -16.80 -4.09 51.08
C ARG C 445 -15.64 -3.11 51.11
N LEU C 446 -15.45 -2.39 52.21
CA LEU C 446 -14.30 -1.50 52.31
C LEU C 446 -12.98 -2.25 52.19
N ILE C 447 -12.95 -3.49 52.67
CA ILE C 447 -11.70 -4.27 52.67
C ILE C 447 -11.27 -4.62 51.24
N GLU C 448 -12.23 -4.88 50.35
CA GLU C 448 -11.86 -5.16 48.97
C GLU C 448 -11.21 -3.95 48.31
N ASN C 449 -11.74 -2.75 48.57
CA ASN C 449 -11.11 -1.55 48.04
C ASN C 449 -9.71 -1.37 48.61
N GLN C 450 -9.54 -1.62 49.91
CA GLN C 450 -8.22 -1.48 50.51
C GLN C 450 -7.22 -2.47 49.92
N ARG C 451 -7.65 -3.72 49.72
CA ARG C 451 -6.74 -4.72 49.15
C ARG C 451 -6.45 -4.44 47.69
N GLU C 452 -7.40 -3.86 46.95
CA GLU C 452 -7.09 -3.44 45.58
C GLU C 452 -6.05 -2.33 45.57
N GLN C 453 -6.16 -1.38 46.51
CA GLN C 453 -5.13 -0.35 46.62
C GLN C 453 -3.77 -0.96 46.93
N LEU C 454 -3.74 -1.93 47.85
CA LEU C 454 -2.48 -2.59 48.19
C LEU C 454 -1.89 -3.32 46.98
N SER C 455 -2.74 -4.00 46.21
CA SER C 455 -2.26 -4.69 45.02
C SER C 455 -1.69 -3.71 44.01
N LEU C 456 -2.35 -2.56 43.84
CA LEU C 456 -1.82 -1.54 42.93
C LEU C 456 -0.46 -1.05 43.38
N ILE C 457 -0.30 -0.80 44.70
CA ILE C 457 1.00 -0.35 45.21
C ILE C 457 2.06 -1.40 44.97
N THR C 458 1.73 -2.68 45.22
CA THR C 458 2.69 -3.75 45.00
C THR C 458 3.10 -3.83 43.53
N SER C 459 2.14 -3.69 42.62
CA SER C 459 2.47 -3.75 41.19
C SER C 459 3.34 -2.56 40.77
N LEU C 460 3.06 -1.38 41.32
CA LEU C 460 3.90 -0.22 41.01
C LEU C 460 5.32 -0.44 41.48
N ILE C 461 5.50 -0.96 42.70
CA ILE C 461 6.83 -1.22 43.21
C ILE C 461 7.53 -2.28 42.37
N SER C 462 6.80 -3.30 41.94
CA SER C 462 7.40 -4.34 41.10
C SER C 462 7.87 -3.77 39.76
N ASN C 463 7.05 -2.91 39.13
CA ASN C 463 7.47 -2.30 37.87
C ASN C 463 8.70 -1.41 38.07
N LEU C 464 8.73 -0.65 39.16
CA LEU C 464 9.91 0.17 39.45
C LEU C 464 11.14 -0.70 39.61
N LYS C 465 11.02 -1.83 40.32
CA LYS C 465 12.14 -2.74 40.49
C LYS C 465 12.60 -3.31 39.15
N ILE C 466 11.66 -3.68 38.30
CA ILE C 466 12.02 -4.24 36.99
C ILE C 466 12.77 -3.21 36.15
N MET C 467 12.28 -1.98 36.12
CA MET C 467 12.90 -0.98 35.26
C MET C 467 14.15 -0.34 35.86
N THR C 468 14.39 -0.52 37.15
CA THR C 468 15.57 0.07 37.79
C THR C 468 16.70 -0.94 38.02
N GLU C 469 16.38 -2.10 38.57
CA GLU C 469 17.41 -3.07 38.93
C GLU C 469 18.01 -3.71 37.69
N ARG C 470 19.34 -3.84 37.68
CA ARG C 470 20.04 -4.45 36.57
C ARG C 470 19.95 -5.97 36.67
N GLY C 471 20.72 -6.67 35.85
CA GLY C 471 20.73 -8.12 35.85
C GLY C 471 21.33 -8.72 37.11
N ASP D 435 -24.44 2.93 70.62
CA ASP D 435 -23.38 1.93 70.71
C ASP D 435 -22.99 1.42 69.33
N LEU D 436 -23.93 0.73 68.67
CA LEU D 436 -23.66 0.20 67.34
C LEU D 436 -23.37 1.31 66.35
N LYS D 437 -24.17 2.38 66.38
CA LYS D 437 -23.95 3.49 65.46
C LYS D 437 -22.63 4.20 65.75
N LYS D 438 -22.31 4.37 67.03
CA LYS D 438 -21.04 5.03 67.40
C LYS D 438 -19.85 4.20 66.92
N MET D 439 -19.88 2.89 67.15
CA MET D 439 -18.76 2.06 66.72
C MET D 439 -18.68 1.99 65.20
N ASP D 440 -19.82 1.97 64.52
CA ASP D 440 -19.81 2.00 63.06
C ASP D 440 -19.19 3.29 62.55
N GLU D 441 -19.55 4.43 63.14
CA GLU D 441 -18.97 5.70 62.71
C GLU D 441 -17.46 5.72 62.96
N SER D 442 -17.03 5.24 64.13
CA SER D 442 -15.60 5.23 64.42
C SER D 442 -14.84 4.34 63.44
N HIS D 443 -15.37 3.13 63.17
CA HIS D 443 -14.69 2.23 62.25
C HIS D 443 -14.64 2.81 60.86
N ARG D 444 -15.73 3.46 60.42
CA ARG D 444 -15.73 4.11 59.11
C ARG D 444 -14.68 5.21 59.06
N ARG D 445 -14.55 6.00 60.14
CA ARG D 445 -13.56 7.07 60.16
C ARG D 445 -12.14 6.53 60.05
N LEU D 446 -11.81 5.50 60.84
CA LEU D 446 -10.46 4.92 60.76
C LEU D 446 -10.20 4.28 59.40
N ILE D 447 -11.19 3.60 58.82
CA ILE D 447 -11.00 3.00 57.51
C ILE D 447 -10.78 4.10 56.46
N GLU D 448 -11.52 5.20 56.57
CA GLU D 448 -11.33 6.31 55.65
C GLU D 448 -9.92 6.91 55.80
N ASN D 449 -9.44 7.01 57.03
CA ASN D 449 -8.09 7.52 57.25
C ASN D 449 -7.04 6.60 56.61
N GLN D 450 -7.21 5.28 56.78
CA GLN D 450 -6.28 4.34 56.16
C GLN D 450 -6.32 4.44 54.63
N ARG D 451 -7.53 4.57 54.07
CA ARG D 451 -7.65 4.71 52.63
C ARG D 451 -6.99 6.00 52.15
N GLU D 452 -7.14 7.09 52.91
CA GLU D 452 -6.48 8.34 52.54
C GLU D 452 -4.97 8.20 52.56
N GLN D 453 -4.43 7.52 53.57
CA GLN D 453 -2.98 7.30 53.62
C GLN D 453 -2.51 6.45 52.44
N LEU D 454 -3.26 5.40 52.10
CA LEU D 454 -2.88 4.56 50.97
C LEU D 454 -2.93 5.35 49.66
N SER D 455 -3.95 6.19 49.50
CA SER D 455 -4.05 7.02 48.29
C SER D 455 -2.89 8.02 48.22
N LEU D 456 -2.51 8.59 49.37
CA LEU D 456 -1.36 9.49 49.38
C LEU D 456 -0.09 8.76 48.95
N ILE D 457 0.11 7.55 49.46
CA ILE D 457 1.31 6.78 49.10
C ILE D 457 1.30 6.48 47.61
N THR D 458 0.15 6.05 47.07
CA THR D 458 0.07 5.73 45.65
C THR D 458 0.32 6.94 44.78
N SER D 459 -0.28 8.08 45.14
CA SER D 459 -0.10 9.30 44.36
C SER D 459 1.35 9.76 44.39
N LEU D 460 2.00 9.67 45.54
CA LEU D 460 3.39 10.10 45.64
C LEU D 460 4.31 9.14 44.89
N ILE D 461 3.97 7.85 44.84
CA ILE D 461 4.76 6.90 44.07
C ILE D 461 4.63 7.16 42.58
N SER D 462 3.41 7.42 42.11
CA SER D 462 3.17 7.51 40.67
C SER D 462 3.95 8.66 40.04
N ASN D 463 3.98 9.82 40.71
CA ASN D 463 4.65 11.00 40.17
C ASN D 463 6.11 10.97 40.59
N LEU D 464 6.89 10.17 39.88
CA LEU D 464 8.31 9.98 40.16
C LEU D 464 9.15 10.36 38.96
N LYS D 465 10.22 11.11 39.20
CA LYS D 465 11.22 11.43 38.19
C LYS D 465 12.43 10.53 38.41
N ILE D 466 12.77 9.73 37.40
CA ILE D 466 13.90 8.82 37.49
C ILE D 466 15.11 9.50 36.85
N MET D 467 16.16 9.70 37.63
CA MET D 467 17.37 10.38 37.16
C MET D 467 18.48 9.35 37.06
N THR D 468 18.80 8.94 35.83
CA THR D 468 19.87 7.99 35.62
C THR D 468 21.23 8.64 35.87
N GLU D 469 22.23 7.80 36.12
CA GLU D 469 23.58 8.28 36.38
C GLU D 469 24.37 8.40 35.08
N ARG D 470 25.50 9.10 35.16
CA ARG D 470 26.33 9.37 34.00
C ARG D 470 27.49 8.38 33.93
N GLY D 471 27.93 8.10 32.72
CA GLY D 471 29.04 7.21 32.47
C GLY D 471 30.37 7.94 32.54
N GLY D 472 31.40 7.30 31.99
CA GLY D 472 32.73 7.84 31.98
C GLY D 472 33.67 7.06 32.88
N LYS D 473 34.93 7.48 32.87
CA LYS D 473 35.94 6.83 33.70
C LYS D 473 35.65 7.06 35.17
N LYS D 474 35.79 6.01 35.98
CA LYS D 474 35.48 6.10 37.40
C LYS D 474 36.43 7.05 38.11
N ASP D 475 37.72 7.00 37.78
CA ASP D 475 38.74 7.81 38.42
C ASP D 475 38.74 7.63 39.94
N ASP E 435 -18.45 -8.38 75.44
CA ASP E 435 -18.64 -9.00 74.13
C ASP E 435 -18.37 -7.98 73.03
N LEU E 436 -19.31 -7.05 72.85
CA LEU E 436 -19.13 -5.99 71.86
C LEU E 436 -17.98 -5.06 72.22
N LYS E 437 -17.74 -4.86 73.52
CA LYS E 437 -16.60 -4.05 73.94
C LYS E 437 -15.29 -4.68 73.51
N LYS E 438 -15.16 -6.00 73.65
CA LYS E 438 -13.97 -6.69 73.17
C LYS E 438 -13.83 -6.57 71.66
N MET E 439 -14.94 -6.74 70.94
CA MET E 439 -14.98 -6.44 69.50
C MET E 439 -14.31 -5.10 69.19
N ASP E 440 -14.87 -4.03 69.77
CA ASP E 440 -14.41 -2.69 69.45
C ASP E 440 -12.95 -2.48 69.84
N GLU E 441 -12.56 -2.96 71.02
CA GLU E 441 -11.19 -2.74 71.50
C GLU E 441 -10.18 -3.48 70.63
N SER E 442 -10.44 -4.75 70.30
CA SER E 442 -9.52 -5.49 69.47
C SER E 442 -9.43 -4.89 68.08
N HIS E 443 -10.56 -4.51 67.49
CA HIS E 443 -10.54 -3.91 66.16
C HIS E 443 -9.78 -2.59 66.17
N ARG E 444 -9.99 -1.77 67.21
CA ARG E 444 -9.29 -0.50 67.30
C ARG E 444 -7.79 -0.70 67.43
N ARG E 445 -7.37 -1.66 68.27
CA ARG E 445 -5.95 -1.95 68.41
C ARG E 445 -5.33 -2.41 67.09
N LEU E 446 -6.02 -3.31 66.38
CA LEU E 446 -5.50 -3.79 65.12
C LEU E 446 -5.38 -2.67 64.09
N ILE E 447 -6.39 -1.81 64.01
CA ILE E 447 -6.37 -0.72 63.05
C ILE E 447 -5.28 0.30 63.40
N GLU E 448 -5.08 0.55 64.70
CA GLU E 448 -4.01 1.45 65.11
C GLU E 448 -2.63 0.89 64.75
N ASN E 449 -2.44 -0.42 64.94
CA ASN E 449 -1.19 -1.03 64.53
C ASN E 449 -0.98 -0.90 63.02
N GLN E 450 -2.04 -1.15 62.24
CA GLN E 450 -1.92 -1.02 60.79
C GLN E 450 -1.64 0.43 60.38
N ARG E 451 -2.21 1.40 61.10
CA ARG E 451 -1.93 2.80 60.82
C ARG E 451 -0.48 3.15 61.10
N GLU E 452 0.08 2.65 62.20
CA GLU E 452 1.49 2.88 62.48
C GLU E 452 2.37 2.26 61.40
N GLN E 453 2.02 1.06 60.95
CA GLN E 453 2.77 0.43 59.88
C GLN E 453 2.66 1.24 58.59
N LEU E 454 1.48 1.81 58.32
CA LEU E 454 1.31 2.67 57.16
C LEU E 454 2.19 3.91 57.25
N SER E 455 2.30 4.49 58.44
CA SER E 455 3.19 5.64 58.62
C SER E 455 4.64 5.27 58.35
N LEU E 456 5.06 4.11 58.84
CA LEU E 456 6.43 3.65 58.57
C LEU E 456 6.65 3.46 57.07
N ILE E 457 5.66 2.86 56.38
CA ILE E 457 5.78 2.67 54.93
C ILE E 457 5.86 4.01 54.22
N THR E 458 5.08 4.99 54.68
CA THR E 458 5.13 6.32 54.07
C THR E 458 6.50 6.95 54.23
N SER E 459 7.10 6.80 55.41
CA SER E 459 8.46 7.30 55.61
C SER E 459 9.44 6.61 54.67
N LEU E 460 9.32 5.29 54.51
CA LEU E 460 10.18 4.56 53.59
C LEU E 460 10.00 5.06 52.16
N ILE E 461 8.76 5.30 51.75
CA ILE E 461 8.48 5.77 50.39
C ILE E 461 9.09 7.15 50.18
N SER E 462 8.98 8.04 51.17
CA SER E 462 9.57 9.35 51.06
C SER E 462 11.09 9.27 50.94
N ASN E 463 11.71 8.39 51.73
CA ASN E 463 13.15 8.21 51.63
C ASN E 463 13.55 7.69 50.24
N LEU E 464 12.78 6.73 49.71
CA LEU E 464 13.07 6.23 48.37
C LEU E 464 12.93 7.32 47.32
N LYS E 465 11.90 8.16 47.45
CA LYS E 465 11.71 9.25 46.49
C LYS E 465 12.87 10.23 46.54
N ILE E 466 13.28 10.64 47.74
CA ILE E 466 14.35 11.62 47.84
C ILE E 466 15.69 11.03 47.40
N MET E 467 15.86 9.71 47.53
CA MET E 467 17.10 9.09 47.07
C MET E 467 17.10 8.74 45.59
N THR E 468 15.93 8.68 44.94
CA THR E 468 15.89 8.34 43.52
C THR E 468 15.70 9.56 42.61
N GLU E 469 15.15 10.66 43.13
CA GLU E 469 14.93 11.82 42.27
C GLU E 469 16.25 12.49 41.89
N ARG E 470 17.20 12.53 42.82
CA ARG E 470 18.49 13.17 42.57
C ARG E 470 19.65 12.17 42.63
N GLY E 471 19.35 10.87 42.52
CA GLY E 471 20.41 9.88 42.60
C GLY E 471 21.41 9.98 41.48
N GLY E 472 20.94 10.25 40.26
CA GLY E 472 21.80 10.36 39.11
C GLY E 472 22.72 11.57 39.15
N ALA F 434 -23.74 -16.07 67.94
CA ALA F 434 -23.96 -16.69 66.64
C ALA F 434 -23.43 -15.82 65.52
N ASP F 435 -24.24 -14.85 65.09
CA ASP F 435 -23.83 -13.93 64.03
C ASP F 435 -22.64 -13.07 64.48
N LEU F 436 -22.65 -12.63 65.74
CA LEU F 436 -21.58 -11.77 66.22
C LEU F 436 -20.24 -12.49 66.21
N LYS F 437 -20.22 -13.77 66.60
CA LYS F 437 -18.97 -14.52 66.58
C LYS F 437 -18.43 -14.69 65.17
N LYS F 438 -19.33 -14.96 64.21
CA LYS F 438 -18.91 -15.08 62.82
C LYS F 438 -18.36 -13.76 62.30
N MET F 439 -19.02 -12.65 62.65
CA MET F 439 -18.51 -11.33 62.27
C MET F 439 -17.13 -11.09 62.85
N ASP F 440 -16.93 -11.44 64.12
CA ASP F 440 -15.64 -11.24 64.76
C ASP F 440 -14.56 -12.05 64.06
N GLU F 441 -14.84 -13.32 63.79
CA GLU F 441 -13.84 -14.18 63.15
C GLU F 441 -13.49 -13.67 61.75
N SER F 442 -14.51 -13.33 60.96
CA SER F 442 -14.25 -12.86 59.60
C SER F 442 -13.50 -11.54 59.59
N HIS F 443 -13.91 -10.59 60.44
CA HIS F 443 -13.22 -9.30 60.48
C HIS F 443 -11.77 -9.47 60.93
N ARG F 444 -11.53 -10.31 61.93
CA ARG F 444 -10.16 -10.54 62.37
C ARG F 444 -9.33 -11.18 61.27
N ARG F 445 -9.91 -12.14 60.54
CA ARG F 445 -9.18 -12.79 59.46
C ARG F 445 -8.81 -11.79 58.36
N LEU F 446 -9.75 -10.95 57.96
CA LEU F 446 -9.47 -9.96 56.92
C LEU F 446 -8.43 -8.94 57.39
N ILE F 447 -8.52 -8.50 58.65
CA ILE F 447 -7.55 -7.54 59.17
C ILE F 447 -6.16 -8.16 59.20
N GLU F 448 -6.07 -9.42 59.62
CA GLU F 448 -4.77 -10.10 59.64
C GLU F 448 -4.22 -10.27 58.24
N ASN F 449 -5.09 -10.57 57.26
CA ASN F 449 -4.63 -10.68 55.88
C ASN F 449 -4.08 -9.34 55.38
N GLN F 450 -4.78 -8.24 55.69
CA GLN F 450 -4.29 -6.93 55.28
C GLN F 450 -2.97 -6.59 55.95
N ARG F 451 -2.83 -6.94 57.24
CA ARG F 451 -1.56 -6.72 57.93
C ARG F 451 -0.43 -7.52 57.31
N GLU F 452 -0.71 -8.77 56.93
CA GLU F 452 0.29 -9.59 56.26
C GLU F 452 0.70 -8.97 54.92
N GLN F 453 -0.28 -8.48 54.16
CA GLN F 453 0.04 -7.81 52.89
C GLN F 453 0.90 -6.57 53.12
N LEU F 454 0.58 -5.79 54.14
CA LEU F 454 1.38 -4.60 54.44
C LEU F 454 2.80 -4.97 54.83
N SER F 455 2.96 -6.03 55.63
CA SER F 455 4.29 -6.48 56.00
C SER F 455 5.07 -6.97 54.78
N LEU F 456 4.39 -7.67 53.87
CA LEU F 456 5.05 -8.11 52.64
C LEU F 456 5.49 -6.92 51.80
N ILE F 457 4.66 -5.88 51.74
CA ILE F 457 5.03 -4.68 50.99
C ILE F 457 6.25 -4.01 51.62
N THR F 458 6.28 -3.92 52.96
CA THR F 458 7.42 -3.34 53.64
C THR F 458 8.70 -4.14 53.38
N SER F 459 8.60 -5.46 53.42
CA SER F 459 9.76 -6.30 53.13
C SER F 459 10.23 -6.11 51.69
N LEU F 460 9.27 -6.00 50.75
CA LEU F 460 9.64 -5.85 49.35
C LEU F 460 10.32 -4.52 49.08
N ILE F 461 9.83 -3.44 49.70
CA ILE F 461 10.49 -2.15 49.50
C ILE F 461 11.84 -2.12 50.22
N SER F 462 11.96 -2.82 51.35
CA SER F 462 13.22 -2.82 52.09
C SER F 462 14.34 -3.53 51.33
N ASN F 463 14.03 -4.26 50.27
CA ASN F 463 15.04 -4.99 49.50
C ASN F 463 15.50 -4.23 48.26
N LEU F 464 15.05 -3.00 48.06
CA LEU F 464 15.51 -2.21 46.92
C LEU F 464 16.98 -1.88 47.08
N LYS F 465 17.73 -1.99 45.96
CA LYS F 465 19.17 -1.75 46.02
C LYS F 465 19.48 -0.30 46.35
N ILE F 466 18.59 0.63 46.00
CA ILE F 466 18.80 2.02 46.36
C ILE F 466 18.80 2.18 47.88
N MET F 467 17.86 1.52 48.55
CA MET F 467 17.77 1.59 50.00
C MET F 467 18.90 0.78 50.66
MG MG G . 19.29 9.85 13.72
ZN ZN H . -11.68 -2.99 -28.20
ZN ZN I . 2.51 -15.19 -30.70
#